data_7HNC
# 
_entry.id   7HNC 
# 
_audit_conform.dict_name       mmcif_pdbx.dic 
_audit_conform.dict_version    5.399 
_audit_conform.dict_location   http://mmcif.pdb.org/dictionaries/ascii/mmcif_pdbx.dic 
# 
loop_
_database_2.database_id 
_database_2.database_code 
_database_2.pdbx_database_accession 
_database_2.pdbx_DOI 
PDB   7HNC         pdb_00007hnc 10.2210/pdb7hnc/pdb 
WWPDB D_1001407690 ?            ?                   
# 
_pdbx_audit_revision_history.ordinal             1 
_pdbx_audit_revision_history.data_content_type   'Structure model' 
_pdbx_audit_revision_history.major_revision      1 
_pdbx_audit_revision_history.minor_revision      0 
_pdbx_audit_revision_history.revision_date       2024-11-27 
# 
_pdbx_audit_revision_details.ordinal             1 
_pdbx_audit_revision_details.revision_ordinal    1 
_pdbx_audit_revision_details.data_content_type   'Structure model' 
_pdbx_audit_revision_details.provider            repository 
_pdbx_audit_revision_details.type                'Initial release' 
_pdbx_audit_revision_details.description         ? 
_pdbx_audit_revision_details.details             ? 
# 
_pdbx_database_status.entry_id                        7HNC 
_pdbx_database_status.status_code                     REL 
_pdbx_database_status.status_code_sf                  REL 
_pdbx_database_status.status_code_mr                  ? 
_pdbx_database_status.status_code_cs                  ? 
_pdbx_database_status.recvd_initial_deposition_date   2024-11-04 
_pdbx_database_status.status_code_nmr_data            ? 
_pdbx_database_status.deposit_site                    RCSB 
_pdbx_database_status.process_site                    RCSB 
_pdbx_database_status.SG_entry                        ? 
_pdbx_database_status.pdb_format_compatible           Y 
_pdbx_database_status.methods_development_category    ? 
# 
_pdbx_contact_author.id                 1 
_pdbx_contact_author.email              knapp@pharmchem.uni-frankfurt.de 
_pdbx_contact_author.name_first         Stefan 
_pdbx_contact_author.name_last          Knapp 
_pdbx_contact_author.role               'principal investigator/group leader' 
_pdbx_contact_author.identifier_ORCID   0000-0001-5995-6494 
_pdbx_contact_author.name_mi            ? 
# 
loop_
_audit_author.name 
_audit_author.pdbx_ordinal 
'Kim, Y.'                              1 
'Marples, P.'                          2 
'Fearon, D.'                           3 
'von Delft, F.'                        4 
'Knapp, S.'                            5 
'Kraemer, A.'                          6 
'Structural Genomics Consortium (SGC)' 7 
# 
_citation.id                        primary 
_citation.title                     'PanDDA analysis group deposition' 
_citation.journal_abbrev            'To Be Published' 
_citation.journal_volume            ? 
_citation.page_first                ? 
_citation.page_last                 ? 
_citation.year                      ? 
_citation.journal_id_ASTM           ? 
_citation.country                   ? 
_citation.journal_id_ISSN           ? 
_citation.journal_id_CSD            0353 
_citation.book_publisher            ? 
_citation.pdbx_database_id_PubMed   ? 
_citation.pdbx_database_id_DOI      ? 
# 
loop_
_citation_author.citation_id 
_citation_author.name 
_citation_author.identifier_ORCID 
_citation_author.ordinal 
primary 'Kim, Y.'                              ? 1 
primary 'Marples, P.'                          ? 2 
primary 'Fearon, D.'                           ? 3 
primary 'von Delft, F.'                        ? 4 
primary 'Knapp, S.'                            ? 5 
primary 'Kraemer, A.'                          ? 6 
primary 'Structural Genomics Consortium (SGC)' ? 7 
# 
loop_
_entity.id 
_entity.type 
_entity.src_method 
_entity.pdbx_description 
_entity.formula_weight 
_entity.pdbx_number_of_molecules 
_entity.pdbx_ec 
_entity.pdbx_mutation 
_entity.pdbx_fragment 
_entity.details 
1 polymer     man 'E3 ubiquitin-protein ligase TRIM21'                    21596.361 1   2.3.2.27 ? ? ? 
2 non-polymer syn 'N-[(1S)-1-(pyridin-3-yl)ethyl]cyclopropanecarboxamide' 190.242   1   ?        ? ? ? 
3 non-polymer syn 1,2-ETHANEDIOL                                          62.068    1   ?        ? ? ? 
4 non-polymer syn 'SULFATE ION'                                           96.063    1   ?        ? ? ? 
5 water       nat water                                                   18.015    141 ?        ? ? ? 
# 
_entity_name_com.entity_id   1 
_entity_name_com.name        
;52 kDa Ro protein,52 kDa ribonucleoprotein autoantigen Ro/SS-A,Ro(SS-A),Sjoegren syndrome type A antigen,SS-A,Tripartite motif-containing protein 21
;
# 
_entity_poly.entity_id                      1 
_entity_poly.type                           'polypeptide(L)' 
_entity_poly.nstd_linkage                   no 
_entity_poly.nstd_monomer                   no 
_entity_poly.pdbx_seq_one_letter_code       
;MHHHHHHMVHITLDRNTANSWLIISKDRRQVRMGDTHQNVSDNKERFSNYPMVLGAQRFSSGKMYWEVDVTQKEAWDLGV
CRDSVQRKGQFSLSPENGFWTIWLWQDSYEAGTSPQTTLHIQVPPCQIGIFVDYEAGVVSFYNITDHGSLIYTFSECVFA
GPLRPFFNVGFNYSGGNAAPLKLCPLKM
;
_entity_poly.pdbx_seq_one_letter_code_can   
;MHHHHHHMVHITLDRNTANSWLIISKDRRQVRMGDTHQNVSDNKERFSNYPMVLGAQRFSSGKMYWEVDVTQKEAWDLGV
CRDSVQRKGQFSLSPENGFWTIWLWQDSYEAGTSPQTTLHIQVPPCQIGIFVDYEAGVVSFYNITDHGSLIYTFSECVFA
GPLRPFFNVGFNYSGGNAAPLKLCPLKM
;
_entity_poly.pdbx_strand_id                 B 
_entity_poly.pdbx_target_identifier         ? 
# 
loop_
_pdbx_entity_nonpoly.entity_id 
_pdbx_entity_nonpoly.name 
_pdbx_entity_nonpoly.comp_id 
2 'N-[(1S)-1-(pyridin-3-yl)ethyl]cyclopropanecarboxamide' TV9 
3 1,2-ETHANEDIOL                                          EDO 
4 'SULFATE ION'                                           SO4 
5 water                                                   HOH 
# 
loop_
_entity_poly_seq.entity_id 
_entity_poly_seq.num 
_entity_poly_seq.mon_id 
_entity_poly_seq.hetero 
1 1   MET n 
1 2   HIS n 
1 3   HIS n 
1 4   HIS n 
1 5   HIS n 
1 6   HIS n 
1 7   HIS n 
1 8   MET n 
1 9   VAL n 
1 10  HIS n 
1 11  ILE n 
1 12  THR n 
1 13  LEU n 
1 14  ASP n 
1 15  ARG n 
1 16  ASN n 
1 17  THR n 
1 18  ALA n 
1 19  ASN n 
1 20  SER n 
1 21  TRP n 
1 22  LEU n 
1 23  ILE n 
1 24  ILE n 
1 25  SER n 
1 26  LYS n 
1 27  ASP n 
1 28  ARG n 
1 29  ARG n 
1 30  GLN n 
1 31  VAL n 
1 32  ARG n 
1 33  MET n 
1 34  GLY n 
1 35  ASP n 
1 36  THR n 
1 37  HIS n 
1 38  GLN n 
1 39  ASN n 
1 40  VAL n 
1 41  SER n 
1 42  ASP n 
1 43  ASN n 
1 44  LYS n 
1 45  GLU n 
1 46  ARG n 
1 47  PHE n 
1 48  SER n 
1 49  ASN n 
1 50  TYR n 
1 51  PRO n 
1 52  MET n 
1 53  VAL n 
1 54  LEU n 
1 55  GLY n 
1 56  ALA n 
1 57  GLN n 
1 58  ARG n 
1 59  PHE n 
1 60  SER n 
1 61  SER n 
1 62  GLY n 
1 63  LYS n 
1 64  MET n 
1 65  TYR n 
1 66  TRP n 
1 67  GLU n 
1 68  VAL n 
1 69  ASP n 
1 70  VAL n 
1 71  THR n 
1 72  GLN n 
1 73  LYS n 
1 74  GLU n 
1 75  ALA n 
1 76  TRP n 
1 77  ASP n 
1 78  LEU n 
1 79  GLY n 
1 80  VAL n 
1 81  CYS n 
1 82  ARG n 
1 83  ASP n 
1 84  SER n 
1 85  VAL n 
1 86  GLN n 
1 87  ARG n 
1 88  LYS n 
1 89  GLY n 
1 90  GLN n 
1 91  PHE n 
1 92  SER n 
1 93  LEU n 
1 94  SER n 
1 95  PRO n 
1 96  GLU n 
1 97  ASN n 
1 98  GLY n 
1 99  PHE n 
1 100 TRP n 
1 101 THR n 
1 102 ILE n 
1 103 TRP n 
1 104 LEU n 
1 105 TRP n 
1 106 GLN n 
1 107 ASP n 
1 108 SER n 
1 109 TYR n 
1 110 GLU n 
1 111 ALA n 
1 112 GLY n 
1 113 THR n 
1 114 SER n 
1 115 PRO n 
1 116 GLN n 
1 117 THR n 
1 118 THR n 
1 119 LEU n 
1 120 HIS n 
1 121 ILE n 
1 122 GLN n 
1 123 VAL n 
1 124 PRO n 
1 125 PRO n 
1 126 CYS n 
1 127 GLN n 
1 128 ILE n 
1 129 GLY n 
1 130 ILE n 
1 131 PHE n 
1 132 VAL n 
1 133 ASP n 
1 134 TYR n 
1 135 GLU n 
1 136 ALA n 
1 137 GLY n 
1 138 VAL n 
1 139 VAL n 
1 140 SER n 
1 141 PHE n 
1 142 TYR n 
1 143 ASN n 
1 144 ILE n 
1 145 THR n 
1 146 ASP n 
1 147 HIS n 
1 148 GLY n 
1 149 SER n 
1 150 LEU n 
1 151 ILE n 
1 152 TYR n 
1 153 THR n 
1 154 PHE n 
1 155 SER n 
1 156 GLU n 
1 157 CYS n 
1 158 VAL n 
1 159 PHE n 
1 160 ALA n 
1 161 GLY n 
1 162 PRO n 
1 163 LEU n 
1 164 ARG n 
1 165 PRO n 
1 166 PHE n 
1 167 PHE n 
1 168 ASN n 
1 169 VAL n 
1 170 GLY n 
1 171 PHE n 
1 172 ASN n 
1 173 TYR n 
1 174 SER n 
1 175 GLY n 
1 176 GLY n 
1 177 ASN n 
1 178 ALA n 
1 179 ALA n 
1 180 PRO n 
1 181 LEU n 
1 182 LYS n 
1 183 LEU n 
1 184 CYS n 
1 185 PRO n 
1 186 LEU n 
1 187 LYS n 
1 188 MET n 
# 
_entity_src_gen.entity_id                          1 
_entity_src_gen.pdbx_src_id                        1 
_entity_src_gen.pdbx_alt_source_flag               sample 
_entity_src_gen.pdbx_seq_type                      'Biological sequence' 
_entity_src_gen.pdbx_beg_seq_num                   1 
_entity_src_gen.pdbx_end_seq_num                   188 
_entity_src_gen.gene_src_common_name               'house mouse' 
_entity_src_gen.gene_src_genus                     ? 
_entity_src_gen.pdbx_gene_src_gene                 'Trim21, Ro52, Ssa1' 
_entity_src_gen.gene_src_species                   ? 
_entity_src_gen.gene_src_strain                    ? 
_entity_src_gen.gene_src_tissue                    ? 
_entity_src_gen.gene_src_tissue_fraction           ? 
_entity_src_gen.gene_src_details                   ? 
_entity_src_gen.pdbx_gene_src_fragment             ? 
_entity_src_gen.pdbx_gene_src_scientific_name      'Mus musculus' 
_entity_src_gen.pdbx_gene_src_ncbi_taxonomy_id     10090 
_entity_src_gen.pdbx_gene_src_variant              ? 
_entity_src_gen.pdbx_gene_src_cell_line            ? 
_entity_src_gen.pdbx_gene_src_atcc                 ? 
_entity_src_gen.pdbx_gene_src_organ                ? 
_entity_src_gen.pdbx_gene_src_organelle            ? 
_entity_src_gen.pdbx_gene_src_cell                 ? 
_entity_src_gen.pdbx_gene_src_cellular_location    ? 
_entity_src_gen.host_org_common_name               ? 
_entity_src_gen.pdbx_host_org_scientific_name      'Escherichia coli' 
_entity_src_gen.pdbx_host_org_ncbi_taxonomy_id     562 
_entity_src_gen.host_org_genus                     ? 
_entity_src_gen.pdbx_host_org_gene                 ? 
_entity_src_gen.pdbx_host_org_organ                ? 
_entity_src_gen.host_org_species                   ? 
_entity_src_gen.pdbx_host_org_tissue               ? 
_entity_src_gen.pdbx_host_org_tissue_fraction      ? 
_entity_src_gen.pdbx_host_org_strain               ? 
_entity_src_gen.pdbx_host_org_variant              ? 
_entity_src_gen.pdbx_host_org_cell_line            ? 
_entity_src_gen.pdbx_host_org_atcc                 ? 
_entity_src_gen.pdbx_host_org_culture_collection   ? 
_entity_src_gen.pdbx_host_org_cell                 ? 
_entity_src_gen.pdbx_host_org_organelle            ? 
_entity_src_gen.pdbx_host_org_cellular_location    ? 
_entity_src_gen.pdbx_host_org_vector_type          ? 
_entity_src_gen.pdbx_host_org_vector               ? 
_entity_src_gen.host_org_details                   ? 
_entity_src_gen.expression_system_id               ? 
_entity_src_gen.plasmid_name                       ? 
_entity_src_gen.plasmid_details                    ? 
_entity_src_gen.pdbx_description                   ? 
# 
loop_
_chem_comp.id 
_chem_comp.type 
_chem_comp.mon_nstd_flag 
_chem_comp.name 
_chem_comp.pdbx_synonyms 
_chem_comp.formula 
_chem_comp.formula_weight 
ALA 'L-peptide linking' y ALANINE                                                 ?                 'C3 H7 N O2'     89.093  
ARG 'L-peptide linking' y ARGININE                                                ?                 'C6 H15 N4 O2 1' 175.209 
ASN 'L-peptide linking' y ASPARAGINE                                              ?                 'C4 H8 N2 O3'    132.118 
ASP 'L-peptide linking' y 'ASPARTIC ACID'                                         ?                 'C4 H7 N O4'     133.103 
CYS 'L-peptide linking' y CYSTEINE                                                ?                 'C3 H7 N O2 S'   121.158 
EDO non-polymer         . 1,2-ETHANEDIOL                                          'ETHYLENE GLYCOL' 'C2 H6 O2'       62.068  
GLN 'L-peptide linking' y GLUTAMINE                                               ?                 'C5 H10 N2 O3'   146.144 
GLU 'L-peptide linking' y 'GLUTAMIC ACID'                                         ?                 'C5 H9 N O4'     147.129 
GLY 'peptide linking'   y GLYCINE                                                 ?                 'C2 H5 N O2'     75.067  
HIS 'L-peptide linking' y HISTIDINE                                               ?                 'C6 H10 N3 O2 1' 156.162 
HOH non-polymer         . WATER                                                   ?                 'H2 O'           18.015  
ILE 'L-peptide linking' y ISOLEUCINE                                              ?                 'C6 H13 N O2'    131.173 
LEU 'L-peptide linking' y LEUCINE                                                 ?                 'C6 H13 N O2'    131.173 
LYS 'L-peptide linking' y LYSINE                                                  ?                 'C6 H15 N2 O2 1' 147.195 
MET 'L-peptide linking' y METHIONINE                                              ?                 'C5 H11 N O2 S'  149.211 
PHE 'L-peptide linking' y PHENYLALANINE                                           ?                 'C9 H11 N O2'    165.189 
PRO 'L-peptide linking' y PROLINE                                                 ?                 'C5 H9 N O2'     115.130 
SER 'L-peptide linking' y SERINE                                                  ?                 'C3 H7 N O3'     105.093 
SO4 non-polymer         . 'SULFATE ION'                                           ?                 'O4 S -2'        96.063  
THR 'L-peptide linking' y THREONINE                                               ?                 'C4 H9 N O3'     119.119 
TRP 'L-peptide linking' y TRYPTOPHAN                                              ?                 'C11 H12 N2 O2'  204.225 
TV9 non-polymer         . 'N-[(1S)-1-(pyridin-3-yl)ethyl]cyclopropanecarboxamide' ?                 'C11 H14 N2 O'   190.242 
TYR 'L-peptide linking' y TYROSINE                                                ?                 'C9 H11 N O3'    181.189 
VAL 'L-peptide linking' y VALINE                                                  ?                 'C5 H11 N O2'    117.146 
# 
loop_
_pdbx_poly_seq_scheme.asym_id 
_pdbx_poly_seq_scheme.entity_id 
_pdbx_poly_seq_scheme.seq_id 
_pdbx_poly_seq_scheme.mon_id 
_pdbx_poly_seq_scheme.ndb_seq_num 
_pdbx_poly_seq_scheme.pdb_seq_num 
_pdbx_poly_seq_scheme.auth_seq_num 
_pdbx_poly_seq_scheme.pdb_mon_id 
_pdbx_poly_seq_scheme.auth_mon_id 
_pdbx_poly_seq_scheme.pdb_strand_id 
_pdbx_poly_seq_scheme.pdb_ins_code 
_pdbx_poly_seq_scheme.hetero 
A 1 1   MET 1   7   ?   ?   ?   B . n 
A 1 2   HIS 2   8   8   HIS HIS B . n 
A 1 3   HIS 3   9   9   HIS HIS B . n 
A 1 4   HIS 4   10  10  HIS HIS B . n 
A 1 5   HIS 5   11  11  HIS HIS B . n 
A 1 6   HIS 6   12  12  HIS HIS B . n 
A 1 7   HIS 7   13  13  HIS HIS B . n 
A 1 8   MET 8   14  14  MET MET B . n 
A 1 9   VAL 9   15  15  VAL VAL B . n 
A 1 10  HIS 10  16  16  HIS HIS B . n 
A 1 11  ILE 11  17  17  ILE ILE B . n 
A 1 12  THR 12  18  18  THR THR B . n 
A 1 13  LEU 13  19  19  LEU LEU B . n 
A 1 14  ASP 14  20  20  ASP ASP B . n 
A 1 15  ARG 15  21  21  ARG ARG B . n 
A 1 16  ASN 16  22  22  ASN ASN B . n 
A 1 17  THR 17  23  23  THR THR B . n 
A 1 18  ALA 18  24  24  ALA ALA B . n 
A 1 19  ASN 19  25  25  ASN ASN B . n 
A 1 20  SER 20  26  26  SER SER B . n 
A 1 21  TRP 21  27  27  TRP TRP B . n 
A 1 22  LEU 22  28  28  LEU LEU B . n 
A 1 23  ILE 23  29  29  ILE ILE B . n 
A 1 24  ILE 24  30  30  ILE ILE B . n 
A 1 25  SER 25  31  31  SER SER B . n 
A 1 26  LYS 26  32  32  LYS LYS B . n 
A 1 27  ASP 27  33  33  ASP ASP B . n 
A 1 28  ARG 28  34  34  ARG ARG B . n 
A 1 29  ARG 29  35  35  ARG ARG B . n 
A 1 30  GLN 30  36  36  GLN GLN B . n 
A 1 31  VAL 31  37  37  VAL VAL B . n 
A 1 32  ARG 32  38  38  ARG ARG B . n 
A 1 33  MET 33  39  39  MET MET B . n 
A 1 34  GLY 34  40  40  GLY GLY B . n 
A 1 35  ASP 35  41  41  ASP ASP B . n 
A 1 36  THR 36  42  42  THR THR B . n 
A 1 37  HIS 37  43  43  HIS HIS B . n 
A 1 38  GLN 38  44  44  GLN GLN B . n 
A 1 39  ASN 39  45  45  ASN ASN B . n 
A 1 40  VAL 40  46  46  VAL VAL B . n 
A 1 41  SER 41  47  47  SER SER B . n 
A 1 42  ASP 42  48  48  ASP ASP B . n 
A 1 43  ASN 43  49  49  ASN ASN B . n 
A 1 44  LYS 44  50  50  LYS LYS B . n 
A 1 45  GLU 45  51  51  GLU GLU B . n 
A 1 46  ARG 46  52  52  ARG ARG B . n 
A 1 47  PHE 47  53  53  PHE PHE B . n 
A 1 48  SER 48  54  54  SER SER B . n 
A 1 49  ASN 49  55  55  ASN ASN B . n 
A 1 50  TYR 50  56  56  TYR TYR B . n 
A 1 51  PRO 51  57  57  PRO PRO B . n 
A 1 52  MET 52  58  58  MET MET B . n 
A 1 53  VAL 53  59  59  VAL VAL B . n 
A 1 54  LEU 54  60  60  LEU LEU B . n 
A 1 55  GLY 55  61  61  GLY GLY B . n 
A 1 56  ALA 56  62  62  ALA ALA B . n 
A 1 57  GLN 57  63  63  GLN GLN B . n 
A 1 58  ARG 58  64  64  ARG ARG B . n 
A 1 59  PHE 59  65  65  PHE PHE B . n 
A 1 60  SER 60  66  66  SER SER B . n 
A 1 61  SER 61  67  67  SER SER B . n 
A 1 62  GLY 62  68  68  GLY GLY B . n 
A 1 63  LYS 63  69  69  LYS LYS B . n 
A 1 64  MET 64  70  70  MET MET B . n 
A 1 65  TYR 65  71  71  TYR TYR B . n 
A 1 66  TRP 66  72  72  TRP TRP B . n 
A 1 67  GLU 67  73  73  GLU GLU B . n 
A 1 68  VAL 68  74  74  VAL VAL B . n 
A 1 69  ASP 69  75  75  ASP ASP B . n 
A 1 70  VAL 70  76  76  VAL VAL B . n 
A 1 71  THR 71  77  77  THR THR B . n 
A 1 72  GLN 72  78  78  GLN GLN B . n 
A 1 73  LYS 73  79  79  LYS LYS B . n 
A 1 74  GLU 74  80  80  GLU GLU B . n 
A 1 75  ALA 75  81  81  ALA ALA B . n 
A 1 76  TRP 76  82  82  TRP TRP B . n 
A 1 77  ASP 77  83  83  ASP ASP B . n 
A 1 78  LEU 78  84  84  LEU LEU B . n 
A 1 79  GLY 79  85  85  GLY GLY B . n 
A 1 80  VAL 80  86  86  VAL VAL B . n 
A 1 81  CYS 81  87  87  CYS CYS B . n 
A 1 82  ARG 82  88  88  ARG ARG B . n 
A 1 83  ASP 83  89  89  ASP ASP B . n 
A 1 84  SER 84  90  90  SER SER B . n 
A 1 85  VAL 85  91  91  VAL VAL B . n 
A 1 86  GLN 86  92  92  GLN GLN B . n 
A 1 87  ARG 87  93  93  ARG ARG B . n 
A 1 88  LYS 88  94  94  LYS LYS B . n 
A 1 89  GLY 89  95  95  GLY GLY B . n 
A 1 90  GLN 90  96  96  GLN GLN B . n 
A 1 91  PHE 91  97  97  PHE PHE B . n 
A 1 92  SER 92  98  98  SER SER B . n 
A 1 93  LEU 93  99  99  LEU LEU B . n 
A 1 94  SER 94  100 100 SER SER B . n 
A 1 95  PRO 95  101 101 PRO PRO B . n 
A 1 96  GLU 96  102 102 GLU GLU B . n 
A 1 97  ASN 97  103 103 ASN ASN B . n 
A 1 98  GLY 98  104 104 GLY GLY B . n 
A 1 99  PHE 99  105 105 PHE PHE B . n 
A 1 100 TRP 100 106 106 TRP TRP B . n 
A 1 101 THR 101 107 107 THR THR B . n 
A 1 102 ILE 102 108 108 ILE ILE B . n 
A 1 103 TRP 103 109 109 TRP TRP B . n 
A 1 104 LEU 104 110 110 LEU LEU B . n 
A 1 105 TRP 105 111 111 TRP TRP B . n 
A 1 106 GLN 106 112 112 GLN GLN B . n 
A 1 107 ASP 107 113 113 ASP ASP B . n 
A 1 108 SER 108 114 114 SER SER B . n 
A 1 109 TYR 109 115 115 TYR TYR B . n 
A 1 110 GLU 110 116 116 GLU GLU B . n 
A 1 111 ALA 111 117 117 ALA ALA B . n 
A 1 112 GLY 112 118 118 GLY GLY B . n 
A 1 113 THR 113 119 119 THR THR B . n 
A 1 114 SER 114 120 120 SER SER B . n 
A 1 115 PRO 115 121 121 PRO PRO B . n 
A 1 116 GLN 116 122 122 GLN GLN B . n 
A 1 117 THR 117 123 123 THR THR B . n 
A 1 118 THR 118 124 124 THR THR B . n 
A 1 119 LEU 119 125 125 LEU LEU B . n 
A 1 120 HIS 120 126 126 HIS HIS B . n 
A 1 121 ILE 121 127 127 ILE ILE B . n 
A 1 122 GLN 122 128 128 GLN GLN B . n 
A 1 123 VAL 123 129 129 VAL VAL B . n 
A 1 124 PRO 124 130 130 PRO PRO B . n 
A 1 125 PRO 125 131 131 PRO PRO B . n 
A 1 126 CYS 126 132 132 CYS CYS B . n 
A 1 127 GLN 127 133 133 GLN GLN B . n 
A 1 128 ILE 128 134 134 ILE ILE B . n 
A 1 129 GLY 129 135 135 GLY GLY B . n 
A 1 130 ILE 130 136 136 ILE ILE B . n 
A 1 131 PHE 131 137 137 PHE PHE B . n 
A 1 132 VAL 132 138 138 VAL VAL B . n 
A 1 133 ASP 133 139 139 ASP ASP B . n 
A 1 134 TYR 134 140 140 TYR TYR B . n 
A 1 135 GLU 135 141 141 GLU GLU B . n 
A 1 136 ALA 136 142 142 ALA ALA B . n 
A 1 137 GLY 137 143 143 GLY GLY B . n 
A 1 138 VAL 138 144 144 VAL VAL B . n 
A 1 139 VAL 139 145 145 VAL VAL B . n 
A 1 140 SER 140 146 146 SER SER B . n 
A 1 141 PHE 141 147 147 PHE PHE B . n 
A 1 142 TYR 142 148 148 TYR TYR B . n 
A 1 143 ASN 143 149 149 ASN ASN B . n 
A 1 144 ILE 144 150 150 ILE ILE B . n 
A 1 145 THR 145 151 151 THR THR B . n 
A 1 146 ASP 146 152 152 ASP ASP B . n 
A 1 147 HIS 147 153 153 HIS HIS B . n 
A 1 148 GLY 148 154 154 GLY GLY B . n 
A 1 149 SER 149 155 155 SER SER B . n 
A 1 150 LEU 150 156 156 LEU LEU B . n 
A 1 151 ILE 151 157 157 ILE ILE B . n 
A 1 152 TYR 152 158 158 TYR TYR B . n 
A 1 153 THR 153 159 159 THR THR B . n 
A 1 154 PHE 154 160 160 PHE PHE B . n 
A 1 155 SER 155 161 161 SER SER B . n 
A 1 156 GLU 156 162 162 GLU GLU B . n 
A 1 157 CYS 157 163 163 CYS CYS B . n 
A 1 158 VAL 158 164 164 VAL VAL B . n 
A 1 159 PHE 159 165 165 PHE PHE B . n 
A 1 160 ALA 160 166 166 ALA ALA B . n 
A 1 161 GLY 161 167 167 GLY GLY B . n 
A 1 162 PRO 162 168 168 PRO PRO B . n 
A 1 163 LEU 163 169 169 LEU LEU B . n 
A 1 164 ARG 164 170 170 ARG ARG B . n 
A 1 165 PRO 165 171 171 PRO PRO B . n 
A 1 166 PHE 166 172 172 PHE PHE B . n 
A 1 167 PHE 167 173 173 PHE PHE B . n 
A 1 168 ASN 168 174 174 ASN ASN B . n 
A 1 169 VAL 169 175 175 VAL VAL B . n 
A 1 170 GLY 170 176 176 GLY GLY B . n 
A 1 171 PHE 171 177 177 PHE PHE B . n 
A 1 172 ASN 172 178 178 ASN ASN B . n 
A 1 173 TYR 173 179 179 TYR TYR B . n 
A 1 174 SER 174 180 180 SER SER B . n 
A 1 175 GLY 175 181 181 GLY GLY B . n 
A 1 176 GLY 176 182 182 GLY GLY B . n 
A 1 177 ASN 177 183 183 ASN ASN B . n 
A 1 178 ALA 178 184 184 ALA ALA B . n 
A 1 179 ALA 179 185 185 ALA ALA B . n 
A 1 180 PRO 180 186 186 PRO PRO B . n 
A 1 181 LEU 181 187 187 LEU LEU B . n 
A 1 182 LYS 182 188 188 LYS LYS B . n 
A 1 183 LEU 183 189 189 LEU LEU B . n 
A 1 184 CYS 184 190 190 CYS CYS B . n 
A 1 185 PRO 185 191 191 PRO PRO B . n 
A 1 186 LEU 186 192 192 LEU LEU B . n 
A 1 187 LYS 187 193 ?   ?   ?   B . n 
A 1 188 MET 188 194 ?   ?   ?   B . n 
# 
_pdbx_entity_instance_feature.ordinal        1 
_pdbx_entity_instance_feature.comp_id        TV9 
_pdbx_entity_instance_feature.asym_id        ? 
_pdbx_entity_instance_feature.seq_num        ? 
_pdbx_entity_instance_feature.auth_comp_id   TV9 
_pdbx_entity_instance_feature.auth_asym_id   ? 
_pdbx_entity_instance_feature.auth_seq_num   ? 
_pdbx_entity_instance_feature.feature_type   'SUBJECT OF INVESTIGATION' 
_pdbx_entity_instance_feature.details        ? 
# 
loop_
_pdbx_nonpoly_scheme.asym_id 
_pdbx_nonpoly_scheme.entity_id 
_pdbx_nonpoly_scheme.mon_id 
_pdbx_nonpoly_scheme.ndb_seq_num 
_pdbx_nonpoly_scheme.pdb_seq_num 
_pdbx_nonpoly_scheme.auth_seq_num 
_pdbx_nonpoly_scheme.pdb_mon_id 
_pdbx_nonpoly_scheme.auth_mon_id 
_pdbx_nonpoly_scheme.pdb_strand_id 
_pdbx_nonpoly_scheme.pdb_ins_code 
B 2 TV9 1   201 302 TV9 LIG B . 
C 3 EDO 1   202 305 EDO EDO B . 
D 4 SO4 1   203 1   SO4 SO4 B . 
E 5 HOH 1   301 2   HOH HOH B . 
E 5 HOH 2   302 107 HOH HOH B . 
E 5 HOH 3   303 29  HOH HOH B . 
E 5 HOH 4   304 11  HOH HOH B . 
E 5 HOH 5   305 12  HOH HOH B . 
E 5 HOH 6   306 26  HOH HOH B . 
E 5 HOH 7   307 21  HOH HOH B . 
E 5 HOH 8   308 40  HOH HOH B . 
E 5 HOH 9   309 51  HOH HOH B . 
E 5 HOH 10  310 1   HOH HOH B . 
E 5 HOH 11  311 102 HOH HOH B . 
E 5 HOH 12  312 10  HOH HOH B . 
E 5 HOH 13  313 16  HOH HOH B . 
E 5 HOH 14  314 34  HOH HOH B . 
E 5 HOH 15  315 90  HOH HOH B . 
E 5 HOH 16  316 5   HOH HOH B . 
E 5 HOH 17  317 9   HOH HOH B . 
E 5 HOH 18  318 214 HOH HOH B . 
E 5 HOH 19  319 281 HOH HOH B . 
E 5 HOH 20  320 11  HOH HOH B . 
E 5 HOH 21  321 27  HOH HOH B . 
E 5 HOH 22  322 95  HOH HOH B . 
E 5 HOH 23  323 70  HOH HOH B . 
E 5 HOH 24  324 18  HOH HOH B . 
E 5 HOH 25  325 36  HOH HOH B . 
E 5 HOH 26  326 26  HOH HOH B . 
E 5 HOH 27  327 25  HOH HOH B . 
E 5 HOH 28  328 27  HOH HOH B . 
E 5 HOH 29  329 4   HOH HOH B . 
E 5 HOH 30  330 20  HOH HOH B . 
E 5 HOH 31  331 39  HOH HOH B . 
E 5 HOH 32  332 7   HOH HOH B . 
E 5 HOH 33  333 33  HOH HOH B . 
E 5 HOH 34  334 2   HOH HOH B . 
E 5 HOH 35  335 66  HOH HOH B . 
E 5 HOH 36  336 16  HOH HOH B . 
E 5 HOH 37  337 29  HOH HOH B . 
E 5 HOH 38  338 267 HOH HOH B . 
E 5 HOH 39  339 184 HOH HOH B . 
E 5 HOH 40  340 22  HOH HOH B . 
E 5 HOH 41  341 55  HOH HOH B . 
E 5 HOH 42  342 58  HOH HOH B . 
E 5 HOH 43  343 4   HOH HOH B . 
E 5 HOH 44  344 31  HOH HOH B . 
E 5 HOH 45  345 50  HOH HOH B . 
E 5 HOH 46  346 63  HOH HOH B . 
E 5 HOH 47  347 68  HOH HOH B . 
E 5 HOH 48  348 72  HOH HOH B . 
E 5 HOH 49  349 81  HOH HOH B . 
E 5 HOH 50  350 1   HOH HOH B . 
E 5 HOH 51  351 3   HOH HOH B . 
E 5 HOH 52  352 89  HOH HOH B . 
E 5 HOH 53  353 80  HOH HOH B . 
E 5 HOH 54  354 86  HOH HOH B . 
E 5 HOH 55  355 28  HOH HOH B . 
E 5 HOH 56  356 17  HOH HOH B . 
E 5 HOH 57  357 137 HOH HOH B . 
E 5 HOH 58  358 114 HOH HOH B . 
E 5 HOH 59  359 10  HOH HOH B . 
E 5 HOH 60  360 19  HOH HOH B . 
E 5 HOH 61  361 43  HOH HOH B . 
E 5 HOH 62  362 71  HOH HOH B . 
E 5 HOH 63  363 6   HOH HOH B . 
E 5 HOH 64  364 76  HOH HOH B . 
E 5 HOH 65  365 172 HOH HOH B . 
E 5 HOH 66  366 61  HOH HOH B . 
E 5 HOH 67  367 46  HOH HOH B . 
E 5 HOH 68  368 126 HOH HOH B . 
E 5 HOH 69  369 47  HOH HOH B . 
E 5 HOH 70  370 157 HOH HOH B . 
E 5 HOH 71  371 125 HOH HOH B . 
E 5 HOH 72  372 62  HOH HOH B . 
E 5 HOH 73  373 8   HOH HOH B . 
E 5 HOH 74  374 93  HOH HOH B . 
E 5 HOH 75  375 15  HOH HOH B . 
E 5 HOH 76  376 32  HOH HOH B . 
E 5 HOH 77  377 100 HOH HOH B . 
E 5 HOH 78  378 14  HOH HOH B . 
E 5 HOH 79  379 156 HOH HOH B . 
E 5 HOH 80  380 64  HOH HOH B . 
E 5 HOH 81  381 24  HOH HOH B . 
E 5 HOH 82  382 13  HOH HOH B . 
E 5 HOH 83  383 57  HOH HOH B . 
E 5 HOH 84  384 3   HOH HOH B . 
E 5 HOH 85  385 32  HOH HOH B . 
E 5 HOH 86  386 30  HOH HOH B . 
E 5 HOH 87  387 103 HOH HOH B . 
E 5 HOH 88  388 48  HOH HOH B . 
E 5 HOH 89  389 73  HOH HOH B . 
E 5 HOH 90  390 8   HOH HOH B . 
E 5 HOH 91  391 59  HOH HOH B . 
E 5 HOH 92  392 303 HOH HOH B . 
E 5 HOH 93  393 257 HOH HOH B . 
E 5 HOH 94  394 45  HOH HOH B . 
E 5 HOH 95  395 211 HOH HOH B . 
E 5 HOH 96  396 42  HOH HOH B . 
E 5 HOH 97  397 12  HOH HOH B . 
E 5 HOH 98  398 25  HOH HOH B . 
E 5 HOH 99  399 60  HOH HOH B . 
E 5 HOH 100 400 23  HOH HOH B . 
E 5 HOH 101 401 97  HOH HOH B . 
E 5 HOH 102 402 20  HOH HOH B . 
E 5 HOH 103 403 7   HOH HOH B . 
E 5 HOH 104 404 18  HOH HOH B . 
E 5 HOH 105 405 38  HOH HOH B . 
E 5 HOH 106 406 56  HOH HOH B . 
E 5 HOH 107 407 49  HOH HOH B . 
E 5 HOH 108 408 54  HOH HOH B . 
E 5 HOH 109 409 69  HOH HOH B . 
E 5 HOH 110 410 120 HOH HOH B . 
E 5 HOH 111 411 15  HOH HOH B . 
E 5 HOH 112 412 33  HOH HOH B . 
E 5 HOH 113 413 154 HOH HOH B . 
E 5 HOH 114 414 140 HOH HOH B . 
E 5 HOH 115 415 41  HOH HOH B . 
E 5 HOH 116 416 53  HOH HOH B . 
E 5 HOH 117 417 304 HOH HOH B . 
E 5 HOH 118 418 5   HOH HOH B . 
E 5 HOH 119 419 44  HOH HOH B . 
E 5 HOH 120 420 197 HOH HOH B . 
E 5 HOH 121 421 19  HOH HOH B . 
E 5 HOH 122 422 99  HOH HOH B . 
E 5 HOH 123 423 133 HOH HOH B . 
E 5 HOH 124 424 30  HOH HOH B . 
E 5 HOH 125 425 263 HOH HOH B . 
E 5 HOH 126 426 266 HOH HOH B . 
E 5 HOH 127 427 23  HOH HOH B . 
E 5 HOH 128 428 115 HOH HOH B . 
E 5 HOH 129 429 21  HOH HOH B . 
E 5 HOH 130 430 13  HOH HOH B . 
E 5 HOH 131 431 205 HOH HOH B . 
E 5 HOH 132 432 82  HOH HOH B . 
E 5 HOH 133 433 112 HOH HOH B . 
E 5 HOH 134 434 98  HOH HOH B . 
E 5 HOH 135 435 104 HOH HOH B . 
E 5 HOH 136 436 127 HOH HOH B . 
E 5 HOH 137 437 14  HOH HOH B . 
E 5 HOH 138 438 166 HOH HOH B . 
E 5 HOH 139 439 270 HOH HOH B . 
E 5 HOH 140 440 131 HOH HOH B . 
E 5 HOH 141 441 259 HOH HOH B . 
# 
loop_
_pdbx_unobs_or_zero_occ_atoms.id 
_pdbx_unobs_or_zero_occ_atoms.PDB_model_num 
_pdbx_unobs_or_zero_occ_atoms.polymer_flag 
_pdbx_unobs_or_zero_occ_atoms.occupancy_flag 
_pdbx_unobs_or_zero_occ_atoms.auth_asym_id 
_pdbx_unobs_or_zero_occ_atoms.auth_comp_id 
_pdbx_unobs_or_zero_occ_atoms.auth_seq_id 
_pdbx_unobs_or_zero_occ_atoms.PDB_ins_code 
_pdbx_unobs_or_zero_occ_atoms.auth_atom_id 
_pdbx_unobs_or_zero_occ_atoms.label_alt_id 
_pdbx_unobs_or_zero_occ_atoms.label_asym_id 
_pdbx_unobs_or_zero_occ_atoms.label_comp_id 
_pdbx_unobs_or_zero_occ_atoms.label_seq_id 
_pdbx_unobs_or_zero_occ_atoms.label_atom_id 
1 1 Y 1 B LEU 192 ? CG  ? A LEU 186 CG  
2 1 Y 1 B LEU 192 ? CD1 ? A LEU 186 CD1 
3 1 Y 1 B LEU 192 ? CD2 ? A LEU 186 CD2 
# 
loop_
_software.pdbx_ordinal 
_software.name 
_software.version 
_software.date 
_software.type 
_software.contact_author 
_software.contact_author_email 
_software.classification 
_software.location 
_software.language 
_software.citation_id 
1 REFMAC      5.8.0267 ?               program 'Garib N. Murshudov' garib@ysbl.york.ac.uk    refinement        
http://www.ccp4.ac.uk/dist/html/refmac5.html        Fortran_77 ? 
2 Aimless     0.7.7    23/04/21        program 'Phil Evans'         ?                        'data scaling'    
http://www.mrc-lmb.cam.ac.uk/harry/pre/aimless.html ?          ? 
3 PDB_EXTRACT 3.23     'SEP. 23, 2016' package PDB                  deposit@deposit.rcsb.org 'data extraction' 
http://sw-tools.pdb.org/apps/PDB_EXTRACT/           C++        ? 
4 XDS         .        ?               program ?                    ?                        'data reduction'  ? ?          ? 
5 REFMAC      .        ?               program ?                    ?                        phasing           ? ?          ? 
# 
_cell.entry_id           7HNC 
_cell.length_a           95.397 
_cell.length_b           95.397 
_cell.length_c           45.946 
_cell.angle_alpha        90.000 
_cell.angle_beta         90.000 
_cell.angle_gamma        90.000 
_cell.Z_PDB              8 
_cell.pdbx_unique_axis   ? 
# 
_symmetry.entry_id                         7HNC 
_symmetry.space_group_name_H-M             'I 4' 
_symmetry.pdbx_full_space_group_name_H-M   ? 
_symmetry.cell_setting                     ? 
_symmetry.Int_Tables_number                79 
# 
_exptl.crystals_number   1 
_exptl.entry_id          7HNC 
_exptl.method            'X-RAY DIFFRACTION' 
# 
_exptl_crystal.id                    1 
_exptl_crystal.pdbx_mosaicity        0.000 
_exptl_crystal.pdbx_mosaicity_esd    ? 
_exptl_crystal.density_Matthews      2.42 
_exptl_crystal.density_diffrn        ? 
_exptl_crystal.density_meas          ? 
_exptl_crystal.density_meas_temp     ? 
_exptl_crystal.density_percent_sol   49.18 
_exptl_crystal.size_max              ? 
_exptl_crystal.size_mid              ? 
_exptl_crystal.size_min              ? 
_exptl_crystal.size_rad              ? 
_exptl_crystal.description           ? 
# 
_exptl_crystal_grow.crystal_id      1 
_exptl_crystal_grow.method          'VAPOR DIFFUSION, SITTING DROP' 
_exptl_crystal_grow.pH              8 
_exptl_crystal_grow.temp            293 
_exptl_crystal_grow.pdbx_details    '4 % PEG 400, 2 M AmmSO4, 0.1 M HEPES pH 8' 
_exptl_crystal_grow.temp_details    ? 
_exptl_crystal_grow.pdbx_pH_range   ? 
# 
_diffrn.id                     1 
_diffrn.ambient_temp           100 
_diffrn.crystal_id             1 
_diffrn.ambient_temp_details   ? 
# 
_diffrn_detector.detector               PIXEL 
_diffrn_detector.type                   'DECTRIS EIGER2 XE 9M' 
_diffrn_detector.pdbx_collection_date   2024-07-04 
_diffrn_detector.diffrn_id              1 
_diffrn_detector.details                ? 
# 
_diffrn_radiation.diffrn_id                        1 
_diffrn_radiation.wavelength_id                    1 
_diffrn_radiation.pdbx_diffrn_protocol             'SINGLE WAVELENGTH' 
_diffrn_radiation.pdbx_monochromatic_or_laue_m_l   ? 
_diffrn_radiation.monochromator                    ? 
_diffrn_radiation.pdbx_scattering_type             x-ray 
# 
_diffrn_radiation_wavelength.id           1 
_diffrn_radiation_wavelength.wavelength   0.92134 
_diffrn_radiation_wavelength.wt           1.0 
# 
_diffrn_source.diffrn_id                   1 
_diffrn_source.source                      SYNCHROTRON 
_diffrn_source.type                        'DIAMOND BEAMLINE I04-1' 
_diffrn_source.pdbx_wavelength_list        0.92134 
_diffrn_source.pdbx_synchrotron_site       Diamond 
_diffrn_source.pdbx_synchrotron_beamline   I04-1 
_diffrn_source.pdbx_wavelength             ? 
# 
_reflns.entry_id                     7HNC 
_reflns.pdbx_diffrn_id               1 
_reflns.pdbx_ordinal                 1 
_reflns.observed_criterion_sigma_I   ? 
_reflns.observed_criterion_sigma_F   ? 
_reflns.d_resolution_low             41.390 
_reflns.d_resolution_high            1.150 
_reflns.number_obs                   62235 
_reflns.number_all                   ? 
_reflns.percent_possible_obs         85.100 
_reflns.pdbx_Rmerge_I_obs            0.038 
_reflns.pdbx_Rsym_value              ? 
_reflns.pdbx_netI_over_sigmaI        27.600 
_reflns.B_iso_Wilson_estimate        ? 
_reflns.pdbx_redundancy              9.500 
_reflns.pdbx_Rrim_I_all              0.040 
_reflns.pdbx_Rpim_I_all              0.011 
_reflns.pdbx_CC_half                 1.000 
_reflns.pdbx_netI_over_av_sigmaI     ? 
_reflns.pdbx_number_measured_all     590390 
_reflns.pdbx_scaling_rejects         0 
_reflns.pdbx_chi_squared             ? 
_reflns.Rmerge_F_all                 ? 
_reflns.Rmerge_F_obs                 ? 
_reflns.observed_criterion_F_max     ? 
_reflns.observed_criterion_F_min     ? 
_reflns.observed_criterion_I_max     ? 
_reflns.observed_criterion_I_min     ? 
_reflns.pdbx_d_res_high_opt          ? 
_reflns.pdbx_d_res_low_opt           ? 
_reflns.details                      ? 
# 
loop_
_reflns_shell.pdbx_diffrn_id 
_reflns_shell.pdbx_ordinal 
_reflns_shell.d_res_high 
_reflns_shell.d_res_low 
_reflns_shell.number_measured_obs 
_reflns_shell.number_measured_all 
_reflns_shell.number_unique_obs 
_reflns_shell.pdbx_rejects 
_reflns_shell.Rmerge_I_obs 
_reflns_shell.meanI_over_sigI_obs 
_reflns_shell.pdbx_Rsym_value 
_reflns_shell.pdbx_chi_squared 
_reflns_shell.pdbx_redundancy 
_reflns_shell.percent_possible_obs 
_reflns_shell.pdbx_netI_over_sigmaI_obs 
_reflns_shell.number_possible 
_reflns_shell.number_unique_all 
_reflns_shell.Rmerge_F_all 
_reflns_shell.Rmerge_F_obs 
_reflns_shell.Rmerge_I_all 
_reflns_shell.meanI_over_sigI_all 
_reflns_shell.percent_possible_all 
_reflns_shell.pdbx_Rrim_I_all 
_reflns_shell.pdbx_Rpim_I_all 
_reflns_shell.pdbx_CC_half 
1 1 1.150 1.170  ? 448  426 ? 0.416 ? ? ? 1.100  ? 0.600   ? ? ? ? ? ? 12.000 0.588 0.416 0.557 
1 2 6.300 41.390 ? 6225 485 ? 0.025 ? ? ? 12.800 ? 141.500 ? ? ? ? ? ? 99.700 0.026 0.008 1.000 
# 
_refine.entry_id                                 7HNC 
_refine.pdbx_refine_id                           'X-RAY DIFFRACTION' 
_refine.ls_d_res_high                            1.1500 
_refine.ls_d_res_low                             41.4300 
_refine.pdbx_ls_sigma_F                          0.000 
_refine.pdbx_data_cutoff_high_absF               ? 
_refine.pdbx_data_cutoff_low_absF                ? 
_refine.ls_percent_reflns_obs                    84.9300 
_refine.ls_number_reflns_obs                     59223 
_refine.ls_number_reflns_all                     ? 
_refine.pdbx_ls_cross_valid_method               THROUGHOUT 
_refine.ls_matrix_type                           ? 
_refine.pdbx_R_Free_selection_details            RANDOM 
_refine.details                                  
'HYDROGENS HAVE BEEN ADDED IN THE RIDING POSITIONS U VALUES      : REFINED INDIVIDUALLY' 
_refine.ls_R_factor_all                          ? 
_refine.ls_R_factor_obs                          0.1822 
_refine.ls_R_factor_R_work                       0.1811 
_refine.ls_wR_factor_R_work                      ? 
_refine.ls_R_factor_R_free                       0.2028 
_refine.ls_wR_factor_R_free                      ? 
_refine.ls_percent_reflns_R_free                 4.8000 
_refine.ls_number_reflns_R_free                  3012 
_refine.ls_number_reflns_R_work                  ? 
_refine.ls_R_factor_R_free_error                 ? 
_refine.B_iso_mean                               15.0350 
_refine.solvent_model_param_bsol                 ? 
_refine.solvent_model_param_ksol                 ? 
_refine.pdbx_isotropic_thermal_model             ? 
_refine.aniso_B[1][1]                            0.1100 
_refine.aniso_B[2][2]                            0.1100 
_refine.aniso_B[3][3]                            -0.2200 
_refine.aniso_B[1][2]                            -0.0000 
_refine.aniso_B[1][3]                            0.0000 
_refine.aniso_B[2][3]                            0.0000 
_refine.correlation_coeff_Fo_to_Fc               0.9680 
_refine.correlation_coeff_Fo_to_Fc_free          0.9600 
_refine.overall_SU_R_Cruickshank_DPI             ? 
_refine.pdbx_overall_SU_R_free_Cruickshank_DPI   ? 
_refine.pdbx_overall_SU_R_Blow_DPI               ? 
_refine.pdbx_overall_SU_R_free_Blow_DPI          ? 
_refine.overall_SU_R_free                        ? 
_refine.pdbx_overall_ESU_R                       0.0470 
_refine.pdbx_overall_ESU_R_Free                  0.0480 
_refine.overall_SU_ML                            0.0360 
_refine.overall_SU_B                             0.8280 
_refine.solvent_model_details                    MASK 
_refine.pdbx_solvent_vdw_probe_radii             1.2000 
_refine.pdbx_solvent_ion_probe_radii             0.8000 
_refine.pdbx_solvent_shrinkage_radii             0.8000 
_refine.ls_number_parameters                     ? 
_refine.ls_number_restraints                     ? 
_refine.pdbx_starting_model                      ? 
_refine.pdbx_method_to_determine_struct          'FOURIER SYNTHESIS' 
_refine.pdbx_stereochemistry_target_values       'MAXIMUM LIKELIHOOD' 
_refine.pdbx_stereochem_target_val_spec_case     ? 
_refine.overall_FOM_work_R_set                   ? 
_refine.B_iso_max                                68.920 
_refine.B_iso_min                                7.380 
_refine.pdbx_overall_phase_error                 ? 
_refine.occupancy_max                            ? 
_refine.occupancy_min                            ? 
_refine.pdbx_diffrn_id                           1 
_refine.pdbx_TLS_residual_ADP_flag               ? 
_refine.pdbx_ls_sigma_I                          ? 
_refine.pdbx_data_cutoff_high_rms_absF           ? 
_refine.ls_R_factor_R_free_error_details         ? 
# 
_refine_hist.cycle_id                         final 
_refine_hist.pdbx_refine_id                   'X-RAY DIFFRACTION' 
_refine_hist.d_res_high                       1.1500 
_refine_hist.d_res_low                        41.4300 
_refine_hist.pdbx_number_atoms_ligand         23 
_refine_hist.number_atoms_solvent             141 
_refine_hist.number_atoms_total               1657 
_refine_hist.pdbx_number_residues_total       185 
_refine_hist.pdbx_B_iso_mean_ligand           28.76 
_refine_hist.pdbx_B_iso_mean_solvent          25.57 
_refine_hist.pdbx_number_atoms_protein        1493 
_refine_hist.pdbx_number_atoms_nucleic_acid   0 
# 
loop_
_refine_ls_restr.pdbx_refine_id 
_refine_ls_restr.type 
_refine_ls_restr.number 
_refine_ls_restr.dev_ideal 
_refine_ls_restr.dev_ideal_target 
_refine_ls_restr.weight 
_refine_ls_restr.pdbx_restraint_function 
'X-RAY DIFFRACTION' r_bond_refined_d       2520 0.013  0.014  ? ? 
'X-RAY DIFFRACTION' r_bond_other_d         1877 0.001  0.015  ? ? 
'X-RAY DIFFRACTION' r_angle_refined_deg    2976 1.941  1.641  ? ? 
'X-RAY DIFFRACTION' r_angle_other_deg      4342 1.475  1.587  ? ? 
'X-RAY DIFFRACTION' r_dihedral_angle_1_deg 289  7.352  5.000  ? ? 
'X-RAY DIFFRACTION' r_dihedral_angle_2_deg 142  32.439 21.197 ? ? 
'X-RAY DIFFRACTION' r_dihedral_angle_3_deg 342  14.273 15.000 ? ? 
'X-RAY DIFFRACTION' r_dihedral_angle_4_deg 21   20.080 15.000 ? ? 
'X-RAY DIFFRACTION' r_chiral_restr         257  0.370  0.200  ? ? 
'X-RAY DIFFRACTION' r_gen_planes_refined   2744 0.011  0.020  ? ? 
'X-RAY DIFFRACTION' r_gen_planes_other     604  0.003  0.020  ? ? 
'X-RAY DIFFRACTION' r_mcbond_it            1205 1.239  1.362  ? ? 
'X-RAY DIFFRACTION' r_mcbond_other         1196 1.222  1.345  ? ? 
'X-RAY DIFFRACTION' r_mcangle_it           1363 2.011  2.014  ? ? 
# 
_refine_ls_shell.d_res_high                       1.1500 
_refine_ls_shell.d_res_low                        1.1800 
_refine_ls_shell.pdbx_total_number_of_bins_used   20 
_refine_ls_shell.percent_reflns_obs               15.1800 
_refine_ls_shell.number_reflns_R_work             769 
_refine_ls_shell.R_factor_all                     ? 
_refine_ls_shell.R_factor_R_work                  0.3390 
_refine_ls_shell.R_factor_R_free                  0.2660 
_refine_ls_shell.percent_reflns_R_free            ? 
_refine_ls_shell.number_reflns_R_free             42 
_refine_ls_shell.R_factor_R_free_error            ? 
_refine_ls_shell.number_reflns_all                811 
_refine_ls_shell.number_reflns_obs                ? 
_refine_ls_shell.pdbx_refine_id                   'X-RAY DIFFRACTION' 
# 
_struct.entry_id                  7HNC 
_struct.title                     'PanDDA analysis group deposition -- Crystal Structure of TRIM21 in complex with Z220996120' 
_struct.pdbx_model_details        ? 
_struct.pdbx_CASP_flag            ? 
_struct.pdbx_model_type_details   ? 
# 
_struct_keywords.entry_id        7HNC 
_struct_keywords.text            'SGC - Diamond I04-1 fragment screening, PanDDA, XChemExplorer, TRIM21, LIGASE' 
_struct_keywords.pdbx_keywords   LIGASE 
# 
loop_
_struct_asym.id 
_struct_asym.pdbx_blank_PDB_chainid_flag 
_struct_asym.pdbx_modified 
_struct_asym.entity_id 
_struct_asym.details 
A N N 1 ? 
B N N 2 ? 
C N N 3 ? 
D N N 4 ? 
E N N 5 ? 
# 
_struct_ref.id                         1 
_struct_ref.db_name                    UNP 
_struct_ref.db_code                    RO52_MOUSE 
_struct_ref.pdbx_db_accession          Q62191 
_struct_ref.pdbx_db_isoform            ? 
_struct_ref.entity_id                  1 
_struct_ref.pdbx_seq_one_letter_code   
;VHITLDRNTANSWLIISKDRRQVRMGDTHQNVSDNKERFSNYPMVLGAQRFSSGKMYWEVDVTQKEAWDLGVCRDSVQRK
GQFSLSPENGFWTIWLWQDSYEAGTSPQTTLHIQVPPCQIGIFVDYEAGVVSFYNITDHGSLIYTFSECVFAGPLRPFFN
VGFNYSGGNAAPLKLCPLKM
;
_struct_ref.pdbx_align_begin           291 
# 
_struct_ref_seq.align_id                      1 
_struct_ref_seq.ref_id                        1 
_struct_ref_seq.pdbx_PDB_id_code              7HNC 
_struct_ref_seq.pdbx_strand_id                B 
_struct_ref_seq.seq_align_beg                 9 
_struct_ref_seq.pdbx_seq_align_beg_ins_code   ? 
_struct_ref_seq.seq_align_end                 188 
_struct_ref_seq.pdbx_seq_align_end_ins_code   ? 
_struct_ref_seq.pdbx_db_accession             Q62191 
_struct_ref_seq.db_align_beg                  291 
_struct_ref_seq.pdbx_db_align_beg_ins_code    ? 
_struct_ref_seq.db_align_end                  470 
_struct_ref_seq.pdbx_db_align_end_ins_code    ? 
_struct_ref_seq.pdbx_auth_seq_align_beg       15 
_struct_ref_seq.pdbx_auth_seq_align_end       194 
# 
loop_
_struct_ref_seq_dif.align_id 
_struct_ref_seq_dif.pdbx_pdb_id_code 
_struct_ref_seq_dif.mon_id 
_struct_ref_seq_dif.pdbx_pdb_strand_id 
_struct_ref_seq_dif.seq_num 
_struct_ref_seq_dif.pdbx_pdb_ins_code 
_struct_ref_seq_dif.pdbx_seq_db_name 
_struct_ref_seq_dif.pdbx_seq_db_accession_code 
_struct_ref_seq_dif.db_mon_id 
_struct_ref_seq_dif.pdbx_seq_db_seq_num 
_struct_ref_seq_dif.details 
_struct_ref_seq_dif.pdbx_auth_seq_num 
_struct_ref_seq_dif.pdbx_ordinal 
1 7HNC MET B 1 ? UNP Q62191 ? ? 'initiating methionine' 7  1 
1 7HNC HIS B 2 ? UNP Q62191 ? ? 'expression tag'        8  2 
1 7HNC HIS B 3 ? UNP Q62191 ? ? 'expression tag'        9  3 
1 7HNC HIS B 4 ? UNP Q62191 ? ? 'expression tag'        10 4 
1 7HNC HIS B 5 ? UNP Q62191 ? ? 'expression tag'        11 5 
1 7HNC HIS B 6 ? UNP Q62191 ? ? 'expression tag'        12 6 
1 7HNC HIS B 7 ? UNP Q62191 ? ? 'expression tag'        13 7 
1 7HNC MET B 8 ? UNP Q62191 ? ? 'expression tag'        14 8 
# 
_pdbx_struct_assembly.id                   1 
_pdbx_struct_assembly.details              author_defined_assembly 
_pdbx_struct_assembly.method_details       ? 
_pdbx_struct_assembly.oligomeric_details   monomeric 
_pdbx_struct_assembly.oligomeric_count     1 
# 
_pdbx_struct_assembly_gen.assembly_id       1 
_pdbx_struct_assembly_gen.oper_expression   1 
_pdbx_struct_assembly_gen.asym_id_list      A,B,C,D,E 
# 
_pdbx_struct_oper_list.id                   1 
_pdbx_struct_oper_list.type                 'identity operation' 
_pdbx_struct_oper_list.name                 1_555 
_pdbx_struct_oper_list.symmetry_operation   x,y,z 
_pdbx_struct_oper_list.matrix[1][1]         1.0000000000 
_pdbx_struct_oper_list.matrix[1][2]         0.0000000000 
_pdbx_struct_oper_list.matrix[1][3]         0.0000000000 
_pdbx_struct_oper_list.vector[1]            0.0000000000 
_pdbx_struct_oper_list.matrix[2][1]         0.0000000000 
_pdbx_struct_oper_list.matrix[2][2]         1.0000000000 
_pdbx_struct_oper_list.matrix[2][3]         0.0000000000 
_pdbx_struct_oper_list.vector[2]            0.0000000000 
_pdbx_struct_oper_list.matrix[3][1]         0.0000000000 
_pdbx_struct_oper_list.matrix[3][2]         0.0000000000 
_pdbx_struct_oper_list.matrix[3][3]         1.0000000000 
_pdbx_struct_oper_list.vector[3]            0.0000000000 
# 
loop_
_struct_conf.conf_type_id 
_struct_conf.id 
_struct_conf.pdbx_PDB_helix_id 
_struct_conf.beg_label_comp_id 
_struct_conf.beg_label_asym_id 
_struct_conf.beg_label_seq_id 
_struct_conf.pdbx_beg_PDB_ins_code 
_struct_conf.end_label_comp_id 
_struct_conf.end_label_asym_id 
_struct_conf.end_label_seq_id 
_struct_conf.pdbx_end_PDB_ins_code 
_struct_conf.beg_auth_comp_id 
_struct_conf.beg_auth_asym_id 
_struct_conf.beg_auth_seq_id 
_struct_conf.end_auth_comp_id 
_struct_conf.end_auth_asym_id 
_struct_conf.end_auth_seq_id 
_struct_conf.pdbx_PDB_helix_class 
_struct_conf.details 
_struct_conf.pdbx_PDB_helix_length 
HELX_P HELX_P1 AA1 HIS A 4  ? MET A 8  ? HIS B 10  MET B 14  5 ? 5 
HELX_P HELX_P2 AA2 ASP A 14 ? ALA A 18 ? ASP B 20  ALA B 24  5 ? 5 
HELX_P HELX_P3 AA3 SER A 94 ? ASN A 97 ? SER B 100 ASN B 103 5 ? 4 
# 
_struct_conf_type.id          HELX_P 
_struct_conf_type.criteria    ? 
_struct_conf_type.reference   ? 
# 
_struct_mon_prot_cis.pdbx_id                1 
_struct_mon_prot_cis.label_comp_id          SER 
_struct_mon_prot_cis.label_seq_id           114 
_struct_mon_prot_cis.label_asym_id          A 
_struct_mon_prot_cis.label_alt_id           . 
_struct_mon_prot_cis.pdbx_PDB_ins_code      ? 
_struct_mon_prot_cis.auth_comp_id           SER 
_struct_mon_prot_cis.auth_seq_id            120 
_struct_mon_prot_cis.auth_asym_id           B 
_struct_mon_prot_cis.pdbx_label_comp_id_2   PRO 
_struct_mon_prot_cis.pdbx_label_seq_id_2    115 
_struct_mon_prot_cis.pdbx_label_asym_id_2   A 
_struct_mon_prot_cis.pdbx_PDB_ins_code_2    ? 
_struct_mon_prot_cis.pdbx_auth_comp_id_2    PRO 
_struct_mon_prot_cis.pdbx_auth_seq_id_2     121 
_struct_mon_prot_cis.pdbx_auth_asym_id_2    B 
_struct_mon_prot_cis.pdbx_PDB_model_num     1 
_struct_mon_prot_cis.pdbx_omega_angle       -1.68 
# 
loop_
_struct_sheet.id 
_struct_sheet.type 
_struct_sheet.number_strands 
_struct_sheet.details 
AA1 ? 7 ? 
AA2 ? 6 ? 
# 
loop_
_struct_sheet_order.sheet_id 
_struct_sheet_order.range_id_1 
_struct_sheet_order.range_id_2 
_struct_sheet_order.offset 
_struct_sheet_order.sense 
AA1 1 2 ? anti-parallel 
AA1 2 3 ? anti-parallel 
AA1 3 4 ? anti-parallel 
AA1 4 5 ? anti-parallel 
AA1 5 6 ? anti-parallel 
AA1 6 7 ? anti-parallel 
AA2 1 2 ? anti-parallel 
AA2 2 3 ? anti-parallel 
AA2 3 4 ? anti-parallel 
AA2 4 5 ? anti-parallel 
AA2 5 6 ? anti-parallel 
# 
loop_
_struct_sheet_range.sheet_id 
_struct_sheet_range.id 
_struct_sheet_range.beg_label_comp_id 
_struct_sheet_range.beg_label_asym_id 
_struct_sheet_range.beg_label_seq_id 
_struct_sheet_range.pdbx_beg_PDB_ins_code 
_struct_sheet_range.end_label_comp_id 
_struct_sheet_range.end_label_asym_id 
_struct_sheet_range.end_label_seq_id 
_struct_sheet_range.pdbx_end_PDB_ins_code 
_struct_sheet_range.beg_auth_comp_id 
_struct_sheet_range.beg_auth_asym_id 
_struct_sheet_range.beg_auth_seq_id 
_struct_sheet_range.end_auth_comp_id 
_struct_sheet_range.end_auth_asym_id 
_struct_sheet_range.end_auth_seq_id 
AA1 1 LEU A 22  ? ILE A 24  ? LEU B 28  ILE B 30  
AA1 2 GLN A 30  ? MET A 33  ? GLN B 36  MET B 39  
AA1 3 LEU A 181 ? LEU A 183 ? LEU B 187 LEU B 189 
AA1 4 LYS A 63  ? ASP A 69  ? LYS B 69  ASP B 75  
AA1 5 GLN A 127 ? ASP A 133 ? GLN B 133 ASP B 139 
AA1 6 VAL A 138 ? ASN A 143 ? VAL B 144 ASN B 149 
AA1 7 SER A 149 ? PHE A 154 ? SER B 155 PHE B 160 
AA2 1 MET A 52  ? LEU A 54  ? MET B 58  LEU B 60  
AA2 2 LEU A 163 ? ASN A 168 ? LEU B 169 ASN B 174 
AA2 3 TRP A 76  ? ARG A 82  ? TRP B 82  ARG B 88  
AA2 4 PHE A 99  ? TRP A 105 ? PHE B 105 TRP B 111 
AA2 5 SER A 108 ? ALA A 111 ? SER B 114 ALA B 117 
AA2 6 THR A 117 ? THR A 118 ? THR B 123 THR B 124 
# 
loop_
_pdbx_struct_sheet_hbond.sheet_id 
_pdbx_struct_sheet_hbond.range_id_1 
_pdbx_struct_sheet_hbond.range_id_2 
_pdbx_struct_sheet_hbond.range_1_label_atom_id 
_pdbx_struct_sheet_hbond.range_1_label_comp_id 
_pdbx_struct_sheet_hbond.range_1_label_asym_id 
_pdbx_struct_sheet_hbond.range_1_label_seq_id 
_pdbx_struct_sheet_hbond.range_1_PDB_ins_code 
_pdbx_struct_sheet_hbond.range_1_auth_atom_id 
_pdbx_struct_sheet_hbond.range_1_auth_comp_id 
_pdbx_struct_sheet_hbond.range_1_auth_asym_id 
_pdbx_struct_sheet_hbond.range_1_auth_seq_id 
_pdbx_struct_sheet_hbond.range_2_label_atom_id 
_pdbx_struct_sheet_hbond.range_2_label_comp_id 
_pdbx_struct_sheet_hbond.range_2_label_asym_id 
_pdbx_struct_sheet_hbond.range_2_label_seq_id 
_pdbx_struct_sheet_hbond.range_2_PDB_ins_code 
_pdbx_struct_sheet_hbond.range_2_auth_atom_id 
_pdbx_struct_sheet_hbond.range_2_auth_comp_id 
_pdbx_struct_sheet_hbond.range_2_auth_asym_id 
_pdbx_struct_sheet_hbond.range_2_auth_seq_id 
AA1 1 2 N ILE A 23  ? N ILE B 29  O ARG A 32  ? O ARG B 38  
AA1 2 3 N VAL A 31  ? N VAL B 37  O LEU A 181 ? O LEU B 187 
AA1 3 4 O LYS A 182 ? O LYS B 188 N ASP A 69  ? N ASP B 75  
AA1 4 5 N TRP A 66  ? N TRP B 72  O ILE A 130 ? O ILE B 136 
AA1 5 6 N PHE A 131 ? N PHE B 137 O SER A 140 ? O SER B 146 
AA1 6 7 N PHE A 141 ? N PHE B 147 O ILE A 151 ? O ILE B 157 
AA2 1 2 N VAL A 53  ? N VAL B 59  O PHE A 167 ? O PHE B 173 
AA2 2 3 O ARG A 164 ? O ARG B 170 N CYS A 81  ? N CYS B 87  
AA2 3 4 N VAL A 80  ? N VAL B 86  O TRP A 100 ? O TRP B 106 
AA2 4 5 N TRP A 103 ? N TRP B 109 O GLU A 110 ? O GLU B 116 
AA2 5 6 N ALA A 111 ? N ALA B 117 O THR A 117 ? O THR B 123 
# 
_pdbx_entry_details.entry_id                   7HNC 
_pdbx_entry_details.compound_details           ? 
_pdbx_entry_details.source_details             ? 
_pdbx_entry_details.nonpolymer_details         ? 
_pdbx_entry_details.sequence_details           ? 
_pdbx_entry_details.has_ligand_of_interest     Y 
_pdbx_entry_details.has_protein_modification   N 
# 
_pdbx_validate_rmsd_bond.id                        1 
_pdbx_validate_rmsd_bond.PDB_model_num             1 
_pdbx_validate_rmsd_bond.auth_atom_id_1            CD 
_pdbx_validate_rmsd_bond.auth_asym_id_1            B 
_pdbx_validate_rmsd_bond.auth_comp_id_1            GLU 
_pdbx_validate_rmsd_bond.auth_seq_id_1             141 
_pdbx_validate_rmsd_bond.PDB_ins_code_1            ? 
_pdbx_validate_rmsd_bond.label_alt_id_1            ? 
_pdbx_validate_rmsd_bond.auth_atom_id_2            OE1 
_pdbx_validate_rmsd_bond.auth_asym_id_2            B 
_pdbx_validate_rmsd_bond.auth_comp_id_2            GLU 
_pdbx_validate_rmsd_bond.auth_seq_id_2             141 
_pdbx_validate_rmsd_bond.PDB_ins_code_2            ? 
_pdbx_validate_rmsd_bond.label_alt_id_2            ? 
_pdbx_validate_rmsd_bond.bond_value                1.179 
_pdbx_validate_rmsd_bond.bond_target_value         1.252 
_pdbx_validate_rmsd_bond.bond_deviation            -0.073 
_pdbx_validate_rmsd_bond.bond_standard_deviation   0.011 
_pdbx_validate_rmsd_bond.linker_flag               N 
# 
_pdbx_validate_rmsd_angle.id                         1 
_pdbx_validate_rmsd_angle.PDB_model_num              1 
_pdbx_validate_rmsd_angle.auth_atom_id_1             CG 
_pdbx_validate_rmsd_angle.auth_asym_id_1             B 
_pdbx_validate_rmsd_angle.auth_comp_id_1             ARG 
_pdbx_validate_rmsd_angle.auth_seq_id_1              64 
_pdbx_validate_rmsd_angle.PDB_ins_code_1             ? 
_pdbx_validate_rmsd_angle.label_alt_id_1             ? 
_pdbx_validate_rmsd_angle.auth_atom_id_2             CD 
_pdbx_validate_rmsd_angle.auth_asym_id_2             B 
_pdbx_validate_rmsd_angle.auth_comp_id_2             ARG 
_pdbx_validate_rmsd_angle.auth_seq_id_2              64 
_pdbx_validate_rmsd_angle.PDB_ins_code_2             ? 
_pdbx_validate_rmsd_angle.label_alt_id_2             ? 
_pdbx_validate_rmsd_angle.auth_atom_id_3             NE 
_pdbx_validate_rmsd_angle.auth_asym_id_3             B 
_pdbx_validate_rmsd_angle.auth_comp_id_3             ARG 
_pdbx_validate_rmsd_angle.auth_seq_id_3              64 
_pdbx_validate_rmsd_angle.PDB_ins_code_3             ? 
_pdbx_validate_rmsd_angle.label_alt_id_3             ? 
_pdbx_validate_rmsd_angle.angle_value                132.92 
_pdbx_validate_rmsd_angle.angle_target_value         111.80 
_pdbx_validate_rmsd_angle.angle_deviation            21.12 
_pdbx_validate_rmsd_angle.angle_standard_deviation   2.10 
_pdbx_validate_rmsd_angle.linker_flag                N 
# 
loop_
_pdbx_validate_torsion.id 
_pdbx_validate_torsion.PDB_model_num 
_pdbx_validate_torsion.auth_comp_id 
_pdbx_validate_torsion.auth_asym_id 
_pdbx_validate_torsion.auth_seq_id 
_pdbx_validate_torsion.PDB_ins_code 
_pdbx_validate_torsion.label_alt_id 
_pdbx_validate_torsion.phi 
_pdbx_validate_torsion.psi 
1 1 ASN B 45  ? ? 71.40   35.61  
2 1 GLN B 78  ? ? 79.05   -23.96 
3 1 ASP B 152 ? ? -101.97 52.51  
# 
_pdbx_struct_special_symmetry.id              1 
_pdbx_struct_special_symmetry.PDB_model_num   1 
_pdbx_struct_special_symmetry.auth_asym_id    B 
_pdbx_struct_special_symmetry.auth_comp_id    HOH 
_pdbx_struct_special_symmetry.auth_seq_id     358 
_pdbx_struct_special_symmetry.PDB_ins_code    ? 
_pdbx_struct_special_symmetry.label_asym_id   E 
_pdbx_struct_special_symmetry.label_comp_id   HOH 
_pdbx_struct_special_symmetry.label_seq_id    . 
# 
_phasing.method   MR 
# 
loop_
_pdbx_unobs_or_zero_occ_residues.id 
_pdbx_unobs_or_zero_occ_residues.PDB_model_num 
_pdbx_unobs_or_zero_occ_residues.polymer_flag 
_pdbx_unobs_or_zero_occ_residues.occupancy_flag 
_pdbx_unobs_or_zero_occ_residues.auth_asym_id 
_pdbx_unobs_or_zero_occ_residues.auth_comp_id 
_pdbx_unobs_or_zero_occ_residues.auth_seq_id 
_pdbx_unobs_or_zero_occ_residues.PDB_ins_code 
_pdbx_unobs_or_zero_occ_residues.label_asym_id 
_pdbx_unobs_or_zero_occ_residues.label_comp_id 
_pdbx_unobs_or_zero_occ_residues.label_seq_id 
1 1 Y 1 B MET 7   ? A MET 1   
2 1 Y 1 B LYS 193 ? A LYS 187 
3 1 Y 1 B MET 194 ? A MET 188 
# 
loop_
_chem_comp_atom.comp_id 
_chem_comp_atom.atom_id 
_chem_comp_atom.type_symbol 
_chem_comp_atom.pdbx_aromatic_flag 
_chem_comp_atom.pdbx_stereo_config 
_chem_comp_atom.pdbx_ordinal 
ALA N    N N N 1   
ALA CA   C N S 2   
ALA C    C N N 3   
ALA O    O N N 4   
ALA CB   C N N 5   
ALA OXT  O N N 6   
ALA H    H N N 7   
ALA H2   H N N 8   
ALA HA   H N N 9   
ALA HB1  H N N 10  
ALA HB2  H N N 11  
ALA HB3  H N N 12  
ALA HXT  H N N 13  
ARG N    N N N 14  
ARG CA   C N S 15  
ARG C    C N N 16  
ARG O    O N N 17  
ARG CB   C N N 18  
ARG CG   C N N 19  
ARG CD   C N N 20  
ARG NE   N N N 21  
ARG CZ   C N N 22  
ARG NH1  N N N 23  
ARG NH2  N N N 24  
ARG OXT  O N N 25  
ARG H    H N N 26  
ARG H2   H N N 27  
ARG HA   H N N 28  
ARG HB2  H N N 29  
ARG HB3  H N N 30  
ARG HG2  H N N 31  
ARG HG3  H N N 32  
ARG HD2  H N N 33  
ARG HD3  H N N 34  
ARG HE   H N N 35  
ARG HH11 H N N 36  
ARG HH12 H N N 37  
ARG HH21 H N N 38  
ARG HH22 H N N 39  
ARG HXT  H N N 40  
ASN N    N N N 41  
ASN CA   C N S 42  
ASN C    C N N 43  
ASN O    O N N 44  
ASN CB   C N N 45  
ASN CG   C N N 46  
ASN OD1  O N N 47  
ASN ND2  N N N 48  
ASN OXT  O N N 49  
ASN H    H N N 50  
ASN H2   H N N 51  
ASN HA   H N N 52  
ASN HB2  H N N 53  
ASN HB3  H N N 54  
ASN HD21 H N N 55  
ASN HD22 H N N 56  
ASN HXT  H N N 57  
ASP N    N N N 58  
ASP CA   C N S 59  
ASP C    C N N 60  
ASP O    O N N 61  
ASP CB   C N N 62  
ASP CG   C N N 63  
ASP OD1  O N N 64  
ASP OD2  O N N 65  
ASP OXT  O N N 66  
ASP H    H N N 67  
ASP H2   H N N 68  
ASP HA   H N N 69  
ASP HB2  H N N 70  
ASP HB3  H N N 71  
ASP HD2  H N N 72  
ASP HXT  H N N 73  
CYS N    N N N 74  
CYS CA   C N R 75  
CYS C    C N N 76  
CYS O    O N N 77  
CYS CB   C N N 78  
CYS SG   S N N 79  
CYS OXT  O N N 80  
CYS H    H N N 81  
CYS H2   H N N 82  
CYS HA   H N N 83  
CYS HB2  H N N 84  
CYS HB3  H N N 85  
CYS HG   H N N 86  
CYS HXT  H N N 87  
EDO C1   C N N 88  
EDO O1   O N N 89  
EDO C2   C N N 90  
EDO O2   O N N 91  
EDO H11  H N N 92  
EDO H12  H N N 93  
EDO HO1  H N N 94  
EDO H21  H N N 95  
EDO H22  H N N 96  
EDO HO2  H N N 97  
GLN N    N N N 98  
GLN CA   C N S 99  
GLN C    C N N 100 
GLN O    O N N 101 
GLN CB   C N N 102 
GLN CG   C N N 103 
GLN CD   C N N 104 
GLN OE1  O N N 105 
GLN NE2  N N N 106 
GLN OXT  O N N 107 
GLN H    H N N 108 
GLN H2   H N N 109 
GLN HA   H N N 110 
GLN HB2  H N N 111 
GLN HB3  H N N 112 
GLN HG2  H N N 113 
GLN HG3  H N N 114 
GLN HE21 H N N 115 
GLN HE22 H N N 116 
GLN HXT  H N N 117 
GLU N    N N N 118 
GLU CA   C N S 119 
GLU C    C N N 120 
GLU O    O N N 121 
GLU CB   C N N 122 
GLU CG   C N N 123 
GLU CD   C N N 124 
GLU OE1  O N N 125 
GLU OE2  O N N 126 
GLU OXT  O N N 127 
GLU H    H N N 128 
GLU H2   H N N 129 
GLU HA   H N N 130 
GLU HB2  H N N 131 
GLU HB3  H N N 132 
GLU HG2  H N N 133 
GLU HG3  H N N 134 
GLU HE2  H N N 135 
GLU HXT  H N N 136 
GLY N    N N N 137 
GLY CA   C N N 138 
GLY C    C N N 139 
GLY O    O N N 140 
GLY OXT  O N N 141 
GLY H    H N N 142 
GLY H2   H N N 143 
GLY HA2  H N N 144 
GLY HA3  H N N 145 
GLY HXT  H N N 146 
HIS N    N N N 147 
HIS CA   C N S 148 
HIS C    C N N 149 
HIS O    O N N 150 
HIS CB   C N N 151 
HIS CG   C Y N 152 
HIS ND1  N Y N 153 
HIS CD2  C Y N 154 
HIS CE1  C Y N 155 
HIS NE2  N Y N 156 
HIS OXT  O N N 157 
HIS H    H N N 158 
HIS H2   H N N 159 
HIS HA   H N N 160 
HIS HB2  H N N 161 
HIS HB3  H N N 162 
HIS HD1  H N N 163 
HIS HD2  H N N 164 
HIS HE1  H N N 165 
HIS HE2  H N N 166 
HIS HXT  H N N 167 
HOH O    O N N 168 
HOH H1   H N N 169 
HOH H2   H N N 170 
ILE N    N N N 171 
ILE CA   C N S 172 
ILE C    C N N 173 
ILE O    O N N 174 
ILE CB   C N S 175 
ILE CG1  C N N 176 
ILE CG2  C N N 177 
ILE CD1  C N N 178 
ILE OXT  O N N 179 
ILE H    H N N 180 
ILE H2   H N N 181 
ILE HA   H N N 182 
ILE HB   H N N 183 
ILE HG12 H N N 184 
ILE HG13 H N N 185 
ILE HG21 H N N 186 
ILE HG22 H N N 187 
ILE HG23 H N N 188 
ILE HD11 H N N 189 
ILE HD12 H N N 190 
ILE HD13 H N N 191 
ILE HXT  H N N 192 
LEU N    N N N 193 
LEU CA   C N S 194 
LEU C    C N N 195 
LEU O    O N N 196 
LEU CB   C N N 197 
LEU CG   C N N 198 
LEU CD1  C N N 199 
LEU CD2  C N N 200 
LEU OXT  O N N 201 
LEU H    H N N 202 
LEU H2   H N N 203 
LEU HA   H N N 204 
LEU HB2  H N N 205 
LEU HB3  H N N 206 
LEU HG   H N N 207 
LEU HD11 H N N 208 
LEU HD12 H N N 209 
LEU HD13 H N N 210 
LEU HD21 H N N 211 
LEU HD22 H N N 212 
LEU HD23 H N N 213 
LEU HXT  H N N 214 
LYS N    N N N 215 
LYS CA   C N S 216 
LYS C    C N N 217 
LYS O    O N N 218 
LYS CB   C N N 219 
LYS CG   C N N 220 
LYS CD   C N N 221 
LYS CE   C N N 222 
LYS NZ   N N N 223 
LYS OXT  O N N 224 
LYS H    H N N 225 
LYS H2   H N N 226 
LYS HA   H N N 227 
LYS HB2  H N N 228 
LYS HB3  H N N 229 
LYS HG2  H N N 230 
LYS HG3  H N N 231 
LYS HD2  H N N 232 
LYS HD3  H N N 233 
LYS HE2  H N N 234 
LYS HE3  H N N 235 
LYS HZ1  H N N 236 
LYS HZ2  H N N 237 
LYS HZ3  H N N 238 
LYS HXT  H N N 239 
MET N    N N N 240 
MET CA   C N S 241 
MET C    C N N 242 
MET O    O N N 243 
MET CB   C N N 244 
MET CG   C N N 245 
MET SD   S N N 246 
MET CE   C N N 247 
MET OXT  O N N 248 
MET H    H N N 249 
MET H2   H N N 250 
MET HA   H N N 251 
MET HB2  H N N 252 
MET HB3  H N N 253 
MET HG2  H N N 254 
MET HG3  H N N 255 
MET HE1  H N N 256 
MET HE2  H N N 257 
MET HE3  H N N 258 
MET HXT  H N N 259 
PHE N    N N N 260 
PHE CA   C N S 261 
PHE C    C N N 262 
PHE O    O N N 263 
PHE CB   C N N 264 
PHE CG   C Y N 265 
PHE CD1  C Y N 266 
PHE CD2  C Y N 267 
PHE CE1  C Y N 268 
PHE CE2  C Y N 269 
PHE CZ   C Y N 270 
PHE OXT  O N N 271 
PHE H    H N N 272 
PHE H2   H N N 273 
PHE HA   H N N 274 
PHE HB2  H N N 275 
PHE HB3  H N N 276 
PHE HD1  H N N 277 
PHE HD2  H N N 278 
PHE HE1  H N N 279 
PHE HE2  H N N 280 
PHE HZ   H N N 281 
PHE HXT  H N N 282 
PRO N    N N N 283 
PRO CA   C N S 284 
PRO C    C N N 285 
PRO O    O N N 286 
PRO CB   C N N 287 
PRO CG   C N N 288 
PRO CD   C N N 289 
PRO OXT  O N N 290 
PRO H    H N N 291 
PRO HA   H N N 292 
PRO HB2  H N N 293 
PRO HB3  H N N 294 
PRO HG2  H N N 295 
PRO HG3  H N N 296 
PRO HD2  H N N 297 
PRO HD3  H N N 298 
PRO HXT  H N N 299 
SER N    N N N 300 
SER CA   C N S 301 
SER C    C N N 302 
SER O    O N N 303 
SER CB   C N N 304 
SER OG   O N N 305 
SER OXT  O N N 306 
SER H    H N N 307 
SER H2   H N N 308 
SER HA   H N N 309 
SER HB2  H N N 310 
SER HB3  H N N 311 
SER HG   H N N 312 
SER HXT  H N N 313 
SO4 S    S N N 314 
SO4 O1   O N N 315 
SO4 O2   O N N 316 
SO4 O3   O N N 317 
SO4 O4   O N N 318 
THR N    N N N 319 
THR CA   C N S 320 
THR C    C N N 321 
THR O    O N N 322 
THR CB   C N R 323 
THR OG1  O N N 324 
THR CG2  C N N 325 
THR OXT  O N N 326 
THR H    H N N 327 
THR H2   H N N 328 
THR HA   H N N 329 
THR HB   H N N 330 
THR HG1  H N N 331 
THR HG21 H N N 332 
THR HG22 H N N 333 
THR HG23 H N N 334 
THR HXT  H N N 335 
TRP N    N N N 336 
TRP CA   C N S 337 
TRP C    C N N 338 
TRP O    O N N 339 
TRP CB   C N N 340 
TRP CG   C Y N 341 
TRP CD1  C Y N 342 
TRP CD2  C Y N 343 
TRP NE1  N Y N 344 
TRP CE2  C Y N 345 
TRP CE3  C Y N 346 
TRP CZ2  C Y N 347 
TRP CZ3  C Y N 348 
TRP CH2  C Y N 349 
TRP OXT  O N N 350 
TRP H    H N N 351 
TRP H2   H N N 352 
TRP HA   H N N 353 
TRP HB2  H N N 354 
TRP HB3  H N N 355 
TRP HD1  H N N 356 
TRP HE1  H N N 357 
TRP HE3  H N N 358 
TRP HZ2  H N N 359 
TRP HZ3  H N N 360 
TRP HH2  H N N 361 
TRP HXT  H N N 362 
TV9 N1   N Y N 363 
TV9 C4   C N N 364 
TV9 C5   C N N 365 
TV9 C6   C Y N 366 
TV9 C7   C Y N 367 
TV9 C8   C Y N 368 
TV9 C10  C Y N 369 
TV9 N    N N N 370 
TV9 C    C N N 371 
TV9 O    O N N 372 
TV9 C1   C N S 373 
TV9 C2   C N N 374 
TV9 C3   C N N 375 
TV9 C9   C Y N 376 
TV9 H1   H N N 377 
TV9 H2   H N N 378 
TV9 H3   H N N 379 
TV9 H4   H N N 380 
TV9 H5   H N N 381 
TV9 H6   H N N 382 
TV9 H7   H N N 383 
TV9 H8   H N N 384 
TV9 H9   H N N 385 
TV9 H10  H N N 386 
TV9 H11  H N N 387 
TV9 H12  H N N 388 
TV9 H13  H N N 389 
TV9 H14  H N N 390 
TYR N    N N N 391 
TYR CA   C N S 392 
TYR C    C N N 393 
TYR O    O N N 394 
TYR CB   C N N 395 
TYR CG   C Y N 396 
TYR CD1  C Y N 397 
TYR CD2  C Y N 398 
TYR CE1  C Y N 399 
TYR CE2  C Y N 400 
TYR CZ   C Y N 401 
TYR OH   O N N 402 
TYR OXT  O N N 403 
TYR H    H N N 404 
TYR H2   H N N 405 
TYR HA   H N N 406 
TYR HB2  H N N 407 
TYR HB3  H N N 408 
TYR HD1  H N N 409 
TYR HD2  H N N 410 
TYR HE1  H N N 411 
TYR HE2  H N N 412 
TYR HH   H N N 413 
TYR HXT  H N N 414 
VAL N    N N N 415 
VAL CA   C N S 416 
VAL C    C N N 417 
VAL O    O N N 418 
VAL CB   C N N 419 
VAL CG1  C N N 420 
VAL CG2  C N N 421 
VAL OXT  O N N 422 
VAL H    H N N 423 
VAL H2   H N N 424 
VAL HA   H N N 425 
VAL HB   H N N 426 
VAL HG11 H N N 427 
VAL HG12 H N N 428 
VAL HG13 H N N 429 
VAL HG21 H N N 430 
VAL HG22 H N N 431 
VAL HG23 H N N 432 
VAL HXT  H N N 433 
# 
loop_
_chem_comp_bond.comp_id 
_chem_comp_bond.atom_id_1 
_chem_comp_bond.atom_id_2 
_chem_comp_bond.value_order 
_chem_comp_bond.pdbx_aromatic_flag 
_chem_comp_bond.pdbx_stereo_config 
_chem_comp_bond.pdbx_ordinal 
ALA N   CA   sing N N 1   
ALA N   H    sing N N 2   
ALA N   H2   sing N N 3   
ALA CA  C    sing N N 4   
ALA CA  CB   sing N N 5   
ALA CA  HA   sing N N 6   
ALA C   O    doub N N 7   
ALA C   OXT  sing N N 8   
ALA CB  HB1  sing N N 9   
ALA CB  HB2  sing N N 10  
ALA CB  HB3  sing N N 11  
ALA OXT HXT  sing N N 12  
ARG N   CA   sing N N 13  
ARG N   H    sing N N 14  
ARG N   H2   sing N N 15  
ARG CA  C    sing N N 16  
ARG CA  CB   sing N N 17  
ARG CA  HA   sing N N 18  
ARG C   O    doub N N 19  
ARG C   OXT  sing N N 20  
ARG CB  CG   sing N N 21  
ARG CB  HB2  sing N N 22  
ARG CB  HB3  sing N N 23  
ARG CG  CD   sing N N 24  
ARG CG  HG2  sing N N 25  
ARG CG  HG3  sing N N 26  
ARG CD  NE   sing N N 27  
ARG CD  HD2  sing N N 28  
ARG CD  HD3  sing N N 29  
ARG NE  CZ   sing N N 30  
ARG NE  HE   sing N N 31  
ARG CZ  NH1  sing N N 32  
ARG CZ  NH2  doub N N 33  
ARG NH1 HH11 sing N N 34  
ARG NH1 HH12 sing N N 35  
ARG NH2 HH21 sing N N 36  
ARG NH2 HH22 sing N N 37  
ARG OXT HXT  sing N N 38  
ASN N   CA   sing N N 39  
ASN N   H    sing N N 40  
ASN N   H2   sing N N 41  
ASN CA  C    sing N N 42  
ASN CA  CB   sing N N 43  
ASN CA  HA   sing N N 44  
ASN C   O    doub N N 45  
ASN C   OXT  sing N N 46  
ASN CB  CG   sing N N 47  
ASN CB  HB2  sing N N 48  
ASN CB  HB3  sing N N 49  
ASN CG  OD1  doub N N 50  
ASN CG  ND2  sing N N 51  
ASN ND2 HD21 sing N N 52  
ASN ND2 HD22 sing N N 53  
ASN OXT HXT  sing N N 54  
ASP N   CA   sing N N 55  
ASP N   H    sing N N 56  
ASP N   H2   sing N N 57  
ASP CA  C    sing N N 58  
ASP CA  CB   sing N N 59  
ASP CA  HA   sing N N 60  
ASP C   O    doub N N 61  
ASP C   OXT  sing N N 62  
ASP CB  CG   sing N N 63  
ASP CB  HB2  sing N N 64  
ASP CB  HB3  sing N N 65  
ASP CG  OD1  doub N N 66  
ASP CG  OD2  sing N N 67  
ASP OD2 HD2  sing N N 68  
ASP OXT HXT  sing N N 69  
CYS N   CA   sing N N 70  
CYS N   H    sing N N 71  
CYS N   H2   sing N N 72  
CYS CA  C    sing N N 73  
CYS CA  CB   sing N N 74  
CYS CA  HA   sing N N 75  
CYS C   O    doub N N 76  
CYS C   OXT  sing N N 77  
CYS CB  SG   sing N N 78  
CYS CB  HB2  sing N N 79  
CYS CB  HB3  sing N N 80  
CYS SG  HG   sing N N 81  
CYS OXT HXT  sing N N 82  
EDO C1  O1   sing N N 83  
EDO C1  C2   sing N N 84  
EDO C1  H11  sing N N 85  
EDO C1  H12  sing N N 86  
EDO O1  HO1  sing N N 87  
EDO C2  O2   sing N N 88  
EDO C2  H21  sing N N 89  
EDO C2  H22  sing N N 90  
EDO O2  HO2  sing N N 91  
GLN N   CA   sing N N 92  
GLN N   H    sing N N 93  
GLN N   H2   sing N N 94  
GLN CA  C    sing N N 95  
GLN CA  CB   sing N N 96  
GLN CA  HA   sing N N 97  
GLN C   O    doub N N 98  
GLN C   OXT  sing N N 99  
GLN CB  CG   sing N N 100 
GLN CB  HB2  sing N N 101 
GLN CB  HB3  sing N N 102 
GLN CG  CD   sing N N 103 
GLN CG  HG2  sing N N 104 
GLN CG  HG3  sing N N 105 
GLN CD  OE1  doub N N 106 
GLN CD  NE2  sing N N 107 
GLN NE2 HE21 sing N N 108 
GLN NE2 HE22 sing N N 109 
GLN OXT HXT  sing N N 110 
GLU N   CA   sing N N 111 
GLU N   H    sing N N 112 
GLU N   H2   sing N N 113 
GLU CA  C    sing N N 114 
GLU CA  CB   sing N N 115 
GLU CA  HA   sing N N 116 
GLU C   O    doub N N 117 
GLU C   OXT  sing N N 118 
GLU CB  CG   sing N N 119 
GLU CB  HB2  sing N N 120 
GLU CB  HB3  sing N N 121 
GLU CG  CD   sing N N 122 
GLU CG  HG2  sing N N 123 
GLU CG  HG3  sing N N 124 
GLU CD  OE1  doub N N 125 
GLU CD  OE2  sing N N 126 
GLU OE2 HE2  sing N N 127 
GLU OXT HXT  sing N N 128 
GLY N   CA   sing N N 129 
GLY N   H    sing N N 130 
GLY N   H2   sing N N 131 
GLY CA  C    sing N N 132 
GLY CA  HA2  sing N N 133 
GLY CA  HA3  sing N N 134 
GLY C   O    doub N N 135 
GLY C   OXT  sing N N 136 
GLY OXT HXT  sing N N 137 
HIS N   CA   sing N N 138 
HIS N   H    sing N N 139 
HIS N   H2   sing N N 140 
HIS CA  C    sing N N 141 
HIS CA  CB   sing N N 142 
HIS CA  HA   sing N N 143 
HIS C   O    doub N N 144 
HIS C   OXT  sing N N 145 
HIS CB  CG   sing N N 146 
HIS CB  HB2  sing N N 147 
HIS CB  HB3  sing N N 148 
HIS CG  ND1  sing Y N 149 
HIS CG  CD2  doub Y N 150 
HIS ND1 CE1  doub Y N 151 
HIS ND1 HD1  sing N N 152 
HIS CD2 NE2  sing Y N 153 
HIS CD2 HD2  sing N N 154 
HIS CE1 NE2  sing Y N 155 
HIS CE1 HE1  sing N N 156 
HIS NE2 HE2  sing N N 157 
HIS OXT HXT  sing N N 158 
HOH O   H1   sing N N 159 
HOH O   H2   sing N N 160 
ILE N   CA   sing N N 161 
ILE N   H    sing N N 162 
ILE N   H2   sing N N 163 
ILE CA  C    sing N N 164 
ILE CA  CB   sing N N 165 
ILE CA  HA   sing N N 166 
ILE C   O    doub N N 167 
ILE C   OXT  sing N N 168 
ILE CB  CG1  sing N N 169 
ILE CB  CG2  sing N N 170 
ILE CB  HB   sing N N 171 
ILE CG1 CD1  sing N N 172 
ILE CG1 HG12 sing N N 173 
ILE CG1 HG13 sing N N 174 
ILE CG2 HG21 sing N N 175 
ILE CG2 HG22 sing N N 176 
ILE CG2 HG23 sing N N 177 
ILE CD1 HD11 sing N N 178 
ILE CD1 HD12 sing N N 179 
ILE CD1 HD13 sing N N 180 
ILE OXT HXT  sing N N 181 
LEU N   CA   sing N N 182 
LEU N   H    sing N N 183 
LEU N   H2   sing N N 184 
LEU CA  C    sing N N 185 
LEU CA  CB   sing N N 186 
LEU CA  HA   sing N N 187 
LEU C   O    doub N N 188 
LEU C   OXT  sing N N 189 
LEU CB  CG   sing N N 190 
LEU CB  HB2  sing N N 191 
LEU CB  HB3  sing N N 192 
LEU CG  CD1  sing N N 193 
LEU CG  CD2  sing N N 194 
LEU CG  HG   sing N N 195 
LEU CD1 HD11 sing N N 196 
LEU CD1 HD12 sing N N 197 
LEU CD1 HD13 sing N N 198 
LEU CD2 HD21 sing N N 199 
LEU CD2 HD22 sing N N 200 
LEU CD2 HD23 sing N N 201 
LEU OXT HXT  sing N N 202 
LYS N   CA   sing N N 203 
LYS N   H    sing N N 204 
LYS N   H2   sing N N 205 
LYS CA  C    sing N N 206 
LYS CA  CB   sing N N 207 
LYS CA  HA   sing N N 208 
LYS C   O    doub N N 209 
LYS C   OXT  sing N N 210 
LYS CB  CG   sing N N 211 
LYS CB  HB2  sing N N 212 
LYS CB  HB3  sing N N 213 
LYS CG  CD   sing N N 214 
LYS CG  HG2  sing N N 215 
LYS CG  HG3  sing N N 216 
LYS CD  CE   sing N N 217 
LYS CD  HD2  sing N N 218 
LYS CD  HD3  sing N N 219 
LYS CE  NZ   sing N N 220 
LYS CE  HE2  sing N N 221 
LYS CE  HE3  sing N N 222 
LYS NZ  HZ1  sing N N 223 
LYS NZ  HZ2  sing N N 224 
LYS NZ  HZ3  sing N N 225 
LYS OXT HXT  sing N N 226 
MET N   CA   sing N N 227 
MET N   H    sing N N 228 
MET N   H2   sing N N 229 
MET CA  C    sing N N 230 
MET CA  CB   sing N N 231 
MET CA  HA   sing N N 232 
MET C   O    doub N N 233 
MET C   OXT  sing N N 234 
MET CB  CG   sing N N 235 
MET CB  HB2  sing N N 236 
MET CB  HB3  sing N N 237 
MET CG  SD   sing N N 238 
MET CG  HG2  sing N N 239 
MET CG  HG3  sing N N 240 
MET SD  CE   sing N N 241 
MET CE  HE1  sing N N 242 
MET CE  HE2  sing N N 243 
MET CE  HE3  sing N N 244 
MET OXT HXT  sing N N 245 
PHE N   CA   sing N N 246 
PHE N   H    sing N N 247 
PHE N   H2   sing N N 248 
PHE CA  C    sing N N 249 
PHE CA  CB   sing N N 250 
PHE CA  HA   sing N N 251 
PHE C   O    doub N N 252 
PHE C   OXT  sing N N 253 
PHE CB  CG   sing N N 254 
PHE CB  HB2  sing N N 255 
PHE CB  HB3  sing N N 256 
PHE CG  CD1  doub Y N 257 
PHE CG  CD2  sing Y N 258 
PHE CD1 CE1  sing Y N 259 
PHE CD1 HD1  sing N N 260 
PHE CD2 CE2  doub Y N 261 
PHE CD2 HD2  sing N N 262 
PHE CE1 CZ   doub Y N 263 
PHE CE1 HE1  sing N N 264 
PHE CE2 CZ   sing Y N 265 
PHE CE2 HE2  sing N N 266 
PHE CZ  HZ   sing N N 267 
PHE OXT HXT  sing N N 268 
PRO N   CA   sing N N 269 
PRO N   CD   sing N N 270 
PRO N   H    sing N N 271 
PRO CA  C    sing N N 272 
PRO CA  CB   sing N N 273 
PRO CA  HA   sing N N 274 
PRO C   O    doub N N 275 
PRO C   OXT  sing N N 276 
PRO CB  CG   sing N N 277 
PRO CB  HB2  sing N N 278 
PRO CB  HB3  sing N N 279 
PRO CG  CD   sing N N 280 
PRO CG  HG2  sing N N 281 
PRO CG  HG3  sing N N 282 
PRO CD  HD2  sing N N 283 
PRO CD  HD3  sing N N 284 
PRO OXT HXT  sing N N 285 
SER N   CA   sing N N 286 
SER N   H    sing N N 287 
SER N   H2   sing N N 288 
SER CA  C    sing N N 289 
SER CA  CB   sing N N 290 
SER CA  HA   sing N N 291 
SER C   O    doub N N 292 
SER C   OXT  sing N N 293 
SER CB  OG   sing N N 294 
SER CB  HB2  sing N N 295 
SER CB  HB3  sing N N 296 
SER OG  HG   sing N N 297 
SER OXT HXT  sing N N 298 
SO4 S   O1   doub N N 299 
SO4 S   O2   doub N N 300 
SO4 S   O3   sing N N 301 
SO4 S   O4   sing N N 302 
THR N   CA   sing N N 303 
THR N   H    sing N N 304 
THR N   H2   sing N N 305 
THR CA  C    sing N N 306 
THR CA  CB   sing N N 307 
THR CA  HA   sing N N 308 
THR C   O    doub N N 309 
THR C   OXT  sing N N 310 
THR CB  OG1  sing N N 311 
THR CB  CG2  sing N N 312 
THR CB  HB   sing N N 313 
THR OG1 HG1  sing N N 314 
THR CG2 HG21 sing N N 315 
THR CG2 HG22 sing N N 316 
THR CG2 HG23 sing N N 317 
THR OXT HXT  sing N N 318 
TRP N   CA   sing N N 319 
TRP N   H    sing N N 320 
TRP N   H2   sing N N 321 
TRP CA  C    sing N N 322 
TRP CA  CB   sing N N 323 
TRP CA  HA   sing N N 324 
TRP C   O    doub N N 325 
TRP C   OXT  sing N N 326 
TRP CB  CG   sing N N 327 
TRP CB  HB2  sing N N 328 
TRP CB  HB3  sing N N 329 
TRP CG  CD1  doub Y N 330 
TRP CG  CD2  sing Y N 331 
TRP CD1 NE1  sing Y N 332 
TRP CD1 HD1  sing N N 333 
TRP CD2 CE2  doub Y N 334 
TRP CD2 CE3  sing Y N 335 
TRP NE1 CE2  sing Y N 336 
TRP NE1 HE1  sing N N 337 
TRP CE2 CZ2  sing Y N 338 
TRP CE3 CZ3  doub Y N 339 
TRP CE3 HE3  sing N N 340 
TRP CZ2 CH2  doub Y N 341 
TRP CZ2 HZ2  sing N N 342 
TRP CZ3 CH2  sing Y N 343 
TRP CZ3 HZ3  sing N N 344 
TRP CH2 HH2  sing N N 345 
TRP OXT HXT  sing N N 346 
TV9 C7  C8   doub Y N 347 
TV9 C7  C6   sing Y N 348 
TV9 C   C1   sing N N 349 
TV9 C8  C9   sing Y N 350 
TV9 C1  C6   sing N N 351 
TV9 C1  N    sing N N 352 
TV9 C6  C10  doub Y N 353 
TV9 C9  N1   doub Y N 354 
TV9 N   C2   sing N N 355 
TV9 C10 N1   sing Y N 356 
TV9 O   C2   doub N N 357 
TV9 C2  C3   sing N N 358 
TV9 C3  C4   sing N N 359 
TV9 C3  C5   sing N N 360 
TV9 C4  C5   sing N N 361 
TV9 C4  H1   sing N N 362 
TV9 C4  H2   sing N N 363 
TV9 C5  H3   sing N N 364 
TV9 C5  H4   sing N N 365 
TV9 C7  H5   sing N N 366 
TV9 C8  H6   sing N N 367 
TV9 C10 H7   sing N N 368 
TV9 N   H8   sing N N 369 
TV9 C   H9   sing N N 370 
TV9 C   H10  sing N N 371 
TV9 C   H11  sing N N 372 
TV9 C1  H12  sing N N 373 
TV9 C3  H13  sing N N 374 
TV9 C9  H14  sing N N 375 
TYR N   CA   sing N N 376 
TYR N   H    sing N N 377 
TYR N   H2   sing N N 378 
TYR CA  C    sing N N 379 
TYR CA  CB   sing N N 380 
TYR CA  HA   sing N N 381 
TYR C   O    doub N N 382 
TYR C   OXT  sing N N 383 
TYR CB  CG   sing N N 384 
TYR CB  HB2  sing N N 385 
TYR CB  HB3  sing N N 386 
TYR CG  CD1  doub Y N 387 
TYR CG  CD2  sing Y N 388 
TYR CD1 CE1  sing Y N 389 
TYR CD1 HD1  sing N N 390 
TYR CD2 CE2  doub Y N 391 
TYR CD2 HD2  sing N N 392 
TYR CE1 CZ   doub Y N 393 
TYR CE1 HE1  sing N N 394 
TYR CE2 CZ   sing Y N 395 
TYR CE2 HE2  sing N N 396 
TYR CZ  OH   sing N N 397 
TYR OH  HH   sing N N 398 
TYR OXT HXT  sing N N 399 
VAL N   CA   sing N N 400 
VAL N   H    sing N N 401 
VAL N   H2   sing N N 402 
VAL CA  C    sing N N 403 
VAL CA  CB   sing N N 404 
VAL CA  HA   sing N N 405 
VAL C   O    doub N N 406 
VAL C   OXT  sing N N 407 
VAL CB  CG1  sing N N 408 
VAL CB  CG2  sing N N 409 
VAL CB  HB   sing N N 410 
VAL CG1 HG11 sing N N 411 
VAL CG1 HG12 sing N N 412 
VAL CG1 HG13 sing N N 413 
VAL CG2 HG21 sing N N 414 
VAL CG2 HG22 sing N N 415 
VAL CG2 HG23 sing N N 416 
VAL OXT HXT  sing N N 417 
# 
_pdbx_audit_support.ordinal                1 
_pdbx_audit_support.funding_organization   'European Union (EU)' 
_pdbx_audit_support.grant_number           875510 
_pdbx_audit_support.country                'European Union' 
# 
_pdbx_deposit_group.group_id            G_1002320 
_pdbx_deposit_group.group_description   
;PRYSPRY domain of murine TRIM21 screened against the DSI-poised Fragment Library by X-ray Crystallography at the XChem facility of Diamon Light Source
;
_pdbx_deposit_group.group_title         'PanDDA analysis group deposition' 
_pdbx_deposit_group.group_type          'changed state' 
# 
_pdbx_initial_refinement_model.id               1 
_pdbx_initial_refinement_model.entity_id_list   ? 
_pdbx_initial_refinement_model.type             'experimental model' 
_pdbx_initial_refinement_model.source_name      PDB 
_pdbx_initial_refinement_model.accession_code   2VOK 
_pdbx_initial_refinement_model.details          ? 
# 
_atom_sites.entry_id                    7HNC 
_atom_sites.fract_transf_matrix[1][1]   0.00824565 
_atom_sites.fract_transf_matrix[1][2]   -0.00567762 
_atom_sites.fract_transf_matrix[1][3]   0.00310919 
_atom_sites.fract_transf_matrix[2][1]   0.00644090 
_atom_sites.fract_transf_matrix[2][2]   0.00769858 
_atom_sites.fract_transf_matrix[2][3]   -0.00302323 
_atom_sites.fract_transf_matrix[3][1]   -0.00134115 
_atom_sites.fract_transf_matrix[3][2]   0.00890351 
_atom_sites.fract_transf_matrix[3][3]   0.01981525 
_atom_sites.fract_transf_vector[1]      -0.298049 
_atom_sites.fract_transf_vector[2]      -0.118141 
_atom_sites.fract_transf_vector[3]      -0.503637 
# 
loop_
_atom_type.symbol 
C 
N 
O 
S 
# 
loop_
_atom_site.group_PDB 
_atom_site.id 
_atom_site.type_symbol 
_atom_site.label_atom_id 
_atom_site.label_alt_id 
_atom_site.label_comp_id 
_atom_site.label_asym_id 
_atom_site.label_entity_id 
_atom_site.label_seq_id 
_atom_site.pdbx_PDB_ins_code 
_atom_site.Cartn_x 
_atom_site.Cartn_y 
_atom_site.Cartn_z 
_atom_site.occupancy 
_atom_site.B_iso_or_equiv 
_atom_site.pdbx_formal_charge 
_atom_site.auth_seq_id 
_atom_site.auth_comp_id 
_atom_site.auth_asym_id 
_atom_site.auth_atom_id 
_atom_site.pdbx_PDB_model_num 
ATOM   1    N N   . HIS A 1 2   ? 10.301  -3.516  16.690  1.00 48.89 ? 8   HIS B N   1 
ATOM   2    C CA  . HIS A 1 2   ? 10.297  -4.894  16.071  1.00 45.42 ? 8   HIS B CA  1 
ATOM   3    C C   . HIS A 1 2   ? 11.714  -5.252  15.603  1.00 45.00 ? 8   HIS B C   1 
ATOM   4    O O   . HIS A 1 2   ? 12.603  -4.358  15.650  1.00 43.92 ? 8   HIS B O   1 
ATOM   5    C CB  . HIS A 1 2   ? 9.276   -4.969  14.918  1.00 38.25 ? 8   HIS B CB  1 
ATOM   6    C CG  . HIS A 1 2   ? 9.589   -4.057  13.779  1.00 34.80 ? 8   HIS B CG  1 
ATOM   7    N ND1 . HIS A 1 2   ? 10.501  -4.398  12.788  1.00 35.41 ? 8   HIS B ND1 1 
ATOM   8    C CD2 . HIS A 1 2   ? 9.140   -2.824  13.464  1.00 34.43 ? 8   HIS B CD2 1 
ATOM   9    C CE1 . HIS A 1 2   ? 10.593  -3.408  11.917  1.00 35.34 ? 8   HIS B CE1 1 
ATOM   10   N NE2 . HIS A 1 2   ? 9.784   -2.419  12.315  1.00 31.63 ? 8   HIS B NE2 1 
ATOM   11   N N   . HIS A 1 3   ? 11.895  -6.487  15.122  1.00 39.60 ? 9   HIS B N   1 
ATOM   12   C CA  . HIS A 1 3   ? 13.192  -7.060  14.679  1.00 40.08 ? 9   HIS B CA  1 
ATOM   13   C C   . HIS A 1 3   ? 13.072  -7.644  13.262  1.00 35.25 ? 9   HIS B C   1 
ATOM   14   O O   . HIS A 1 3   ? 13.737  -8.658  12.999  1.00 36.04 ? 9   HIS B O   1 
ATOM   15   C CB  . HIS A 1 3   ? 13.657  -8.118  15.699  1.00 48.31 ? 9   HIS B CB  1 
ATOM   16   C CG  . HIS A 1 3   ? 13.618  -7.639  17.114  1.00 59.46 ? 9   HIS B CG  1 
ATOM   17   N ND1 . HIS A 1 3   ? 14.641  -6.884  17.671  1.00 59.51 ? 9   HIS B ND1 1 
ATOM   18   C CD2 . HIS A 1 3   ? 12.682  -7.785  18.082  1.00 65.16 ? 9   HIS B CD2 1 
ATOM   19   C CE1 . HIS A 1 3   ? 14.341  -6.594  18.921  1.00 64.69 ? 9   HIS B CE1 1 
ATOM   20   N NE2 . HIS A 1 3   ? 13.143  -7.136  19.199  1.00 68.92 ? 9   HIS B NE2 1 
ATOM   21   N N   . HIS A 1 4   ? 12.285  -7.019  12.367  1.00 29.08 ? 10  HIS B N   1 
ATOM   22   C CA  . HIS A 1 4   ? 11.937  -7.560  11.020  1.00 26.10 ? 10  HIS B CA  1 
ATOM   23   C C   . HIS A 1 4   ? 12.848  -6.939  9.966   1.00 26.45 ? 10  HIS B C   1 
ATOM   24   O O   . HIS A 1 4   ? 12.756  -7.343  8.779   1.00 24.74 ? 10  HIS B O   1 
ATOM   25   C CB  . HIS A 1 4   ? 10.466  -7.262  10.654  1.00 25.89 ? 10  HIS B CB  1 
ATOM   26   C CG  . HIS A 1 4   ? 9.475   -7.933  11.533  1.00 26.04 ? 10  HIS B CG  1 
ATOM   27   N ND1 . HIS A 1 4   ? 9.569   -9.264  11.898  1.00 24.92 ? 10  HIS B ND1 1 
ATOM   28   C CD2 . HIS A 1 4   ? 8.355   -7.459  12.117  1.00 24.70 ? 10  HIS B CD2 1 
ATOM   29   C CE1 . HIS A 1 4   ? 8.548   -9.567  12.681  1.00 28.10 ? 10  HIS B CE1 1 
ATOM   30   N NE2 . HIS A 1 4   ? 7.808   -8.482  12.829  1.00 28.79 ? 10  HIS B NE2 1 
ATOM   31   N N   . HIS A 1 5   ? 13.666  -5.957  10.348  1.00 27.55 ? 11  HIS B N   1 
ATOM   32   C CA  . HIS A 1 5   ? 14.417  -5.105  9.391   1.00 26.61 ? 11  HIS B CA  1 
ATOM   33   C C   . HIS A 1 5   ? 15.291  -5.943  8.454   1.00 24.72 ? 11  HIS B C   1 
ATOM   34   O O   . HIS A 1 5   ? 15.426  -5.578  7.280   1.00 27.17 ? 11  HIS B O   1 
ATOM   35   C CB  . HIS A 1 5   ? 15.254  -4.041  10.133  1.00 31.56 ? 11  HIS B CB  1 
ATOM   36   C CG  . HIS A 1 5   ? 14.424  -3.183  11.013  1.00 36.32 ? 11  HIS B CG  1 
ATOM   37   N ND1 . HIS A 1 5   ? 14.194  -3.511  12.347  1.00 41.21 ? 11  HIS B ND1 1 
ATOM   38   C CD2 . HIS A 1 5   ? 13.734  -2.040  10.767  1.00 38.56 ? 11  HIS B CD2 1 
ATOM   39   C CE1 . HIS A 1 5   ? 13.415  -2.590  12.896  1.00 41.56 ? 11  HIS B CE1 1 
ATOM   40   N NE2 . HIS A 1 5   ? 13.113  -1.672  11.942  1.00 40.49 ? 11  HIS B NE2 1 
ATOM   41   N N   . HIS A 1 6   ? 15.823  -7.072  8.929   1.00 23.77 ? 12  HIS B N   1 
ATOM   42   C CA  . HIS A 1 6   ? 16.745  -7.941  8.156   1.00 24.14 ? 12  HIS B CA  1 
ATOM   43   C C   . HIS A 1 6   ? 16.054  -8.651  6.986   1.00 23.63 ? 12  HIS B C   1 
ATOM   44   O O   . HIS A 1 6   ? 16.747  -9.241  6.156   1.00 25.07 ? 12  HIS B O   1 
ATOM   45   C CB  . HIS A 1 6   ? 17.453  -8.929  9.093   1.00 27.76 ? 12  HIS B CB  1 
ATOM   46   C CG  . HIS A 1 6   ? 16.548  -9.809  9.869   1.00 25.64 ? 12  HIS B CG  1 
ATOM   47   N ND1 . HIS A 1 6   ? 16.469  -11.173 9.641   1.00 33.25 ? 12  HIS B ND1 1 
ATOM   48   C CD2 . HIS A 1 6   ? 15.725  -9.551  10.906  1.00 29.44 ? 12  HIS B CD2 1 
ATOM   49   C CE1 . HIS A 1 6   ? 15.641  -11.712 10.502  1.00 27.46 ? 12  HIS B CE1 1 
ATOM   50   N NE2 . HIS A 1 6   ? 15.146  -10.742 11.277  1.00 33.56 ? 12  HIS B NE2 1 
ATOM   51   N N   . HIS A 1 7   ? 14.722  -8.664  6.928   1.00 20.73 ? 13  HIS B N   1 
ATOM   52   C CA  . HIS A 1 7   ? 13.916  -9.188  5.786   1.00 17.84 ? 13  HIS B CA  1 
ATOM   53   C C   . HIS A 1 7   ? 13.648  -8.087  4.760   1.00 15.72 ? 13  HIS B C   1 
ATOM   54   O O   . HIS A 1 7   ? 12.786  -8.299  3.920   1.00 15.41 ? 13  HIS B O   1 
ATOM   55   C CB  . HIS A 1 7   ? 12.608  -9.777  6.295   1.00 17.21 ? 13  HIS B CB  1 
ATOM   56   C CG  . HIS A 1 7   ? 12.819  -10.917 7.242   1.00 17.80 ? 13  HIS B CG  1 
ATOM   57   N ND1 . HIS A 1 7   ? 13.502  -12.062 6.851   1.00 18.97 ? 13  HIS B ND1 1 
ATOM   58   C CD2 . HIS A 1 7   ? 12.463  -11.046 8.525   1.00 19.74 ? 13  HIS B CD2 1 
ATOM   59   C CE1 . HIS A 1 7   ? 13.553  -12.871 7.891   1.00 18.69 ? 13  HIS B CE1 1 
ATOM   60   N NE2 . HIS A 1 7   ? 12.952  -12.283 8.924   1.00 20.71 ? 13  HIS B NE2 1 
ATOM   61   N N   . MET A 1 8   ? 14.339  -6.959  4.837   1.00 16.43 ? 14  MET B N   1 
ATOM   62   C CA  . MET A 1 8   ? 14.144  -5.819  3.904   1.00 18.34 ? 14  MET B CA  1 
ATOM   63   C C   . MET A 1 8   ? 14.246  -6.305  2.466   1.00 18.83 ? 14  MET B C   1 
ATOM   64   O O   . MET A 1 8   ? 15.220  -7.046  2.091   1.00 20.62 ? 14  MET B O   1 
ATOM   65   C CB  . MET A 1 8   ? 15.199  -4.738  4.159   1.00 22.70 ? 14  MET B CB  1 
ATOM   66   C CG  . MET A 1 8   ? 15.057  -3.491  3.286   1.00 26.56 ? 14  MET B CG  1 
ATOM   67   S SD  . MET A 1 8   ? 13.633  -2.434  3.765   1.00 38.88 ? 14  MET B SD  1 
ATOM   68   C CE  . MET A 1 8   ? 14.305  -1.607  5.203   1.00 33.05 ? 14  MET B CE  1 
ATOM   69   N N   . VAL A 1 9   ? 13.325  -5.843  1.619   1.00 15.97 ? 15  VAL B N   1 
ATOM   70   C CA  . VAL A 1 9   ? 13.295  -6.099  0.158   1.00 16.61 ? 15  VAL B CA  1 
ATOM   71   C C   . VAL A 1 9   ? 13.229  -4.738  -0.547  1.00 16.55 ? 15  VAL B C   1 
ATOM   72   O O   . VAL A 1 9   ? 12.591  -3.793  -0.029  1.00 16.84 ? 15  VAL B O   1 
ATOM   73   C CB  . VAL A 1 9   ? 12.145  -7.019  -0.267  1.00 16.43 ? 15  VAL B CB  1 
ATOM   74   C CG1 . VAL A 1 9   ? 12.416  -8.445  0.160   1.00 20.45 ? 15  VAL B CG1 1 
ATOM   75   C CG2 . VAL A 1 9   ? 10.787  -6.564  0.240   1.00 16.85 ? 15  VAL B CG2 1 
ATOM   76   N N   . HIS A 1 10  ? 13.870  -4.627  -1.698  1.00 16.05 ? 16  HIS B N   1 
ATOM   77   C CA  . HIS A 1 10  ? 13.895  -3.392  -2.519  1.00 16.54 ? 16  HIS B CA  1 
ATOM   78   C C   . HIS A 1 10  ? 12.678  -3.416  -3.436  1.00 17.27 ? 16  HIS B C   1 
ATOM   79   O O   . HIS A 1 10  ? 12.613  -4.235  -4.347  1.00 20.56 ? 16  HIS B O   1 
ATOM   80   C CB  . HIS A 1 10  ? 15.183  -3.319  -3.329  1.00 17.80 ? 16  HIS B CB  1 
ATOM   81   C CG  . HIS A 1 10  ? 15.338  -2.064  -4.122  1.00 21.76 ? 16  HIS B CG  1 
ATOM   82   N ND1 . HIS A 1 10  ? 15.781  -0.891  -3.553  1.00 25.88 ? 16  HIS B ND1 1 
ATOM   83   C CD2 . HIS A 1 10  ? 15.096  -1.799  -5.421  1.00 24.50 ? 16  HIS B CD2 1 
ATOM   84   C CE1 . HIS A 1 10  ? 15.832  0.057   -4.482  1.00 23.50 ? 16  HIS B CE1 1 
ATOM   85   N NE2 . HIS A 1 10  ? 15.406  -0.485  -5.636  1.00 27.22 ? 16  HIS B NE2 1 
ATOM   86   N N   . ILE A 1 11  ? 11.673  -2.620  -3.119  1.00 13.39 ? 17  ILE B N   1 
ATOM   87   C CA  . ILE A 1 11  ? 10.417  -2.606  -3.903  1.00 13.97 ? 17  ILE B CA  1 
ATOM   88   C C   . ILE A 1 11  ? 10.534  -1.521  -4.993  1.00 13.29 ? 17  ILE B C   1 
ATOM   89   O O   . ILE A 1 11  ? 11.058  -0.439  -4.689  1.00 13.77 ? 17  ILE B O   1 
ATOM   90   C CB  . ILE A 1 11  ? 9.197   -2.352  -2.982  1.00 13.51 ? 17  ILE B CB  1 
ATOM   91   C CG1 . ILE A 1 11  ? 9.047   -3.461  -1.931  1.00 13.96 ? 17  ILE B CG1 1 
ATOM   92   C CG2 . ILE A 1 11  ? 7.940   -2.149  -3.817  1.00 13.64 ? 17  ILE B CG2 1 
ATOM   93   C CD1 . ILE A 1 11  ? 9.015   -4.864  -2.455  1.00 14.70 ? 17  ILE B CD1 1 
ATOM   94   N N   . THR A 1 12  ? 9.979   -1.805  -6.136  1.00 13.01 ? 18  THR B N   1 
ATOM   95   C CA  . THR A 1 12  ? 9.839   -0.792  -7.221  1.00 13.87 ? 18  THR B CA  1 
ATOM   96   C C   . THR A 1 12  ? 8.407   -0.818  -7.721  1.00 13.92 ? 18  THR B C   1 
ATOM   97   O O   . THR A 1 12  ? 7.730   -1.846  -7.615  1.00 15.69 ? 18  THR B O   1 
ATOM   98   C CB  . THR A 1 12  ? 10.842  -1.026  -8.355  1.00 15.98 ? 18  THR B CB  1 
ATOM   99   O OG1 . THR A 1 12  ? 10.661  -2.319  -8.904  1.00 17.69 ? 18  THR B OG1 1 
ATOM   100  C CG2 . THR A 1 12  ? 12.291  -0.791  -7.958  1.00 18.16 ? 18  THR B CG2 1 
ATOM   101  N N   . LEU A 1 13  ? 7.950   0.335   -8.230  1.00 12.53 ? 19  LEU B N   1 
ATOM   102  C CA  . LEU A 1 13  ? 6.547   0.447   -8.685  1.00 12.60 ? 19  LEU B CA  1 
ATOM   103  C C   . LEU A 1 13  ? 6.415   -0.012  -10.133 1.00 12.28 ? 19  LEU B C   1 
ATOM   104  O O   . LEU A 1 13  ? 7.347   0.266   -10.951 1.00 13.96 ? 19  LEU B O   1 
ATOM   105  C CB  . LEU A 1 13  ? 6.140   1.894   -8.523  1.00 12.86 ? 19  LEU B CB  1 
ATOM   106  C CG  . LEU A 1 13  ? 6.156   2.337   -7.071  1.00 12.28 ? 19  LEU B CG  1 
ATOM   107  C CD1 . LEU A 1 13  ? 5.907   3.829   -6.938  1.00 14.88 ? 19  LEU B CD1 1 
ATOM   108  C CD2 . LEU A 1 13  ? 5.189   1.522   -6.196  1.00 14.43 ? 19  LEU B CD2 1 
ATOM   109  N N   . ASP A 1 14  ? 5.337   -0.640  -10.467 1.00 11.39 ? 20  ASP B N   1 
ATOM   110  C CA  . ASP A 1 14  ? 5.030   -1.136  -11.823 1.00 11.54 ? 20  ASP B CA  1 
ATOM   111  C C   . ASP A 1 14  ? 4.081   -0.124  -12.517 1.00 11.91 ? 20  ASP B C   1 
ATOM   112  O O   . ASP A 1 14  ? 2.883   -0.137  -12.285 1.00 11.91 ? 20  ASP B O   1 
ATOM   113  C CB  . ASP A 1 14  ? 4.421   -2.527  -11.776 1.00 12.05 ? 20  ASP B CB  1 
ATOM   114  C CG  . ASP A 1 14  ? 4.075   -3.144  -13.115 1.00 15.38 ? 20  ASP B CG  1 
ATOM   115  O OD1 . ASP A 1 14  ? 4.137   -2.381  -14.115 1.00 15.58 ? 20  ASP B OD1 1 
ATOM   116  O OD2 . ASP A 1 14  ? 3.637   -4.303  -13.183 1.00 15.47 ? 20  ASP B OD2 1 
ATOM   117  N N   . ARG A 1 15  ? 4.665   0.716   -13.384 0.34 11.75 ? 21  ARG B N   1 
ATOM   118  C CA  . ARG A 1 15  ? 3.986   1.791   -14.163 0.34 13.25 ? 21  ARG B CA  1 
ATOM   119  C C   . ARG A 1 15  ? 2.762   1.264   -14.913 0.34 12.47 ? 21  ARG B C   1 
ATOM   120  O O   . ARG A 1 15  ? 1.774   2.023   -15.064 0.34 12.77 ? 21  ARG B O   1 
ATOM   121  C CB  . ARG A 1 15  ? 4.951   2.382   -15.204 0.66 16.34 ? 21  ARG B CB  1 
ATOM   122  C CG  . ARG A 1 15  ? 5.864   3.436   -14.617 0.34 16.30 ? 21  ARG B CG  1 
ATOM   123  C CD  . ARG A 1 15  ? 6.235   4.472   -15.650 0.34 16.48 ? 21  ARG B CD  1 
ATOM   124  N NE  . ARG A 1 15  ? 7.156   5.368   -15.010 0.34 17.89 ? 21  ARG B NE  1 
ATOM   125  C CZ  . ARG A 1 15  ? 8.418   5.071   -14.811 0.34 17.55 ? 21  ARG B CZ  1 
ATOM   126  N NH1 . ARG A 1 15  ? 9.202   5.924   -14.178 0.34 19.45 ? 21  ARG B NH1 1 
ATOM   127  N NH2 . ARG A 1 15  ? 8.893   3.922   -15.265 0.34 18.69 ? 21  ARG B NH2 1 
ATOM   128  N N   . ASN A 1 16  ? 2.834   0.023   -15.384 1.00 13.22 ? 22  ASN B N   1 
ATOM   129  C CA  . ASN A 1 16  ? 1.775   -0.541  -16.222 1.00 15.02 ? 22  ASN B CA  1 
ATOM   130  C C   . ASN A 1 16  ? 0.494   -0.724  -15.427 1.00 13.34 ? 22  ASN B C   1 
ATOM   131  O O   . ASN A 1 16  ? -0.574  -0.807  -16.029 1.00 14.21 ? 22  ASN B O   1 
ATOM   132  C CB  . ASN A 1 16  ? 2.279   -1.817  -16.905 1.00 19.16 ? 22  ASN B CB  1 
ATOM   133  C CG  . ASN A 1 16  ? 3.205   -1.542  -18.084 1.00 26.94 ? 22  ASN B CG  1 
ATOM   134  O OD1 . ASN A 1 16  ? 3.186   -0.470  -18.682 1.00 35.79 ? 22  ASN B OD1 1 
ATOM   135  N ND2 . ASN A 1 16  ? 4.051   -2.502  -18.403 1.00 38.02 ? 22  ASN B ND2 1 
ATOM   136  N N   . THR A 1 17  ? 0.590   -0.852  -14.075 1.00 11.65 ? 23  THR B N   1 
ATOM   137  C CA  . THR A 1 17  ? -0.579  -1.080  -13.210 1.00 11.67 ? 23  THR B CA  1 
ATOM   138  C C   . THR A 1 17  ? -1.163  0.237   -12.719 1.00 10.99 ? 23  THR B C   1 
ATOM   139  O O   . THR A 1 17  ? -2.264  0.235   -12.129 1.00 11.18 ? 23  THR B O   1 
ATOM   140  C CB  . THR A 1 17  ? -0.267  -1.955  -11.979 1.00 11.63 ? 23  THR B CB  1 
ATOM   141  O OG1 . THR A 1 17  ? 0.599   -1.268  -11.089 1.00 11.76 ? 23  THR B OG1 1 
ATOM   142  C CG2 . THR A 1 17  ? 0.284   -3.297  -12.415 1.00 12.23 ? 23  THR B CG2 1 
ATOM   143  N N   . ALA A 1 18  ? -0.462  1.335   -12.955 1.00 11.24 ? 24  ALA B N   1 
ATOM   144  C CA  . ALA A 1 18  ? -0.834  2.626   -12.347 1.00 11.41 ? 24  ALA B CA  1 
ATOM   145  C C   . ALA A 1 18  ? -2.127  3.174   -12.934 1.00 11.43 ? 24  ALA B C   1 
ATOM   146  O O   . ALA A 1 18  ? -2.293  3.178   -14.183 1.00 12.64 ? 24  ALA B O   1 
ATOM   147  C CB  . ALA A 1 18  ? 0.281   3.619   -12.498 1.00 12.03 ? 24  ALA B CB  1 
ATOM   148  N N   . ASN A 1 19  ? -2.951  3.776   -12.114 1.00 11.66 ? 25  ASN B N   1 
ATOM   149  C CA  . ASN A 1 19  ? -3.980  4.691   -12.671 1.00 12.61 ? 25  ASN B CA  1 
ATOM   150  C C   . ASN A 1 19  ? -3.277  5.691   -13.614 1.00 13.29 ? 25  ASN B C   1 
ATOM   151  O O   . ASN A 1 19  ? -2.156  6.149   -13.348 1.00 12.43 ? 25  ASN B O   1 
ATOM   152  C CB  . ASN A 1 19  ? -4.683  5.343   -11.500 1.00 13.54 ? 25  ASN B CB  1 
ATOM   153  C CG  . ASN A 1 19  ? -5.704  6.355   -11.955 1.00 15.18 ? 25  ASN B CG  1 
ATOM   154  O OD1 . ASN A 1 19  ? -5.386  7.512   -12.213 1.00 15.77 ? 25  ASN B OD1 1 
ATOM   155  N ND2 . ASN A 1 19  ? -6.903  5.890   -12.177 1.00 19.35 ? 25  ASN B ND2 1 
ATOM   156  N N   . SER A 1 20  ? -3.966  6.068   -14.675 1.00 13.28 ? 26  SER B N   1 
ATOM   157  C CA  . SER A 1 20  ? -3.416  6.935   -15.756 1.00 13.26 ? 26  SER B CA  1 
ATOM   158  C C   . SER A 1 20  ? -3.131  8.335   -15.283 1.00 13.89 ? 26  SER B C   1 
ATOM   159  O O   . SER A 1 20  ? -2.445  9.023   -16.116 1.00 14.57 ? 26  SER B O   1 
ATOM   160  C CB  . SER A 1 20  ? -4.372  6.971   -16.908 1.00 15.15 ? 26  SER B CB  1 
ATOM   161  O OG  . SER A 1 20  ? -5.583  7.581   -16.454 1.00 18.18 ? 26  SER B OG  1 
ATOM   162  N N   . TRP A 1 21  ? -3.520  8.793   -14.121 1.00 12.15 ? 27  TRP B N   1 
ATOM   163  C CA  . TRP A 1 21  ? -3.175  10.117  -13.592 1.00 14.16 ? 27  TRP B CA  1 
ATOM   164  C C   . TRP A 1 21  ? -1.934  10.116  -12.702 1.00 14.57 ? 27  TRP B C   1 
ATOM   165  O O   . TRP A 1 21  ? -1.547  11.162  -12.214 1.00 13.78 ? 27  TRP B O   1 
ATOM   166  C CB  . TRP A 1 21  ? -4.351  10.661  -12.829 1.00 15.68 ? 27  TRP B CB  1 
ATOM   167  C CG  . TRP A 1 21  ? -5.468  11.120  -13.722 1.00 16.99 ? 27  TRP B CG  1 
ATOM   168  C CD1 . TRP A 1 21  ? -6.050  10.476  -14.776 1.00 15.44 ? 27  TRP B CD1 1 
ATOM   169  C CD2 . TRP A 1 21  ? -6.151  12.369  -13.557 1.00 20.53 ? 27  TRP B CD2 1 
ATOM   170  N NE1 . TRP A 1 21  ? -7.085  11.242  -15.285 1.00 19.59 ? 27  TRP B NE1 1 
ATOM   171  C CE2 . TRP A 1 21  ? -7.151  12.400  -14.554 1.00 19.12 ? 27  TRP B CE2 1 
ATOM   172  C CE3 . TRP A 1 21  ? -6.070  13.413  -12.618 1.00 22.77 ? 27  TRP B CE3 1 
ATOM   173  C CZ2 . TRP A 1 21  ? -8.033  13.495  -14.649 1.00 23.13 ? 27  TRP B CZ2 1 
ATOM   174  C CZ3 . TRP A 1 21  ? -6.945  14.487  -12.724 1.00 23.60 ? 27  TRP B CZ3 1 
ATOM   175  C CH2 . TRP A 1 21  ? -7.944  14.492  -13.696 1.00 25.25 ? 27  TRP B CH2 1 
ATOM   176  N N   . LEU A 1 22  ? -1.343  8.927   -12.445 1.00 12.86 ? 28  LEU B N   1 
ATOM   177  C CA  . LEU A 1 22  ? -0.177  8.878   -11.527 1.00 12.75 ? 28  LEU B CA  1 
ATOM   178  C C   . LEU A 1 22  ? 1.111   9.190   -12.300 1.00 11.92 ? 28  LEU B C   1 
ATOM   179  O O   . LEU A 1 22  ? 1.275   8.828   -13.423 1.00 13.22 ? 28  LEU B O   1 
ATOM   180  C CB  . LEU A 1 22  ? -0.077  7.509   -10.844 1.00 11.44 ? 28  LEU B CB  1 
ATOM   181  C CG  . LEU A 1 22  ? -1.271  7.121   -9.977  1.00 12.15 ? 28  LEU B CG  1 
ATOM   182  C CD1 . LEU A 1 22  ? -1.059  5.758   -9.342  1.00 11.85 ? 28  LEU B CD1 1 
ATOM   183  C CD2 . LEU A 1 22  ? -1.490  8.119   -8.889  1.00 13.13 ? 28  LEU B CD2 1 
ATOM   184  N N   . ILE A 1 23  ? 2.031   9.748   -11.544 1.00 12.45 ? 29  ILE B N   1 
ATOM   185  C CA  . ILE A 1 23  ? 3.421   10.003  -12.000 1.00 13.85 ? 29  ILE B CA  1 
ATOM   186  C C   . ILE A 1 23  ? 4.365   9.223   -11.102 1.00 13.24 ? 29  ILE B C   1 
ATOM   187  O O   . ILE A 1 23  ? 4.452   9.528   -9.915  1.00 13.85 ? 29  ILE B O   1 
ATOM   188  C CB  . ILE A 1 23  ? 3.752   11.466  -11.970 1.00 14.06 ? 29  ILE B CB  1 
ATOM   189  C CG1 . ILE A 1 23  ? 2.797   12.278  -12.868 1.00 15.10 ? 29  ILE B CG1 1 
ATOM   190  C CG2 . ILE A 1 23  ? 5.208   11.690  -12.453 1.00 16.39 ? 29  ILE B CG2 1 
ATOM   191  C CD1 . ILE A 1 23  ? 2.911   13.731  -12.725 1.00 16.49 ? 29  ILE B CD1 1 
ATOM   192  N N   . ILE A 1 24  ? 4.937   8.203   -11.724 1.00 15.14 ? 30  ILE B N   1 
ATOM   193  C CA  . ILE A 1 24  ? 5.990   7.377   -11.054 1.00 15.95 ? 30  ILE B CA  1 
ATOM   194  C C   . ILE A 1 24  ? 7.370   7.922   -11.400 1.00 16.06 ? 30  ILE B C   1 
ATOM   195  O O   . ILE A 1 24  ? 7.667   8.154   -12.629 1.00 17.56 ? 30  ILE B O   1 
ATOM   196  C CB  . ILE A 1 24  ? 5.815   5.927   -11.437 1.00 17.55 ? 30  ILE B CB  1 
ATOM   197  C CG1 . ILE A 1 24  ? 4.549   5.415   -10.778 1.00 20.97 ? 30  ILE B CG1 1 
ATOM   198  C CG2 . ILE A 1 24  ? 6.995   5.078   -10.981 1.00 16.81 ? 30  ILE B CG2 1 
ATOM   199  C CD1 . ILE A 1 24  ? 4.112   4.191   -11.294 1.00 23.52 ? 30  ILE B CD1 1 
ATOM   200  N N   . SER A 1 25  ? 8.216   8.157   -10.438 1.00 15.38 ? 31  SER B N   1 
ATOM   201  C CA  . SER A 1 25  ? 9.569   8.700   -10.667 1.00 15.95 ? 31  SER B CA  1 
ATOM   202  C C   . SER A 1 25  ? 10.416  7.738   -11.509 1.00 14.15 ? 31  SER B C   1 
ATOM   203  O O   . SER A 1 25  ? 10.167  6.568   -11.617 1.00 14.51 ? 31  SER B O   1 
ATOM   204  C CB  . SER A 1 25  ? 10.200  9.004   -9.372  1.00 15.65 ? 31  SER B CB  1 
ATOM   205  O OG  . SER A 1 25  ? 10.334  7.794   -8.601  1.00 15.63 ? 31  SER B OG  1 
ATOM   206  N N   . LYS A 1 26  ? 11.468  8.301   -12.127 1.00 17.32 ? 32  LYS B N   1 
ATOM   207  C CA  . LYS A 1 26  ? 12.417  7.523   -12.974 1.00 17.53 ? 32  LYS B CA  1 
ATOM   208  C C   . LYS A 1 26  ? 12.968  6.293   -12.237 1.00 15.43 ? 32  LYS B C   1 
ATOM   209  O O   . LYS A 1 26  ? 13.026  5.253   -12.874 1.00 17.55 ? 32  LYS B O   1 
ATOM   210  C CB  . LYS A 1 26  ? 13.543  8.466   -13.415 1.00 22.08 ? 32  LYS B CB  1 
ATOM   211  C CG  . LYS A 1 26  ? 14.679  7.822   -14.168 1.00 24.14 ? 32  LYS B CG  1 
ATOM   212  C CD  . LYS A 1 26  ? 15.487  8.873   -14.870 1.00 24.26 ? 32  LYS B CD  1 
ATOM   213  C CE  . LYS A 1 26  ? 15.948  9.926   -13.899 1.00 27.53 ? 32  LYS B CE  1 
ATOM   214  N NZ  . LYS A 1 26  ? 16.928  10.814  -14.567 1.00 28.89 ? 32  LYS B NZ  1 
ATOM   215  N N   . ASP A 1 27  ? 13.314  6.437   -10.959 1.00 16.11 ? 33  ASP B N   1 
ATOM   216  C CA  . ASP A 1 27  ? 13.842  5.304   -10.158 1.00 15.52 ? 33  ASP B CA  1 
ATOM   217  C C   . ASP A 1 27  ? 12.752  4.308   -9.728  1.00 14.30 ? 33  ASP B C   1 
ATOM   218  O O   . ASP A 1 27  ? 13.092  3.288   -9.120  1.00 15.10 ? 33  ASP B O   1 
ATOM   219  C CB  . ASP A 1 27  ? 14.633  5.761   -8.940  1.00 17.11 ? 33  ASP B CB  1 
ATOM   220  C CG  . ASP A 1 27  ? 13.888  6.520   -7.867  1.00 17.33 ? 33  ASP B CG  1 
ATOM   221  O OD1 . ASP A 1 27  ? 12.627  6.635   -7.990  1.00 17.15 ? 33  ASP B OD1 1 
ATOM   222  O OD2 . ASP A 1 27  ? 14.556  6.911   -6.900  1.00 20.64 ? 33  ASP B OD2 1 
ATOM   223  N N   . ARG A 1 28  ? 11.484  4.589   -10.033 0.50 13.99 ? 34  ARG B N   1 
ATOM   224  C CA  . ARG A 1 28  ? 10.321  3.723   -9.710  0.50 14.19 ? 34  ARG B CA  1 
ATOM   225  C C   . ARG A 1 28  ? 10.194  3.566   -8.187  0.50 12.46 ? 34  ARG B C   1 
ATOM   226  O O   . ARG A 1 28  ? 9.584   2.573   -7.752  0.50 12.61 ? 34  ARG B O   1 
ATOM   227  C CB  . ARG A 1 28  ? 10.436  2.385   -10.452 0.50 16.72 ? 34  ARG B CB  1 
ATOM   228  C CG  . ARG A 1 28  ? 10.462  2.527   -11.969 0.50 19.86 ? 34  ARG B CG  1 
ATOM   229  C CD  . ARG A 1 28  ? 10.871  1.264   -12.700 0.50 23.44 ? 34  ARG B CD  1 
ATOM   230  N NE  . ARG A 1 28  ? 11.581  1.571   -13.934 0.50 28.47 ? 34  ARG B NE  1 
ATOM   231  C CZ  . ARG A 1 28  ? 11.923  0.685   -14.862 0.50 30.46 ? 34  ARG B CZ  1 
ATOM   232  N NH1 . ARG A 1 28  ? 11.608  -0.593  -14.718 0.50 33.47 ? 34  ARG B NH1 1 
ATOM   233  N NH2 . ARG A 1 28  ? 12.569  1.084   -15.943 0.50 31.63 ? 34  ARG B NH2 1 
ATOM   234  N N   . ARG A 1 29  ? 10.624  4.555   -7.425  1.00 11.41 ? 35  ARG B N   1 
ATOM   235  C CA  . ARG A 1 29  ? 10.525  4.496   -5.955  1.00 12.68 ? 35  ARG B CA  1 
ATOM   236  C C   . ARG A 1 29  ? 9.560   5.517   -5.367  1.00 12.39 ? 35  ARG B C   1 
ATOM   237  O O   . ARG A 1 29  ? 9.273   5.454   -4.164  1.00 13.87 ? 35  ARG B O   1 
ATOM   238  C CB  . ARG A 1 29  ? 11.901  4.675   -5.303  1.00 13.05 ? 35  ARG B CB  1 
ATOM   239  C CG  . ARG A 1 29  ? 12.898  3.598   -5.680  1.00 14.44 ? 35  ARG B CG  1 
ATOM   240  C CD  . ARG A 1 29  ? 12.784  2.357   -4.846  1.00 15.46 ? 35  ARG B CD  1 
ATOM   241  N NE  . ARG A 1 29  ? 13.421  2.574   -3.550  1.00 16.35 ? 35  ARG B NE  1 
ATOM   242  C CZ  . ARG A 1 29  ? 13.359  1.720   -2.522  1.00 15.48 ? 35  ARG B CZ  1 
ATOM   243  N NH1 . ARG A 1 29  ? 12.741  0.577   -2.686  1.00 16.17 ? 35  ARG B NH1 1 
ATOM   244  N NH2 . ARG A 1 29  ? 13.955  2.044   -1.396  1.00 18.31 ? 35  ARG B NH2 1 
ATOM   245  N N   . GLN A 1 30  ? 9.017   6.433   -6.153  1.00 12.87 ? 36  GLN B N   1 
ATOM   246  C CA  . GLN A 1 30  ? 8.057   7.437   -5.690  1.00 12.96 ? 36  GLN B CA  1 
ATOM   247  C C   . GLN A 1 30  ? 6.872   7.506   -6.631  1.00 11.54 ? 36  GLN B C   1 
ATOM   248  O O   . GLN A 1 30  ? 7.007   7.270   -7.867  1.00 12.15 ? 36  GLN B O   1 
ATOM   249  C CB  . GLN A 1 30  ? 8.689   8.828   -5.638  1.00 15.60 ? 36  GLN B CB  1 
ATOM   250  C CG  . GLN A 1 30  ? 10.013  8.875   -4.909  1.00 16.37 ? 36  GLN B CG  1 
ATOM   251  C CD  . GLN A 1 30  ? 10.455  10.300  -4.646  1.00 20.11 ? 36  GLN B CD  1 
ATOM   252  O OE1 . GLN A 1 30  ? 9.669   11.243  -4.740  1.00 22.76 ? 36  GLN B OE1 1 
ATOM   253  N NE2 . GLN A 1 30  ? 11.740  10.470  -4.381  1.00 23.62 ? 36  GLN B NE2 1 
ATOM   254  N N   . VAL A 1 31  ? 5.651   7.666   -6.119  0.38 11.35 ? 37  VAL B N   1 
ATOM   255  C CA  . VAL A 1 31  ? 4.439   7.797   -6.983  0.38 11.23 ? 37  VAL B CA  1 
ATOM   256  C C   . VAL A 1 31  ? 3.622   8.994   -6.493  0.38 11.33 ? 37  VAL B C   1 
ATOM   257  O O   . VAL A 1 31  ? 3.534   9.202   -5.280  0.38 11.15 ? 37  VAL B O   1 
ATOM   258  C CB  . VAL A 1 31  ? 3.615   6.495   -7.060  0.38 11.13 ? 37  VAL B CB  1 
ATOM   259  C CG1 . VAL A 1 31  ? 3.118   6.009   -5.709  0.38 10.86 ? 37  VAL B CG1 1 
ATOM   260  C CG2 . VAL A 1 31  ? 2.457   6.627   -8.049  0.38 11.32 ? 37  VAL B CG2 1 
ATOM   261  N N   . ARG A 1 32  ? 3.036   9.773   -7.402  0.38 11.07 ? 38  ARG B N   1 
ATOM   262  C CA  . ARG A 1 32  ? 2.091   10.851  -7.007  0.38 11.65 ? 38  ARG B CA  1 
ATOM   263  C C   . ARG A 1 32  ? 1.071   11.048  -8.131  0.38 10.67 ? 38  ARG B C   1 
ATOM   264  O O   . ARG A 1 32  ? 1.316   10.578  -9.260  0.38 10.32 ? 38  ARG B O   1 
ATOM   265  C CB  . ARG A 1 32  ? 2.852   12.134  -6.666  0.38 13.11 ? 38  ARG B CB  1 
ATOM   266  C CG  . ARG A 1 32  ? 3.347   12.881  -7.889  0.38 13.75 ? 38  ARG B CG  1 
ATOM   267  C CD  . ARG A 1 32  ? 4.549   13.775  -7.626  0.38 15.19 ? 38  ARG B CD  1 
ATOM   268  N NE  . ARG A 1 32  ? 5.100   14.237  -8.893  0.38 15.76 ? 38  ARG B NE  1 
ATOM   269  C CZ  . ARG A 1 32  ? 4.720   15.342  -9.531  0.38 16.50 ? 38  ARG B CZ  1 
ATOM   270  N NH1 . ARG A 1 32  ? 3.760   16.102  -9.033  0.38 16.31 ? 38  ARG B NH1 1 
ATOM   271  N NH2 . ARG A 1 32  ? 5.290   15.676  -10.674 0.38 16.86 ? 38  ARG B NH2 1 
ATOM   272  N N   . MET A 1 33  ? -0.055  11.672  -7.800  0.38 10.85 ? 39  MET B N   1 
ATOM   273  C CA  . MET A 1 33  ? -1.129  11.988  -8.772  0.38 10.93 ? 39  MET B CA  1 
ATOM   274  C C   . MET A 1 33  ? -0.707  13.228  -9.565  0.38 10.32 ? 39  MET B C   1 
ATOM   275  O O   . MET A 1 33  ? -0.252  14.238  -8.971  0.38 9.41  ? 39  MET B O   1 
ATOM   276  C CB  . MET A 1 33  ? -2.478  12.235  -8.082  0.38 13.07 ? 39  MET B CB  1 
ATOM   277  C CG  . MET A 1 33  ? -3.699  12.223  -9.028  0.38 13.67 ? 39  MET B CG  1 
ATOM   278  S SD  . MET A 1 33  ? -5.219  12.064  -8.058  0.38 17.99 ? 39  MET B SD  1 
ATOM   279  C CE  . MET A 1 33  ? -6.218  11.167  -9.239  0.38 16.95 ? 39  MET B CE  1 
ATOM   280  N N   . GLY A 1 34  ? -0.808  13.114  -10.878 0.38 9.69  ? 40  GLY B N   1 
ATOM   281  C CA  . GLY A 1 34  ? -0.579  14.226  -11.804 0.38 9.85  ? 40  GLY B CA  1 
ATOM   282  C C   . GLY A 1 34  ? -1.770  15.167  -11.833 0.38 9.74  ? 40  GLY B C   1 
ATOM   283  O O   . GLY A 1 34  ? -2.841  14.780  -11.317 0.38 9.55  ? 40  GLY B O   1 
ATOM   284  N N   . ASP A 1 35  ? -1.566  16.343  -12.422 0.38 10.62 ? 41  ASP B N   1 
ATOM   285  C CA  . ASP A 1 35  ? -2.551  17.460  -12.517 0.38 13.49 ? 41  ASP B CA  1 
ATOM   286  C C   . ASP A 1 35  ? -3.737  16.996  -13.344 0.38 14.89 ? 41  ASP B C   1 
ATOM   287  O O   . ASP A 1 35  ? -4.913  17.404  -13.049 0.38 16.31 ? 41  ASP B O   1 
ATOM   288  C CB  . ASP A 1 35  ? -1.955  18.716  -13.162 0.38 14.82 ? 41  ASP B CB  1 
ATOM   289  C CG  . ASP A 1 35  ? -0.688  18.441  -13.946 0.38 17.12 ? 41  ASP B CG  1 
ATOM   290  O OD1 . ASP A 1 35  ? 0.086   17.554  -13.493 0.38 19.03 ? 41  ASP B OD1 1 
ATOM   291  O OD2 . ASP A 1 35  ? -0.467  19.108  -14.976 0.38 20.94 ? 41  ASP B OD2 1 
ATOM   292  N N   . THR A 1 36  ? -3.398  16.281  -14.403 0.38 15.13 ? 42  THR B N   1 
ATOM   293  C CA  . THR A 1 36  ? -4.348  15.740  -15.392 0.38 16.88 ? 42  THR B CA  1 
ATOM   294  C C   . THR A 1 36  ? -3.965  14.277  -15.540 0.38 15.93 ? 42  THR B C   1 
ATOM   295  O O   . THR A 1 36  ? -3.153  13.794  -14.694 0.38 16.16 ? 42  THR B O   1 
ATOM   296  C CB  . THR A 1 36  ? -4.274  16.550  -16.692 0.38 17.95 ? 42  THR B CB  1 
ATOM   297  O OG1 . THR A 1 36  ? -5.121  15.946  -17.675 0.38 19.46 ? 42  THR B OG1 1 
ATOM   298  C CG2 . THR A 1 36  ? -2.859  16.661  -17.223 0.38 19.11 ? 42  THR B CG2 1 
ATOM   299  N N   . HIS A 1 37  ? -4.536  13.637  -16.553 0.38 15.55 ? 43  HIS B N   1 
ATOM   300  C CA  . HIS A 1 37  ? -4.103  12.373  -17.199 0.38 13.98 ? 43  HIS B CA  1 
ATOM   301  C C   . HIS A 1 37  ? -2.633  12.470  -17.659 0.38 14.99 ? 43  HIS B C   1 
ATOM   302  O O   . HIS A 1 37  ? -2.287  13.599  -18.125 0.38 14.85 ? 43  HIS B O   1 
ATOM   303  C CB  . HIS A 1 37  ? -5.120  12.177  -18.326 0.38 13.03 ? 43  HIS B CB  1 
ATOM   304  C CG  . HIS A 1 37  ? -5.005  10.890  -19.037 0.38 12.01 ? 43  HIS B CG  1 
ATOM   305  N ND1 . HIS A 1 37  ? -3.923  10.589  -19.823 0.38 12.00 ? 43  HIS B ND1 1 
ATOM   306  C CD2 . HIS A 1 37  ? -5.852  9.842   -19.103 0.38 12.13 ? 43  HIS B CD2 1 
ATOM   307  C CE1 . HIS A 1 37  ? -4.088  9.388   -20.341 0.38 12.12 ? 43  HIS B CE1 1 
ATOM   308  N NE2 . HIS A 1 37  ? -5.276  8.909   -19.914 0.38 12.08 ? 43  HIS B NE2 1 
ATOM   309  N N   . GLN A 1 38  ? -1.837  11.361  -17.604 1.00 14.48 ? 44  GLN B N   1 
ATOM   310  C CA  . GLN A 1 38  ? -0.379  11.357  -17.877 1.00 14.55 ? 44  GLN B CA  1 
ATOM   311  C C   . GLN A 1 38  ? 0.011   10.771  -19.242 1.00 16.36 ? 44  GLN B C   1 
ATOM   312  O O   . GLN A 1 38  ? 1.197   10.471  -19.474 1.00 17.55 ? 44  GLN B O   1 
ATOM   313  C CB  . GLN A 1 38  ? 0.324   10.678  -16.713 1.00 14.90 ? 44  GLN B CB  1 
ATOM   314  C CG  . GLN A 1 38  ? 0.187   11.461  -15.448 1.00 13.65 ? 44  GLN B CG  1 
ATOM   315  C CD  . GLN A 1 38  ? 0.620   12.913  -15.506 1.00 14.58 ? 44  GLN B CD  1 
ATOM   316  O OE1 . GLN A 1 38  ? -0.078  13.853  -15.099 1.00 17.67 ? 44  GLN B OE1 1 
ATOM   317  N NE2 . GLN A 1 38  ? 1.804   13.120  -16.069 1.00 14.40 ? 44  GLN B NE2 1 
ATOM   318  N N   . ASN A 1 39  ? -0.903  10.708  -20.208 1.00 15.14 ? 45  ASN B N   1 
ATOM   319  C CA  . ASN A 1 39  ? -0.544  10.537  -21.627 1.00 14.32 ? 45  ASN B CA  1 
ATOM   320  C C   . ASN A 1 39  ? -0.037  9.138   -21.898 1.00 16.51 ? 45  ASN B C   1 
ATOM   321  O O   . ASN A 1 39  ? 0.736   8.922   -22.855 1.00 16.78 ? 45  ASN B O   1 
ATOM   322  C CB  . ASN A 1 39  ? 0.376   11.668  -22.149 1.00 14.83 ? 45  ASN B CB  1 
ATOM   323  C CG  . ASN A 1 39  ? 0.177   11.872  -23.647 1.00 14.42 ? 45  ASN B CG  1 
ATOM   324  O OD1 . ASN A 1 39  ? -0.874  11.635  -24.200 1.00 12.89 ? 45  ASN B OD1 1 
ATOM   325  N ND2 . ASN A 1 39  ? 1.250   12.235  -24.377 1.00 14.83 ? 45  ASN B ND2 1 
ATOM   326  N N   . VAL A 1 40  ? -0.616  8.133   -21.204 1.00 17.19 ? 46  VAL B N   1 
ATOM   327  C CA  . VAL A 1 40  ? -0.308  6.688   -21.341 1.00 18.45 ? 46  VAL B CA  1 
ATOM   328  C C   . VAL A 1 40  ? -1.511  5.998   -22.016 1.00 14.91 ? 46  VAL B C   1 
ATOM   329  O O   . VAL A 1 40  ? -2.653  6.458   -21.790 1.00 16.60 ? 46  VAL B O   1 
ATOM   330  C CB  . VAL A 1 40  ? 0.035   6.073   -19.954 1.00 18.73 ? 46  VAL B CB  1 
ATOM   331  C CG1 . VAL A 1 40  ? 1.371   6.617   -19.446 1.00 21.87 ? 46  VAL B CG1 1 
ATOM   332  C CG2 . VAL A 1 40  ? -1.067  6.251   -18.909 1.00 20.93 ? 46  VAL B CG2 1 
ATOM   333  N N   . SER A 1 41  ? -1.339  4.923   -22.743 1.00 18.21 ? 47  SER B N   1 
ATOM   334  C CA  . SER A 1 41  ? -2.450  4.126   -23.263 1.00 17.41 ? 47  SER B CA  1 
ATOM   335  C C   . SER A 1 41  ? -3.121  3.380   -22.110 1.00 16.09 ? 47  SER B C   1 
ATOM   336  O O   . SER A 1 41  ? -2.490  3.096   -21.051 1.00 15.55 ? 47  SER B O   1 
ATOM   337  C CB  . SER A 1 41  ? -1.984  3.176   -24.312 1.00 20.64 ? 47  SER B CB  1 
ATOM   338  O OG  . SER A 1 41  ? -1.034  2.262   -23.774 1.00 22.55 ? 47  SER B OG  1 
ATOM   339  N N   . ASP A 1 42  ? -4.402  3.044   -22.276 0.50 14.89 ? 48  ASP B N   1 
ATOM   340  C CA  . ASP A 1 42  ? -5.153  2.223   -21.286 0.50 15.04 ? 48  ASP B CA  1 
ATOM   341  C C   . ASP A 1 42  ? -4.760  0.760   -21.493 0.50 16.14 ? 48  ASP B C   1 
ATOM   342  O O   . ASP A 1 42  ? -4.302  0.389   -22.598 0.50 16.73 ? 48  ASP B O   1 
ATOM   343  C CB  . ASP A 1 42  ? -6.670  2.448   -21.381 0.50 15.35 ? 48  ASP B CB  1 
ATOM   344  C CG  . ASP A 1 42  ? -7.400  2.228   -20.056 0.50 15.14 ? 48  ASP B CG  1 
ATOM   345  O OD1 . ASP A 1 42  ? -6.722  1.823   -19.082 0.50 15.09 ? 48  ASP B OD1 1 
ATOM   346  O OD2 . ASP A 1 42  ? -8.640  2.457   -19.993 0.50 14.69 ? 48  ASP B OD2 1 
ATOM   347  N N   . ASN A 1 43  ? -4.907  -0.054  -20.442 1.00 14.95 ? 49  ASN B N   1 
ATOM   348  C CA  . ASN A 1 43  ? -4.668  -1.499  -20.519 1.00 16.11 ? 49  ASN B CA  1 
ATOM   349  C C   . ASN A 1 43  ? -5.457  -2.141  -19.385 1.00 16.98 ? 49  ASN B C   1 
ATOM   350  O O   . ASN A 1 43  ? -5.976  -1.427  -18.501 1.00 16.54 ? 49  ASN B O   1 
ATOM   351  C CB  . ASN A 1 43  ? -3.176  -1.775  -20.497 1.00 16.32 ? 49  ASN B CB  1 
ATOM   352  C CG  . ASN A 1 43  ? -2.541  -1.504  -19.149 1.00 17.05 ? 49  ASN B CG  1 
ATOM   353  O OD1 . ASN A 1 43  ? -3.036  -1.956  -18.119 1.00 18.14 ? 49  ASN B OD1 1 
ATOM   354  N ND2 . ASN A 1 43  ? -1.493  -0.752  -19.086 1.00 15.94 ? 49  ASN B ND2 1 
ATOM   355  N N   . LYS A 1 44  ? -5.599  -3.440  -19.450 1.00 17.73 ? 50  LYS B N   1 
ATOM   356  C CA  . LYS A 1 44  ? -6.462  -4.159  -18.486 1.00 18.13 ? 50  LYS B CA  1 
ATOM   357  C C   . LYS A 1 44  ? -5.856  -4.197  -17.068 1.00 15.96 ? 50  LYS B C   1 
ATOM   358  O O   . LYS A 1 44  ? -6.602  -4.484  -16.136 1.00 17.22 ? 50  LYS B O   1 
ATOM   359  C CB  . LYS A 1 44  ? -6.680  -5.596  -18.967 1.00 21.32 ? 50  LYS B CB  1 
ATOM   360  C CG  . LYS A 1 44  ? -5.435  -6.454  -18.965 1.00 27.56 ? 50  LYS B CG  1 
ATOM   361  C CD  . LYS A 1 44  ? -5.464  -7.665  -19.912 1.00 37.70 ? 50  LYS B CD  1 
ATOM   362  C CE  . LYS A 1 44  ? -4.532  -8.773  -19.466 1.00 43.08 ? 50  LYS B CE  1 
ATOM   363  N NZ  . LYS A 1 44  ? -4.961  -10.087 -20.004 1.00 46.25 ? 50  LYS B NZ  1 
ATOM   364  N N   . GLU A 1 45  ? -4.561  -3.896  -16.918 0.50 15.83 ? 51  GLU B N   1 
ATOM   365  C CA  . GLU A 1 45  ? -3.885  -3.904  -15.586 0.50 16.09 ? 51  GLU B CA  1 
ATOM   366  C C   . GLU A 1 45  ? -4.150  -2.608  -14.801 0.50 15.16 ? 51  GLU B C   1 
ATOM   367  O O   . GLU A 1 45  ? -3.977  -2.621  -13.558 0.50 15.27 ? 51  GLU B O   1 
ATOM   368  C CB  . GLU A 1 45  ? -2.371  -4.073  -15.706 0.50 17.91 ? 51  GLU B CB  1 
ATOM   369  C CG  . GLU A 1 45  ? -1.917  -5.176  -16.646 0.50 20.57 ? 51  GLU B CG  1 
ATOM   370  C CD  . GLU A 1 45  ? -2.687  -6.482  -16.626 0.50 23.90 ? 51  GLU B CD  1 
ATOM   371  O OE1 . GLU A 1 45  ? -2.826  -7.084  -17.718 0.50 26.70 ? 51  GLU B OE1 1 
ATOM   372  O OE2 . GLU A 1 45  ? -3.114  -6.913  -15.533 0.50 25.82 ? 51  GLU B OE2 1 
ATOM   373  N N   . ARG A 1 46  ? -4.475  -1.491  -15.458 1.00 13.86 ? 52  ARG B N   1 
ATOM   374  C CA  . ARG A 1 46  ? -4.547  -0.209  -14.720 1.00 12.72 ? 52  ARG B CA  1 
ATOM   375  C C   . ARG A 1 46  ? -5.731  -0.125  -13.774 1.00 12.68 ? 52  ARG B C   1 
ATOM   376  O O   . ARG A 1 46  ? -6.860  -0.420  -14.169 1.00 13.74 ? 52  ARG B O   1 
ATOM   377  C CB  . ARG A 1 46  ? -4.628  0.987   -15.674 1.00 12.77 ? 52  ARG B CB  1 
ATOM   378  C CG  . ARG A 1 46  ? -3.461  1.154   -16.607 1.00 14.09 ? 52  ARG B CG  1 
ATOM   379  C CD  . ARG A 1 46  ? -3.397  2.583   -17.190 1.00 13.95 ? 52  ARG B CD  1 
ATOM   380  N NE  . ARG A 1 46  ? -2.311  2.690   -18.146 1.00 15.94 ? 52  ARG B NE  1 
ATOM   381  C CZ  . ARG A 1 46  ? -1.006  2.713   -17.845 1.00 14.99 ? 52  ARG B CZ  1 
ATOM   382  N NH1 . ARG A 1 46  ? -0.591  2.856   -16.584 1.00 14.25 ? 52  ARG B NH1 1 
ATOM   383  N NH2 . ARG A 1 46  ? -0.084  2.664   -18.800 1.00 18.44 ? 52  ARG B NH2 1 
ATOM   384  N N   . PHE A 1 47  ? -5.530  0.338   -12.543 1.00 11.94 ? 53  PHE B N   1 
ATOM   385  C CA  . PHE A 1 47  ? -6.648  0.673   -11.661 1.00 12.12 ? 53  PHE B CA  1 
ATOM   386  C C   . PHE A 1 47  ? -7.407  1.855   -12.271 1.00 13.62 ? 53  PHE B C   1 
ATOM   387  O O   . PHE A 1 47  ? -6.787  2.909   -12.446 1.00 13.46 ? 53  PHE B O   1 
ATOM   388  C CB  . PHE A 1 47  ? -6.183  0.985   -10.251 1.00 11.22 ? 53  PHE B CB  1 
ATOM   389  C CG  . PHE A 1 47  ? -5.738  -0.264  -9.516  1.00 11.15 ? 53  PHE B CG  1 
ATOM   390  C CD1 . PHE A 1 47  ? -6.670  -1.086  -8.905  1.00 11.94 ? 53  PHE B CD1 1 
ATOM   391  C CD2 . PHE A 1 47  ? -4.400  -0.579  -9.383  1.00 12.09 ? 53  PHE B CD2 1 
ATOM   392  C CE1 . PHE A 1 47  ? -6.279  -2.237  -8.214  1.00 12.35 ? 53  PHE B CE1 1 
ATOM   393  C CE2 . PHE A 1 47  ? -4.002  -1.719  -8.670  1.00 12.17 ? 53  PHE B CE2 1 
ATOM   394  C CZ  . PHE A 1 47  ? -4.958  -2.519  -8.086  1.00 10.77 ? 53  PHE B CZ  1 
ATOM   395  N N   . SER A 1 48  ? -8.693  1.748   -12.522 1.00 13.38 ? 54  SER B N   1 
ATOM   396  C CA  . SER A 1 48  ? -9.428  2.798   -13.285 1.00 14.69 ? 54  SER B CA  1 
ATOM   397  C C   . SER A 1 48  ? -10.029 3.807   -12.354 1.00 14.58 ? 54  SER B C   1 
ATOM   398  O O   . SER A 1 48  ? -10.086 5.019   -12.737 1.00 18.12 ? 54  SER B O   1 
ATOM   399  C CB  . SER A 1 48  ? -10.511 2.146   -14.173 1.00 15.66 ? 54  SER B CB  1 
ATOM   400  O OG  . SER A 1 48  ? -11.464 1.445   -13.392 1.00 15.33 ? 54  SER B OG  1 
ATOM   401  N N   . ASN A 1 49  ? -10.529 3.437   -11.213 1.00 14.07 ? 55  ASN B N   1 
ATOM   402  C CA  . ASN A 1 49  ? -11.409 4.317   -10.412 1.00 15.14 ? 55  ASN B CA  1 
ATOM   403  C C   . ASN A 1 49  ? -10.679 5.075   -9.314  1.00 15.04 ? 55  ASN B C   1 
ATOM   404  O O   . ASN A 1 49  ? -11.250 5.973   -8.702  1.00 15.87 ? 55  ASN B O   1 
ATOM   405  C CB  . ASN A 1 49  ? -12.570 3.559   -9.759  1.00 16.99 ? 55  ASN B CB  1 
ATOM   406  C CG  . ASN A 1 49  ? -13.660 3.168   -10.748 1.00 17.44 ? 55  ASN B CG  1 
ATOM   407  O OD1 . ASN A 1 49  ? -13.382 2.650   -11.808 1.00 19.96 ? 55  ASN B OD1 1 
ATOM   408  N ND2 . ASN A 1 49  ? -14.914 3.312   -10.311 1.00 22.56 ? 55  ASN B ND2 1 
ATOM   409  N N   . TYR A 1 50  ? -9.459  4.619   -8.961  1.00 13.02 ? 56  TYR B N   1 
ATOM   410  C CA  . TYR A 1 50  ? -8.745  5.146   -7.778  1.00 12.21 ? 56  TYR B CA  1 
ATOM   411  C C   . TYR A 1 50  ? -7.276  5.367   -8.114  1.00 11.02 ? 56  TYR B C   1 
ATOM   412  O O   . TYR A 1 50  ? -6.785  4.677   -8.980  1.00 11.75 ? 56  TYR B O   1 
ATOM   413  C CB  . TYR A 1 50  ? -8.849  4.162   -6.612  1.00 11.81 ? 56  TYR B CB  1 
ATOM   414  C CG  . TYR A 1 50  ? -10.231 3.617   -6.331  1.00 12.91 ? 56  TYR B CG  1 
ATOM   415  C CD1 . TYR A 1 50  ? -11.184 4.416   -5.714  1.00 15.65 ? 56  TYR B CD1 1 
ATOM   416  C CD2 . TYR A 1 50  ? -10.621 2.336   -6.684  1.00 13.94 ? 56  TYR B CD2 1 
ATOM   417  C CE1 . TYR A 1 50  ? -12.467 3.943   -5.434  1.00 16.94 ? 56  TYR B CE1 1 
ATOM   418  C CE2 . TYR A 1 50  ? -11.909 1.872   -6.478  1.00 14.14 ? 56  TYR B CE2 1 
ATOM   419  C CZ  . TYR A 1 50  ? -12.817 2.667   -5.809  1.00 14.88 ? 56  TYR B CZ  1 
ATOM   420  O OH  . TYR A 1 50  ? -14.060 2.118   -5.604  1.00 16.19 ? 56  TYR B OH  1 
ATOM   421  N N   . PRO A 1 51  ? -6.554  6.232   -7.363  1.00 11.52 ? 57  PRO B N   1 
ATOM   422  C CA  . PRO A 1 51  ? -5.139  6.532   -7.657  1.00 11.27 ? 57  PRO B CA  1 
ATOM   423  C C   . PRO A 1 51  ? -4.154  5.473   -7.087  1.00 9.84  ? 57  PRO B C   1 
ATOM   424  O O   . PRO A 1 51  ? -3.267  5.770   -6.303  1.00 10.37 ? 57  PRO B O   1 
ATOM   425  C CB  . PRO A 1 51  ? -4.929  7.963   -7.059  1.00 13.09 ? 57  PRO B CB  1 
ATOM   426  C CG  . PRO A 1 51  ? -6.282  8.393   -6.582  1.00 15.54 ? 57  PRO B CG  1 
ATOM   427  C CD  . PRO A 1 51  ? -7.079  7.141   -6.356  1.00 13.04 ? 57  PRO B CD  1 
ATOM   428  N N   . MET A 1 52  ? -4.347  4.234   -7.583  1.00 9.95  ? 58  MET B N   1 
ATOM   429  C CA  . MET A 1 52  ? -3.651  3.024   -7.075  1.00 9.18  ? 58  MET B CA  1 
ATOM   430  C C   . MET A 1 52  ? -2.613  2.565   -8.071  1.00 9.52  ? 58  MET B C   1 
ATOM   431  O O   . MET A 1 52  ? -2.670  2.776   -9.309  1.00 10.13 ? 58  MET B O   1 
ATOM   432  C CB  . MET A 1 52  ? -4.655  1.912   -6.828  1.00 10.01 ? 58  MET B CB  1 
ATOM   433  C CG  . MET A 1 52  ? -5.596  2.203   -5.711  1.00 9.72  ? 58  MET B CG  1 
ATOM   434  S SD  . MET A 1 52  ? -7.012  1.055   -5.743  1.00 11.39 ? 58  MET B SD  1 
ATOM   435  C CE  . MET A 1 52  ? -7.974  1.551   -4.319  1.00 12.42 ? 58  MET B CE  1 
ATOM   436  N N   . VAL A 1 53  ? -1.614  1.875   -7.505  1.00 9.49  ? 59  VAL B N   1 
ATOM   437  C CA  . VAL A 1 53  ? -0.495  1.261   -8.260  1.00 9.71  ? 59  VAL B CA  1 
ATOM   438  C C   . VAL A 1 53  ? 0.018   0.058   -7.455  1.00 9.85  ? 59  VAL B C   1 
ATOM   439  O O   . VAL A 1 53  ? -0.028  0.088   -6.203  1.00 10.34 ? 59  VAL B O   1 
ATOM   440  C CB  . VAL A 1 53  ? 0.618   2.282   -8.623  1.00 10.36 ? 59  VAL B CB  1 
ATOM   441  C CG1 . VAL A 1 53  ? 1.239   2.892   -7.378  1.00 10.85 ? 59  VAL B CG1 1 
ATOM   442  C CG2 . VAL A 1 53  ? 1.667   1.706   -9.561  1.00 11.00 ? 59  VAL B CG2 1 
ATOM   443  N N   . LEU A 1 54  ? 0.562   -0.926  -8.137  1.00 9.14  ? 60  LEU B N   1 
ATOM   444  C CA  . LEU A 1 54  ? 1.204   -2.109  -7.501  1.00 9.13  ? 60  LEU B CA  1 
ATOM   445  C C   . LEU A 1 54  ? 2.706   -2.023  -7.587  1.00 9.90  ? 60  LEU B C   1 
ATOM   446  O O   . LEU A 1 54  ? 3.312   -1.468  -8.564  1.00 11.34 ? 60  LEU B O   1 
ATOM   447  C CB  . LEU A 1 54  ? 0.768   -3.419  -8.141  1.00 10.13 ? 60  LEU B CB  1 
ATOM   448  C CG  . LEU A 1 54  ? -0.726  -3.608  -8.191  1.00 10.12 ? 60  LEU B CG  1 
ATOM   449  C CD1 . LEU A 1 54  ? -1.112  -4.990  -8.722  1.00 11.16 ? 60  LEU B CD1 1 
ATOM   450  C CD2 . LEU A 1 54  ? -1.374  -3.411  -6.827  1.00 10.18 ? 60  LEU B CD2 1 
ATOM   451  N N   . GLY A 1 55  ? 3.395   -2.637  -6.622  1.00 9.74  ? 61  GLY B N   1 
ATOM   452  C CA  . GLY A 1 55  ? 4.818   -2.981  -6.785  1.00 10.17 ? 61  GLY B CA  1 
ATOM   453  C C   . GLY A 1 55  ? 5.030   -4.046  -7.867  1.00 10.41 ? 61  GLY B C   1 
ATOM   454  O O   . GLY A 1 55  ? 4.160   -4.829  -8.124  1.00 10.89 ? 61  GLY B O   1 
ATOM   455  N N   . ALA A 1 56  ? 6.210   -4.038  -8.476  1.00 11.56 ? 62  ALA B N   1 
ATOM   456  C CA  . ALA A 1 56  ? 6.580   -5.034  -9.515  1.00 12.68 ? 62  ALA B CA  1 
ATOM   457  C C   . ALA A 1 56  ? 6.815   -6.408  -8.902  1.00 13.19 ? 62  ALA B C   1 
ATOM   458  O O   . ALA A 1 56  ? 6.552   -7.412  -9.554  1.00 15.87 ? 62  ALA B O   1 
ATOM   459  C CB  . ALA A 1 56  ? 7.778   -4.610  -10.288 1.00 14.11 ? 62  ALA B CB  1 
ATOM   460  N N   . GLN A 1 57  ? 7.303   -6.450  -7.687  1.00 12.38 ? 63  GLN B N   1 
ATOM   461  C CA  . GLN A 1 57  ? 7.708   -7.724  -7.061  1.00 13.22 ? 63  GLN B CA  1 
ATOM   462  C C   . GLN A 1 57  ? 6.472   -8.568  -6.732  1.00 13.17 ? 63  GLN B C   1 
ATOM   463  O O   . GLN A 1 57  ? 5.382   -8.057  -6.333  1.00 13.63 ? 63  GLN B O   1 
ATOM   464  C CB  . GLN A 1 57  ? 8.518   -7.417  -5.795  1.00 15.16 ? 63  GLN B CB  1 
ATOM   465  C CG  . GLN A 1 57  ? 9.892   -6.832  -6.074  1.00 16.58 ? 63  GLN B CG  1 
ATOM   466  C CD  . GLN A 1 57  ? 9.842   -5.400  -6.590  1.00 15.53 ? 63  GLN B CD  1 
ATOM   467  O OE1 . GLN A 1 57  ? 8.989   -4.613  -6.158  1.00 15.14 ? 63  GLN B OE1 1 
ATOM   468  N NE2 . GLN A 1 57  ? 10.794  -5.015  -7.416  1.00 18.29 ? 63  GLN B NE2 1 
ATOM   469  N N   . ARG A 1 58  ? 6.564   -9.900  -6.942  1.00 13.89 ? 64  ARG B N   1 
ATOM   470  C CA  . ARG A 1 58  ? 5.553   -10.888 -6.538  1.00 14.25 ? 64  ARG B CA  1 
ATOM   471  C C   . ARG A 1 58  ? 6.124   -11.781 -5.448  1.00 13.07 ? 64  ARG B C   1 
ATOM   472  O O   . ARG A 1 58  ? 7.278   -12.217 -5.582  1.00 15.98 ? 64  ARG B O   1 
ATOM   473  C CB  . ARG A 1 58  ? 5.151   -11.820 -7.703  1.00 17.20 ? 64  ARG B CB  1 
ATOM   474  C CG  . ARG A 1 58  ? 4.125   -11.311 -8.718  1.00 26.03 ? 64  ARG B CG  1 
ATOM   475  C CD  . ARG A 1 58  ? 4.513   -9.930  -9.193  1.00 24.15 ? 64  ARG B CD  1 
ATOM   476  N NE  . ARG A 1 58  ? 4.423   -9.257  -10.499 1.00 30.98 ? 64  ARG B NE  1 
ATOM   477  C CZ  . ARG A 1 58  ? 3.680   -9.589  -11.546 1.00 27.38 ? 64  ARG B CZ  1 
ATOM   478  N NH1 . ARG A 1 58  ? 3.757   -8.841  -12.636 1.00 32.41 ? 64  ARG B NH1 1 
ATOM   479  N NH2 . ARG A 1 58  ? 2.887   -10.637 -11.521 1.00 32.90 ? 64  ARG B NH2 1 
ATOM   480  N N   . PHE A 1 59  ? 5.384   -12.025 -4.400  1.00 11.67 ? 65  PHE B N   1 
ATOM   481  C CA  . PHE A 1 59  ? 5.844   -12.872 -3.277  1.00 12.57 ? 65  PHE B CA  1 
ATOM   482  C C   . PHE A 1 59  ? 4.898   -14.033 -3.120  1.00 11.55 ? 65  PHE B C   1 
ATOM   483  O O   . PHE A 1 59  ? 3.689   -13.890 -3.028  1.00 11.82 ? 65  PHE B O   1 
ATOM   484  C CB  . PHE A 1 59  ? 5.883   -12.043 -1.976  1.00 14.75 ? 65  PHE B CB  1 
ATOM   485  C CG  . PHE A 1 59  ? 6.779   -10.808 -2.066  1.00 15.56 ? 65  PHE B CG  1 
ATOM   486  C CD1 . PHE A 1 59  ? 8.097   -10.971 -2.458  1.00 18.16 ? 65  PHE B CD1 1 
ATOM   487  C CD2 . PHE A 1 59  ? 6.325   -9.522  -1.867  1.00 22.04 ? 65  PHE B CD2 1 
ATOM   488  C CE1 . PHE A 1 59  ? 8.974   -9.906  -2.603  1.00 20.53 ? 65  PHE B CE1 1 
ATOM   489  C CE2 . PHE A 1 59  ? 7.224   -8.449  -1.952  1.00 17.73 ? 65  PHE B CE2 1 
ATOM   490  C CZ  . PHE A 1 59  ? 8.500   -8.651  -2.386  1.00 19.52 ? 65  PHE B CZ  1 
ATOM   491  N N   A SER A 1 60  ? 5.471   -15.241 -3.039  0.25 11.96 ? 66  SER B N   1 
ATOM   492  N N   B SER A 1 60  ? 5.483   -15.234 -3.046  0.25 12.25 ? 66  SER B N   1 
ATOM   493  C CA  A SER A 1 60  ? 4.684   -16.492 -2.878  0.25 12.45 ? 66  SER B CA  1 
ATOM   494  C CA  B SER A 1 60  ? 4.744   -16.508 -2.845  0.25 12.90 ? 66  SER B CA  1 
ATOM   495  C C   A SER A 1 60  ? 5.199   -17.361 -1.712  0.25 12.19 ? 66  SER B C   1 
ATOM   496  C C   B SER A 1 60  ? 5.373   -17.353 -1.740  0.25 12.78 ? 66  SER B C   1 
ATOM   497  O O   A SER A 1 60  ? 4.557   -18.409 -1.434  0.25 12.44 ? 66  SER B O   1 
ATOM   498  O O   B SER A 1 60  ? 5.077   -18.545 -1.663  0.25 11.96 ? 66  SER B O   1 
ATOM   499  C CB  A SER A 1 60  ? 4.593   -17.254 -4.209  0.25 12.62 ? 66  SER B CB  1 
ATOM   500  C CB  B SER A 1 60  ? 4.697   -17.313 -4.111  0.25 13.35 ? 66  SER B CB  1 
ATOM   501  O OG  A SER A 1 60  ? 3.692   -16.591 -5.122  0.25 13.01 ? 66  SER B OG  1 
ATOM   502  O OG  B SER A 1 60  ? 6.008   -17.529 -4.564  0.25 14.89 ? 66  SER B OG  1 
ATOM   503  N N   A SER A 1 61  ? 6.264   -16.912 -1.030  0.25 11.73 ? 67  SER B N   1 
ATOM   504  N N   B SER A 1 61  ? 6.269   -16.779 -0.957  0.25 12.76 ? 67  SER B N   1 
ATOM   505  C CA  A SER A 1 61  ? 6.908   -17.580 0.139   0.25 12.46 ? 67  SER B CA  1 
ATOM   506  C CA  B SER A 1 61  ? 6.981   -17.524 0.101   0.25 14.02 ? 67  SER B CA  1 
ATOM   507  C C   A SER A 1 61  ? 7.678   -16.546 0.970   0.25 13.24 ? 67  SER B C   1 
ATOM   508  C C   B SER A 1 61  ? 7.824   -16.557 0.919   0.25 14.04 ? 67  SER B C   1 
ATOM   509  O O   A SER A 1 61  ? 7.853   -15.423 0.506   0.25 13.71 ? 67  SER B O   1 
ATOM   510  O O   B SER A 1 61  ? 8.224   -15.512 0.372   0.25 14.27 ? 67  SER B O   1 
ATOM   511  C CB  A SER A 1 61  ? 7.874   -18.690 -0.311  0.25 12.79 ? 67  SER B CB  1 
ATOM   512  C CB  B SER A 1 61  ? 7.860   -18.592 -0.527  0.25 15.02 ? 67  SER B CB  1 
ATOM   513  O OG  A SER A 1 61  ? 8.980   -18.153 -1.020  0.25 14.09 ? 67  SER B OG  1 
ATOM   514  O OG  B SER A 1 61  ? 8.331   -19.475 0.466   0.25 18.21 ? 67  SER B OG  1 
ATOM   515  N N   . GLY A 1 62  ? 8.152   -16.941 2.151   1.00 13.98 ? 68  GLY B N   1 
ATOM   516  C CA  . GLY A 1 62  ? 9.157   -16.177 2.887   1.00 14.90 ? 68  GLY B CA  1 
ATOM   517  C C   . GLY A 1 62  ? 8.599   -15.002 3.682   1.00 11.94 ? 68  GLY B C   1 
ATOM   518  O O   . GLY A 1 62  ? 7.376   -14.834 3.795   1.00 13.53 ? 68  GLY B O   1 
ATOM   519  N N   . LYS A 1 63  ? 9.560   -14.265 4.188   1.00 12.54 ? 69  LYS B N   1 
ATOM   520  C CA  . LYS A 1 63  ? 9.326   -13.081 5.012   1.00 12.97 ? 69  LYS B CA  1 
ATOM   521  C C   . LYS A 1 63  ? 9.880   -11.904 4.238   1.00 12.45 ? 69  LYS B C   1 
ATOM   522  O O   . LYS A 1 63  ? 11.014  -11.934 3.795   1.00 13.83 ? 69  LYS B O   1 
ATOM   523  C CB  . LYS A 1 63  ? 10.004  -13.268 6.360   1.00 13.70 ? 69  LYS B CB  1 
ATOM   524  C CG  . LYS A 1 63  ? 9.442   -14.397 7.204   1.00 14.43 ? 69  LYS B CG  1 
ATOM   525  C CD  . LYS A 1 63  ? 10.201  -14.615 8.554   1.00 17.43 ? 69  LYS B CD  1 
ATOM   526  C CE  . LYS A 1 63  ? 9.599   -15.704 9.416   1.00 20.54 ? 69  LYS B CE  1 
ATOM   527  N NZ  . LYS A 1 63  ? 10.405  -15.913 10.652  1.00 23.22 ? 69  LYS B NZ  1 
ATOM   528  N N   . MET A 1 64  ? 9.124   -10.815 4.184   1.00 11.71 ? 70  MET B N   1 
ATOM   529  C CA  . MET A 1 64  ? 9.440   -9.582  3.441   1.00 11.17 ? 70  MET B CA  1 
ATOM   530  C C   . MET A 1 64  ? 9.123   -8.359  4.307   1.00 11.06 ? 70  MET B C   1 
ATOM   531  O O   . MET A 1 64  ? 8.109   -8.370  5.007   1.00 12.08 ? 70  MET B O   1 
ATOM   532  C CB  . MET A 1 64  ? 8.589   -9.468  2.187   1.00 11.67 ? 70  MET B CB  1 
ATOM   533  C CG  . MET A 1 64  ? 8.907   -10.457 1.092   1.00 12.60 ? 70  MET B CG  1 
ATOM   534  S SD  . MET A 1 64  ? 8.541   -12.198 1.269   1.00 14.58 ? 70  MET B SD  1 
ATOM   535  C CE  . MET A 1 64  ? 6.818   -12.252 1.685   1.00 14.24 ? 70  MET B CE  1 
ATOM   536  N N   . TYR A 1 65  ? 9.910   -7.320  4.188   1.00 11.32 ? 71  TYR B N   1 
ATOM   537  C CA  . TYR A 1 65  ? 9.728   -6.064  4.958   1.00 11.50 ? 71  TYR B CA  1 
ATOM   538  C C   . TYR A 1 65  ? 10.063  -4.909  4.036   1.00 12.10 ? 71  TYR B C   1 
ATOM   539  O O   . TYR A 1 65  ? 11.122  -4.963  3.325   1.00 12.56 ? 71  TYR B O   1 
ATOM   540  C CB  . TYR A 1 65  ? 10.622  -6.056  6.210   1.00 12.62 ? 71  TYR B CB  1 
ATOM   541  C CG  . TYR A 1 65  ? 10.512  -4.809  7.049   1.00 11.99 ? 71  TYR B CG  1 
ATOM   542  C CD1 . TYR A 1 65  ? 9.401   -4.579  7.842   1.00 12.60 ? 71  TYR B CD1 1 
ATOM   543  C CD2 . TYR A 1 65  ? 11.483  -3.817  6.975   1.00 12.77 ? 71  TYR B CD2 1 
ATOM   544  C CE1 . TYR A 1 65  ? 9.252   -3.401  8.582   1.00 12.81 ? 71  TYR B CE1 1 
ATOM   545  C CE2 . TYR A 1 65  ? 11.338  -2.643  7.694   1.00 13.14 ? 71  TYR B CE2 1 
ATOM   546  C CZ  . TYR A 1 65  ? 10.254  -2.440  8.510   1.00 12.73 ? 71  TYR B CZ  1 
ATOM   547  O OH  . TYR A 1 65  ? 10.120  -1.269  9.199   1.00 14.12 ? 71  TYR B OH  1 
ATOM   548  N N   . TRP A 1 66  ? 9.257   -3.854  4.059   1.00 10.81 ? 72  TRP B N   1 
ATOM   549  C CA  . TRP A 1 66  ? 9.624   -2.580  3.393   1.00 11.43 ? 72  TRP B CA  1 
ATOM   550  C C   . TRP A 1 66  ? 9.003   -1.413  4.151   1.00 11.22 ? 72  TRP B C   1 
ATOM   551  O O   . TRP A 1 66  ? 8.143   -1.587  5.015   1.00 11.46 ? 72  TRP B O   1 
ATOM   552  C CB  . TRP A 1 66  ? 9.260   -2.588  1.897   1.00 10.29 ? 72  TRP B CB  1 
ATOM   553  C CG  . TRP A 1 66  ? 7.816   -2.731  1.576   1.00 10.30 ? 72  TRP B CG  1 
ATOM   554  C CD1 . TRP A 1 66  ? 6.950   -1.720  1.256   1.00 10.22 ? 72  TRP B CD1 1 
ATOM   555  C CD2 . TRP A 1 66  ? 7.037   -3.922  1.463   1.00 10.67 ? 72  TRP B CD2 1 
ATOM   556  N NE1 . TRP A 1 66  ? 5.707   -2.206  0.974   1.00 10.65 ? 72  TRP B NE1 1 
ATOM   557  C CE2 . TRP A 1 66  ? 5.717   -3.573  1.108   1.00 11.34 ? 72  TRP B CE2 1 
ATOM   558  C CE3 . TRP A 1 66  ? 7.330   -5.284  1.617   1.00 12.30 ? 72  TRP B CE3 1 
ATOM   559  C CZ2 . TRP A 1 66  ? 4.714   -4.508  0.899   1.00 11.16 ? 72  TRP B CZ2 1 
ATOM   560  C CZ3 . TRP A 1 66  ? 6.345   -6.216  1.445   1.00 14.32 ? 72  TRP B CZ3 1 
ATOM   561  C CH2 . TRP A 1 66  ? 5.054   -5.844  1.091   1.00 12.93 ? 72  TRP B CH2 1 
ATOM   562  N N   . GLU A 1 67  ? 9.472   -0.220  3.821   1.00 11.16 ? 73  GLU B N   1 
ATOM   563  C CA  . GLU A 1 67  ? 9.007   1.042   4.450   1.00 10.50 ? 73  GLU B CA  1 
ATOM   564  C C   . GLU A 1 67  ? 8.557   2.064   3.415   1.00 10.56 ? 73  GLU B C   1 
ATOM   565  O O   . GLU A 1 67  ? 9.117   2.133   2.338   1.00 11.24 ? 73  GLU B O   1 
ATOM   566  C CB  . GLU A 1 67  ? 10.084  1.651   5.347   1.00 12.59 ? 73  GLU B CB  1 
ATOM   567  C CG  . GLU A 1 67  ? 10.392  0.762   6.542   1.00 14.81 ? 73  GLU B CG  1 
ATOM   568  C CD  . GLU A 1 67  ? 11.449  1.272   7.511   1.00 17.05 ? 73  GLU B CD  1 
ATOM   569  O OE1 . GLU A 1 67  ? 12.082  2.324   7.193   1.00 21.46 ? 73  GLU B OE1 1 
ATOM   570  O OE2 . GLU A 1 67  ? 11.676  0.599   8.589   1.00 15.85 ? 73  GLU B OE2 1 
ATOM   571  N N   . VAL A 1 68  ? 7.521   2.795   3.786   1.00 10.71 ? 74  VAL B N   1 
ATOM   572  C CA  . VAL A 1 68  ? 6.930   3.827   2.924   1.00 10.04 ? 74  VAL B CA  1 
ATOM   573  C C   . VAL A 1 68  ? 6.833   5.139   3.703   1.00 10.40 ? 74  VAL B C   1 
ATOM   574  O O   . VAL A 1 68  ? 6.270   5.182   4.813   1.00 11.89 ? 74  VAL B O   1 
ATOM   575  C CB  . VAL A 1 68  ? 5.538   3.409   2.423   1.00 10.17 ? 74  VAL B CB  1 
ATOM   576  C CG1 . VAL A 1 68  ? 5.051   4.415   1.406   1.00 11.39 ? 74  VAL B CG1 1 
ATOM   577  C CG2 . VAL A 1 68  ? 5.567   1.986   1.876   1.00 11.13 ? 74  VAL B CG2 1 
ATOM   578  N N   . ASP A 1 69  ? 7.247   6.242   3.051   1.00 10.97 ? 75  ASP B N   1 
ATOM   579  C CA  . ASP A 1 69  ? 7.148   7.617   3.577   1.00 12.08 ? 75  ASP B CA  1 
ATOM   580  C C   . ASP A 1 69  ? 5.804   8.172   3.175   1.00 10.48 ? 75  ASP B C   1 
ATOM   581  O O   . ASP A 1 69  ? 5.459   8.169   1.943   1.00 11.15 ? 75  ASP B O   1 
ATOM   582  C CB  . ASP A 1 69  ? 8.306   8.486   3.053   1.00 13.66 ? 75  ASP B CB  1 
ATOM   583  C CG  . ASP A 1 69  ? 8.452   9.789   3.827   1.00 16.04 ? 75  ASP B CG  1 
ATOM   584  O OD1 . ASP A 1 69  ? 7.529   10.539  3.843   1.00 15.76 ? 75  ASP B OD1 1 
ATOM   585  O OD2 . ASP A 1 69  ? 9.377   9.903   4.600   1.00 20.71 ? 75  ASP B OD2 1 
ATOM   586  N N   . VAL A 1 70  ? 5.046   8.670   4.157   1.00 10.98 ? 76  VAL B N   1 
ATOM   587  C CA  . VAL A 1 70  ? 3.688   9.263   3.974   1.00 11.38 ? 76  VAL B CA  1 
ATOM   588  C C   . VAL A 1 70  ? 3.634   10.727  4.460   1.00 11.80 ? 76  VAL B C   1 
ATOM   589  O O   . VAL A 1 70  ? 2.530   11.257  4.697   1.00 12.14 ? 76  VAL B O   1 
ATOM   590  C CB  . VAL A 1 70  ? 2.626   8.389   4.694   1.00 10.96 ? 76  VAL B CB  1 
ATOM   591  C CG1 . VAL A 1 70  ? 2.544   6.944   4.133   1.00 10.73 ? 76  VAL B CG1 1 
ATOM   592  C CG2 . VAL A 1 70  ? 2.793   8.340   6.194   1.00 11.21 ? 76  VAL B CG2 1 
ATOM   593  N N   . THR A 1 71  ? 4.797   11.342  4.620   1.00 11.96 ? 77  THR B N   1 
ATOM   594  C CA  . THR A 1 71  ? 4.908   12.709  5.185   1.00 14.04 ? 77  THR B CA  1 
ATOM   595  C C   . THR A 1 71  ? 3.938   13.678  4.484   1.00 14.15 ? 77  THR B C   1 
ATOM   596  O O   . THR A 1 71  ? 3.902   13.730  3.275   1.00 14.75 ? 77  THR B O   1 
ATOM   597  C CB  . THR A 1 71  ? 6.336   13.242  5.060   1.00 13.19 ? 77  THR B CB  1 
ATOM   598  O OG1 . THR A 1 71  ? 7.248   12.394  5.763   1.00 16.03 ? 77  THR B OG1 1 
ATOM   599  C CG2 . THR A 1 71  ? 6.446   14.659  5.592   1.00 15.03 ? 77  THR B CG2 1 
ATOM   600  N N   . GLN A 1 72  ? 3.221   14.479  5.277   0.50 16.06 ? 78  GLN B N   1 
ATOM   601  C CA  . GLN A 1 72  ? 2.283   15.555  4.835   0.50 16.94 ? 78  GLN B CA  1 
ATOM   602  C C   . GLN A 1 72  ? 0.919   15.030  4.381   0.50 16.59 ? 78  GLN B C   1 
ATOM   603  O O   . GLN A 1 72  ? -0.024  15.848  4.328   0.50 16.29 ? 78  GLN B O   1 
ATOM   604  C CB  . GLN A 1 72  ? 2.781   16.337  3.625   0.50 18.96 ? 78  GLN B CB  1 
ATOM   605  C CG  . GLN A 1 72  ? 4.171   16.927  3.786   0.50 20.60 ? 78  GLN B CG  1 
ATOM   606  C CD  . GLN A 1 72  ? 4.886   16.899  2.464   0.50 22.68 ? 78  GLN B CD  1 
ATOM   607  O OE1 . GLN A 1 72  ? 5.641   15.976  2.158   0.50 21.89 ? 78  GLN B OE1 1 
ATOM   608  N NE2 . GLN A 1 72  ? 4.598   17.892  1.641   0.50 23.16 ? 78  GLN B NE2 1 
ATOM   609  N N   . LYS A 1 73  ? 0.811   13.771  3.951   1.00 14.32 ? 79  LYS B N   1 
ATOM   610  C CA  . LYS A 1 73  ? -0.409  13.349  3.268   1.00 12.23 ? 79  LYS B CA  1 
ATOM   611  C C   . LYS A 1 73  ? -1.620  13.348  4.190   1.00 11.01 ? 79  LYS B C   1 
ATOM   612  O O   . LYS A 1 73  ? -1.488  12.996  5.397   1.00 12.47 ? 79  LYS B O   1 
ATOM   613  C CB  . LYS A 1 73  ? -0.192  11.982  2.645   1.00 12.18 ? 79  LYS B CB  1 
ATOM   614  C CG  . LYS A 1 73  ? 0.835   12.031  1.493   1.00 11.81 ? 79  LYS B CG  1 
ATOM   615  C CD  . LYS A 1 73  ? 0.932   10.778  0.645   1.00 12.62 ? 79  LYS B CD  1 
ATOM   616  C CE  . LYS A 1 73  ? -0.312  10.464  -0.123  1.00 12.02 ? 79  LYS B CE  1 
ATOM   617  N NZ  . LYS A 1 73  ? -0.747  11.593  -1.008  1.00 10.69 ? 79  LYS B NZ  1 
ATOM   618  N N   . GLU A 1 74  ? -2.774  13.640  3.616   1.00 10.61 ? 80  GLU B N   1 
ATOM   619  C CA  . GLU A 1 74  ? -4.070  13.607  4.321   1.00 10.75 ? 80  GLU B CA  1 
ATOM   620  C C   . GLU A 1 74  ? -4.828  12.311  4.073   1.00 10.59 ? 80  GLU B C   1 
ATOM   621  O O   . GLU A 1 74  ? -5.778  12.022  4.786   1.00 11.68 ? 80  GLU B O   1 
ATOM   622  C CB  . GLU A 1 74  ? -4.985  14.758  3.819   1.00 11.49 ? 80  GLU B CB  1 
ATOM   623  C CG  . GLU A 1 74  ? -4.494  16.154  4.109   1.00 12.62 ? 80  GLU B CG  1 
ATOM   624  C CD  . GLU A 1 74  ? -5.339  17.240  3.444   1.00 12.37 ? 80  GLU B CD  1 
ATOM   625  O OE1 . GLU A 1 74  ? -5.172  18.411  3.829   1.00 15.62 ? 80  GLU B OE1 1 
ATOM   626  O OE2 . GLU A 1 74  ? -6.201  16.932  2.622   1.00 13.82 ? 80  GLU B OE2 1 
ATOM   627  N N   . ALA A 1 75  ? -4.475  11.550  3.032   1.00 10.39 ? 81  ALA B N   1 
ATOM   628  C CA  . ALA A 1 75  ? -5.218  10.332  2.700   1.00 10.61 ? 81  ALA B CA  1 
ATOM   629  C C   . ALA A 1 75  ? -4.307  9.423   1.902   1.00 11.01 ? 81  ALA B C   1 
ATOM   630  O O   . ALA A 1 75  ? -3.531  9.894   1.013   1.00 11.00 ? 81  ALA B O   1 
ATOM   631  C CB  . ALA A 1 75  ? -6.438  10.614  1.891   1.00 11.49 ? 81  ALA B CB  1 
ATOM   632  N N   . TRP A 1 76  ? -4.375  8.105   2.168   1.00 9.68  ? 82  TRP B N   1 
ATOM   633  C CA  . TRP A 1 76  ? -3.575  7.062   1.462   1.00 9.31  ? 82  TRP B CA  1 
ATOM   634  C C   . TRP A 1 76  ? -4.055  5.705   1.944   1.00 9.91  ? 82  TRP B C   1 
ATOM   635  O O   . TRP A 1 76  ? -4.663  5.600   3.033   1.00 10.05 ? 82  TRP B O   1 
ATOM   636  C CB  . TRP A 1 76  ? -2.089  7.215   1.722   1.00 10.12 ? 82  TRP B CB  1 
ATOM   637  C CG  . TRP A 1 76  ? -1.643  7.399   3.140   1.00 10.06 ? 82  TRP B CG  1 
ATOM   638  C CD1 . TRP A 1 76  ? -1.339  8.557   3.782   1.00 10.87 ? 82  TRP B CD1 1 
ATOM   639  C CD2 . TRP A 1 76  ? -1.495  6.396   4.189   1.00 10.11 ? 82  TRP B CD2 1 
ATOM   640  N NE1 . TRP A 1 76  ? -0.979  8.376   5.078   1.00 10.36 ? 82  TRP B NE1 1 
ATOM   641  C CE2 . TRP A 1 76  ? -1.077  7.032   5.369   1.00 10.44 ? 82  TRP B CE2 1 
ATOM   642  C CE3 . TRP A 1 76  ? -1.681  4.984   4.228   1.00 11.61 ? 82  TRP B CE3 1 
ATOM   643  C CZ2 . TRP A 1 76  ? -0.811  6.377   6.554   1.00 10.93 ? 82  TRP B CZ2 1 
ATOM   644  C CZ3 . TRP A 1 76  ? -1.420  4.321   5.417   1.00 11.63 ? 82  TRP B CZ3 1 
ATOM   645  C CH2 . TRP A 1 76  ? -0.979  5.020   6.553   1.00 12.06 ? 82  TRP B CH2 1 
ATOM   646  N N   . ASP A 1 77  ? -3.763  4.693   1.143   1.00 9.36  ? 83  ASP B N   1 
ATOM   647  C CA  . ASP A 1 77  ? -3.927  3.257   1.532   1.00 9.50  ? 83  ASP B CA  1 
ATOM   648  C C   . ASP A 1 77  ? -2.576  2.585   1.301   1.00 9.69  ? 83  ASP B C   1 
ATOM   649  O O   . ASP A 1 77  ? -1.939  2.861   0.267   1.00 9.68  ? 83  ASP B O   1 
ATOM   650  C CB  . ASP A 1 77  ? -4.993  2.533   0.728   1.00 11.55 ? 83  ASP B CB  1 
ATOM   651  C CG  . ASP A 1 77  ? -6.312  3.238   0.460   1.00 12.51 ? 83  ASP B CG  1 
ATOM   652  O OD1 . ASP A 1 77  ? -6.736  3.941   1.361   1.00 16.56 ? 83  ASP B OD1 1 
ATOM   653  O OD2 . ASP A 1 77  ? -6.901  3.041   -0.630  1.00 14.52 ? 83  ASP B OD2 1 
ATOM   654  N N   . LEU A 1 78  ? -2.195  1.648   2.157   1.00 8.53  ? 84  LEU B N   1 
ATOM   655  C CA  . LEU A 1 78  ? -0.942  0.872   2.009   1.00 9.23  ? 84  LEU B CA  1 
ATOM   656  C C   . LEU A 1 78  ? -1.179  -0.577  2.438   1.00 8.62  ? 84  LEU B C   1 
ATOM   657  O O   . LEU A 1 78  ? -1.855  -0.833  3.417   1.00 8.63  ? 84  LEU B O   1 
ATOM   658  C CB  . LEU A 1 78  ? 0.194   1.435   2.852   1.00 9.31  ? 84  LEU B CB  1 
ATOM   659  C CG  . LEU A 1 78  ? 0.780   2.782   2.455   1.00 10.45 ? 84  LEU B CG  1 
ATOM   660  C CD1 . LEU A 1 78  ? 1.752   3.261   3.520   1.00 11.34 ? 84  LEU B CD1 1 
ATOM   661  C CD2 . LEU A 1 78  ? 1.456   2.671   1.126   1.00 11.04 ? 84  LEU B CD2 1 
ATOM   662  N N   . GLY A 1 79  ? -0.493  -1.491  1.769   1.00 7.97  ? 85  GLY B N   1 
ATOM   663  C CA  . GLY A 1 79  ? -0.409  -2.877  2.271   1.00 8.66  ? 85  GLY B CA  1 
ATOM   664  C C   . GLY A 1 79  ? 0.056   -3.786  1.144   1.00 8.21  ? 85  GLY B C   1 
ATOM   665  O O   . GLY A 1 79  ? 1.029   -3.496  0.419   1.00 8.41  ? 85  GLY B O   1 
ATOM   666  N N   A VAL A 1 80  ? -0.611  -4.937  1.054   0.25 8.03  ? 86  VAL B N   1 
ATOM   667  N N   B VAL A 1 80  ? -0.656  -4.889  0.991   0.25 8.70  ? 86  VAL B N   1 
ATOM   668  C CA  A VAL A 1 80  ? -0.411  -5.935  -0.027  0.25 7.83  ? 86  VAL B CA  1 
ATOM   669  C CA  B VAL A 1 80  ? -0.277  -5.945  0.026   0.25 8.97  ? 86  VAL B CA  1 
ATOM   670  C C   A VAL A 1 80  ? -1.755  -6.341  -0.599  0.25 8.19  ? 86  VAL B C   1 
ATOM   671  C C   B VAL A 1 80  ? -1.601  -6.521  -0.495  0.25 8.96  ? 86  VAL B C   1 
ATOM   672  O O   A VAL A 1 80  ? -2.844  -6.171  0.021   0.25 8.16  ? 86  VAL B O   1 
ATOM   673  O O   B VAL A 1 80  ? -2.589  -6.497  0.250   0.25 9.44  ? 86  VAL B O   1 
ATOM   674  C CB  A VAL A 1 80  ? 0.330   -7.206  0.424   0.25 7.77  ? 86  VAL B CB  1 
ATOM   675  C CB  B VAL A 1 80  ? 0.669   -6.949  0.722   0.25 9.98  ? 86  VAL B CB  1 
ATOM   676  C CG1 A VAL A 1 80  ? 1.770   -6.859  0.723   0.25 7.38  ? 86  VAL B CG1 1 
ATOM   677  C CG1 B VAL A 1 80  ? -0.049  -7.799  1.767   0.25 10.09 ? 86  VAL B CG1 1 
ATOM   678  C CG2 A VAL A 1 80  ? -0.343  -7.881  1.616   0.25 7.98  ? 86  VAL B CG2 1 
ATOM   679  C CG2 B VAL A 1 80  ? 1.437   -7.797  -0.262  0.25 10.85 ? 86  VAL B CG2 1 
ATOM   680  N N   . CYS A 1 81  ? -1.667  -6.967  -1.762  1.00 8.76  ? 87  CYS B N   1 
ATOM   681  C CA  . CYS A 1 81  ? -2.873  -7.541  -2.336  1.00 9.46  ? 87  CYS B CA  1 
ATOM   682  C C   . CYS A 1 81  ? -2.527  -8.742  -3.204  1.00 9.04  ? 87  CYS B C   1 
ATOM   683  O O   . CYS A 1 81  ? -1.356  -8.907  -3.646  1.00 9.55  ? 87  CYS B O   1 
ATOM   684  C CB  . CYS A 1 81  ? -3.648  -6.501  -3.162  1.00 11.05 ? 87  CYS B CB  1 
ATOM   685  S SG  . CYS A 1 81  ? -2.781  -5.877  -4.629  1.00 10.79 ? 87  CYS B SG  1 
ATOM   686  N N   A ARG A 1 82  ? -3.532  -9.546  -3.486  0.25 10.06 ? 88  ARG B N   1 
ATOM   687  N N   B ARG A 1 82  ? -3.529  -9.567  -3.471  0.25 8.77  ? 88  ARG B N   1 
ATOM   688  C CA  A ARG A 1 82  ? -3.361  -10.628 -4.481  0.25 10.82 ? 88  ARG B CA  1 
ATOM   689  C CA  B ARG A 1 82  ? -3.374  -10.696 -4.429  0.25 8.64  ? 88  ARG B CA  1 
ATOM   690  C C   A ARG A 1 82  ? -2.981  -10.040 -5.840  0.25 9.96  ? 88  ARG B C   1 
ATOM   691  C C   B ARG A 1 82  ? -3.115  -10.141 -5.843  0.25 8.90  ? 88  ARG B C   1 
ATOM   692  O O   A ARG A 1 82  ? -3.403  -8.937  -6.219  0.25 9.60  ? 88  ARG B O   1 
ATOM   693  O O   B ARG A 1 82  ? -3.807  -9.151  -6.254  0.25 9.08  ? 88  ARG B O   1 
ATOM   694  C CB  A ARG A 1 82  ? -4.664  -11.402 -4.632  0.25 12.60 ? 88  ARG B CB  1 
ATOM   695  C CB  B ARG A 1 82  ? -4.649  -11.548 -4.431  0.25 8.53  ? 88  ARG B CB  1 
ATOM   696  C CG  A ARG A 1 82  ? -4.990  -12.209 -3.395  0.25 15.26 ? 88  ARG B CG  1 
ATOM   697  C CG  B ARG A 1 82  ? -4.452  -12.938 -5.019  0.25 8.35  ? 88  ARG B CG  1 
ATOM   698  C CD  A ARG A 1 82  ? -6.245  -13.032 -3.590  0.25 17.46 ? 88  ARG B CD  1 
ATOM   699  C CD  B ARG A 1 82  ? -5.720  -13.761 -5.060  0.25 8.65  ? 88  ARG B CD  1 
ATOM   700  N NE  A ARG A 1 82  ? -6.705  -13.584 -2.324  0.25 18.15 ? 88  ARG B NE  1 
ATOM   701  N NE  B ARG A 1 82  ? -6.206  -13.961 -3.723  0.25 8.48  ? 88  ARG B NE  1 
ATOM   702  C CZ  A ARG A 1 82  ? -7.975  -13.703 -1.988  0.25 19.21 ? 88  ARG B CZ  1 
ATOM   703  C CZ  B ARG A 1 82  ? -7.384  -13.573 -3.250  0.25 8.47  ? 88  ARG B CZ  1 
ATOM   704  N NH1 A ARG A 1 82  ? -8.922  -13.298 -2.815  0.25 19.46 ? 88  ARG B NH1 1 
ATOM   705  N NH1 B ARG A 1 82  ? -8.302  -13.075 -4.038  0.25 9.35  ? 88  ARG B NH1 1 
ATOM   706  N NH2 A ARG A 1 82  ? -8.292  -14.230 -0.825  0.25 21.36 ? 88  ARG B NH2 1 
ATOM   707  N NH2 B ARG A 1 82  ? -7.620  -13.722 -1.952  0.25 8.34  ? 88  ARG B NH2 1 
ATOM   708  N N   . ASP A 1 83  ? -2.214  -10.801 -6.598  1.00 10.32 ? 89  ASP B N   1 
ATOM   709  C CA  . ASP A 1 83  ? -1.893  -10.356 -7.969  1.00 11.53 ? 89  ASP B CA  1 
ATOM   710  C C   . ASP A 1 83  ? -3.176  -10.264 -8.781  1.00 12.30 ? 89  ASP B C   1 
ATOM   711  O O   . ASP A 1 83  ? -3.198  -9.409  -9.737  1.00 16.78 ? 89  ASP B O   1 
ATOM   712  C CB  . ASP A 1 83  ? -0.903  -11.322 -8.612  1.00 12.52 ? 89  ASP B CB  1 
ATOM   713  C CG  . ASP A 1 83  ? -1.343  -12.746 -8.796  1.00 13.72 ? 89  ASP B CG  1 
ATOM   714  O OD1 . ASP A 1 83  ? -2.391  -13.148 -8.283  1.00 15.82 ? 89  ASP B OD1 1 
ATOM   715  O OD2 . ASP A 1 83  ? -0.579  -13.461 -9.508  1.00 16.35 ? 89  ASP B OD2 1 
ATOM   716  N N   . SER A 1 84  ? -4.234  -11.001 -8.509  1.00 11.20 ? 90  SER B N   1 
ATOM   717  C CA  . SER A 1 84  ? -5.438  -11.052 -9.345  1.00 13.18 ? 90  SER B CA  1 
ATOM   718  C C   . SER A 1 84  ? -6.585  -10.164 -8.849  1.00 12.36 ? 90  SER B C   1 
ATOM   719  O O   . SER A 1 84  ? -7.714  -10.363 -9.290  1.00 13.92 ? 90  SER B O   1 
ATOM   720  C CB  . SER A 1 84  ? -5.874  -12.449 -9.506  1.00 14.59 ? 90  SER B CB  1 
ATOM   721  O OG  . SER A 1 84  ? -6.111  -13.024 -8.300  1.00 14.76 ? 90  SER B OG  1 
ATOM   722  N N   . VAL A 1 85  ? -6.323  -9.187  -7.984  1.00 11.32 ? 91  VAL B N   1 
ATOM   723  C CA  . VAL A 1 85  ? -7.421  -8.291  -7.557  1.00 11.24 ? 91  VAL B CA  1 
ATOM   724  C C   . VAL A 1 85  ? -8.031  -7.588  -8.791  1.00 11.86 ? 91  VAL B C   1 
ATOM   725  O O   . VAL A 1 85  ? -7.335  -7.251  -9.781  1.00 12.33 ? 91  VAL B O   1 
ATOM   726  C CB  . VAL A 1 85  ? -6.965  -7.244  -6.522  1.00 10.96 ? 91  VAL B CB  1 
ATOM   727  C CG1 . VAL A 1 85  ? -6.619  -7.917  -5.205  1.00 10.85 ? 91  VAL B CG1 1 
ATOM   728  C CG2 . VAL A 1 85  ? -5.873  -6.335  -7.019  1.00 10.62 ? 91  VAL B CG2 1 
ATOM   729  N N   . GLN A 1 86  ? -9.317  -7.333  -8.663  1.00 12.75 ? 92  GLN B N   1 
ATOM   730  C CA  . GLN A 1 86  ? -10.077 -6.471  -9.614  1.00 14.09 ? 92  GLN B CA  1 
ATOM   731  C C   . GLN A 1 86  ? -9.370  -5.124  -9.823  1.00 13.29 ? 92  GLN B C   1 
ATOM   732  O O   . GLN A 1 86  ? -8.975  -4.499  -8.881  1.00 14.08 ? 92  GLN B O   1 
ATOM   733  C CB  . GLN A 1 86  ? -11.478 -6.306  -9.012  1.00 17.70 ? 92  GLN B CB  1 
ATOM   734  C CG  . GLN A 1 86  ? -12.433 -5.320  -9.694  1.00 21.64 ? 92  GLN B CG  1 
ATOM   735  C CD  . GLN A 1 86  ? -13.726 -5.074  -8.915  1.00 22.71 ? 92  GLN B CD  1 
ATOM   736  O OE1 . GLN A 1 86  ? -14.058 -5.753  -7.919  1.00 25.07 ? 92  GLN B OE1 1 
ATOM   737  N NE2 . GLN A 1 86  ? -14.512 -4.078  -9.328  1.00 25.45 ? 92  GLN B NE2 1 
ATOM   738  N N   . ARG A 1 87  ? -9.317  -4.691  -11.075 1.00 12.44 ? 93  ARG B N   1 
ATOM   739  C CA  . ARG A 1 87  ? -8.668  -3.406  -11.455 1.00 12.78 ? 93  ARG B CA  1 
ATOM   740  C C   . ARG A 1 87  ? -9.721  -2.351  -11.824 1.00 13.32 ? 93  ARG B C   1 
ATOM   741  O O   . ARG A 1 87  ? -9.423  -1.141  -11.665 1.00 13.45 ? 93  ARG B O   1 
ATOM   742  C CB  . ARG A 1 87  ? -7.684  -3.551  -12.593 1.00 13.81 ? 93  ARG B CB  1 
ATOM   743  C CG  . ARG A 1 87  ? -6.629  -4.629  -12.387 1.00 13.11 ? 93  ARG B CG  1 
ATOM   744  C CD  . ARG A 1 87  ? -5.819  -4.433  -11.084 1.00 13.01 ? 93  ARG B CD  1 
ATOM   745  N NE  . ARG A 1 87  ? -5.009  -5.656  -10.823 1.00 14.81 ? 93  ARG B NE  1 
ATOM   746  C CZ  . ARG A 1 87  ? -3.821  -5.867  -11.344 1.00 14.27 ? 93  ARG B CZ  1 
ATOM   747  N NH1 . ARG A 1 87  ? -3.263  -4.982  -12.151 1.00 15.74 ? 93  ARG B NH1 1 
ATOM   748  N NH2 . ARG A 1 87  ? -3.200  -7.021  -11.156 1.00 15.94 ? 93  ARG B NH2 1 
ATOM   749  N N   . LYS A 1 88  ? -10.868 -2.758  -12.371 1.00 12.99 ? 94  LYS B N   1 
ATOM   750  C CA  . LYS A 1 88  ? -11.829 -1.796  -12.997 1.00 13.29 ? 94  LYS B CA  1 
ATOM   751  C C   . LYS A 1 88  ? -13.061 -1.629  -12.135 1.00 14.69 ? 94  LYS B C   1 
ATOM   752  O O   . LYS A 1 88  ? -13.494 -2.665  -11.541 1.00 16.81 ? 94  LYS B O   1 
ATOM   753  C CB  . LYS A 1 88  ? -12.235 -2.308  -14.380 1.00 14.66 ? 94  LYS B CB  1 
ATOM   754  C CG  . LYS A 1 88  ? -11.088 -2.637  -15.302 1.00 16.40 ? 94  LYS B CG  1 
ATOM   755  C CD  . LYS A 1 88  ? -10.131 -1.455  -15.515 1.00 15.92 ? 94  LYS B CD  1 
ATOM   756  C CE  . LYS A 1 88  ? -9.046  -1.862  -16.466 1.00 16.20 ? 94  LYS B CE  1 
ATOM   757  N NZ  . LYS A 1 88  ? -8.037  -0.782  -16.707 1.00 16.99 ? 94  LYS B NZ  1 
ATOM   758  N N   . GLY A 1 89  ? -13.621 -0.438  -12.051 1.00 15.07 ? 95  GLY B N   1 
ATOM   759  C CA  . GLY A 1 89  ? -14.866 -0.239  -11.332 1.00 15.59 ? 95  GLY B CA  1 
ATOM   760  C C   . GLY A 1 89  ? -14.655 -0.011  -9.861  1.00 16.98 ? 95  GLY B C   1 
ATOM   761  O O   . GLY A 1 89  ? -13.468 0.156   -9.378  1.00 15.98 ? 95  GLY B O   1 
ATOM   762  N N   . GLN A 1 90  ? -15.759 0.004   -9.123  0.50 17.23 ? 96  GLN B N   1 
ATOM   763  C CA  . GLN A 1 90  ? -15.780 0.277   -7.669  0.50 18.83 ? 96  GLN B CA  1 
ATOM   764  C C   . GLN A 1 90  ? -15.551 -1.023  -6.897  0.50 17.62 ? 96  GLN B C   1 
ATOM   765  O O   . GLN A 1 90  ? -16.022 -2.077  -7.341  0.50 18.25 ? 96  GLN B O   1 
ATOM   766  C CB  . GLN A 1 90  ? -17.118 0.897   -7.260  0.50 21.08 ? 96  GLN B CB  1 
ATOM   767  C CG  . GLN A 1 90  ? -17.352 2.271   -7.858  0.50 24.07 ? 96  GLN B CG  1 
ATOM   768  C CD  . GLN A 1 90  ? -18.106 3.188   -6.924  0.50 26.09 ? 96  GLN B CD  1 
ATOM   769  O OE1 . GLN A 1 90  ? -17.628 4.261   -6.547  0.50 29.99 ? 96  GLN B OE1 1 
ATOM   770  N NE2 . GLN A 1 90  ? -19.303 2.770   -6.545  0.50 28.02 ? 96  GLN B NE2 1 
ATOM   771  N N   . PHE A 1 91  ? -14.829 -0.946  -5.780  1.00 15.61 ? 97  PHE B N   1 
ATOM   772  C CA  . PHE A 1 91  ? -14.647 -2.101  -4.879  1.00 15.41 ? 97  PHE B CA  1 
ATOM   773  C C   . PHE A 1 91  ? -14.163 -1.598  -3.537  1.00 14.46 ? 97  PHE B C   1 
ATOM   774  O O   . PHE A 1 91  ? -13.625 -0.502  -3.409  1.00 16.34 ? 97  PHE B O   1 
ATOM   775  C CB  . PHE A 1 91  ? -13.647 -3.125  -5.430  1.00 14.27 ? 97  PHE B CB  1 
ATOM   776  C CG  . PHE A 1 91  ? -12.306 -2.532  -5.785  1.00 13.27 ? 97  PHE B CG  1 
ATOM   777  C CD1 . PHE A 1 91  ? -11.308 -2.417  -4.817  1.00 14.29 ? 97  PHE B CD1 1 
ATOM   778  C CD2 . PHE A 1 91  ? -12.019 -2.130  -7.076  1.00 14.21 ? 97  PHE B CD2 1 
ATOM   779  C CE1 . PHE A 1 91  ? -10.054 -1.907  -5.142  1.00 13.07 ? 97  PHE B CE1 1 
ATOM   780  C CE2 . PHE A 1 91  ? -10.769 -1.606  -7.409  1.00 14.00 ? 97  PHE B CE2 1 
ATOM   781  C CZ  . PHE A 1 91  ? -9.812  -1.498  -6.437  1.00 13.41 ? 97  PHE B CZ  1 
ATOM   782  N N   A SER A 1 92  ? -14.386 -2.386  -2.492  0.25 14.95 ? 98  SER B N   1 
ATOM   783  N N   B SER A 1 92  ? -14.371 -2.452  -2.538  0.25 14.32 ? 98  SER B N   1 
ATOM   784  C CA  A SER A 1 92  ? -13.857 -2.073  -1.141  0.25 15.39 ? 98  SER B CA  1 
ATOM   785  C CA  B SER A 1 92  ? -13.915 -2.260  -1.141  0.25 14.55 ? 98  SER B CA  1 
ATOM   786  C C   A SER A 1 92  ? -12.575 -2.868  -0.899  0.25 13.78 ? 98  SER B C   1 
ATOM   787  C C   B SER A 1 92  ? -12.526 -2.886  -0.962  0.25 13.28 ? 98  SER B C   1 
ATOM   788  O O   A SER A 1 92  ? -12.432 -3.999  -1.390  0.25 13.59 ? 98  SER B O   1 
ATOM   789  O O   B SER A 1 92  ? -12.222 -3.914  -1.634  0.25 13.23 ? 98  SER B O   1 
ATOM   790  C CB  A SER A 1 92  ? -14.841 -2.365  -0.064  0.25 17.90 ? 98  SER B CB  1 
ATOM   791  C CB  B SER A 1 92  ? -14.901 -2.854  -0.170  0.25 15.90 ? 98  SER B CB  1 
ATOM   792  O OG  A SER A 1 92  ? -15.362 -3.665  -0.262  0.25 21.24 ? 98  SER B OG  1 
ATOM   793  O OG  B SER A 1 92  ? -16.116 -2.107  -0.174  0.25 17.79 ? 98  SER B OG  1 
ATOM   794  N N   . LEU A 1 93  ? -11.699 -2.281  -0.108  1.00 12.57 ? 99  LEU B N   1 
ATOM   795  C CA  . LEU A 1 93  ? -10.444 -2.928  0.313   1.00 13.04 ? 99  LEU B CA  1 
ATOM   796  C C   . LEU A 1 93  ? -10.735 -3.842  1.474   1.00 12.92 ? 99  LEU B C   1 
ATOM   797  O O   . LEU A 1 93  ? -11.001 -3.398  2.594   1.00 15.11 ? 99  LEU B O   1 
ATOM   798  C CB  . LEU A 1 93  ? -9.410  -1.893  0.733   1.00 13.48 ? 99  LEU B CB  1 
ATOM   799  C CG  . LEU A 1 93  ? -8.992  -0.900  -0.337  1.00 15.30 ? 99  LEU B CG  1 
ATOM   800  C CD1 . LEU A 1 93  ? -7.984  0.123   0.193   1.00 15.25 ? 99  LEU B CD1 1 
ATOM   801  C CD2 . LEU A 1 93  ? -8.376  -1.602  -1.518  1.00 16.07 ? 99  LEU B CD2 1 
ATOM   802  N N   . SER A 1 94  ? -10.719 -5.159  1.247   1.00 11.96 ? 100 SER B N   1 
ATOM   803  C CA  . SER A 1 94  ? -11.051 -6.159  2.273   1.00 12.07 ? 100 SER B CA  1 
ATOM   804  C C   . SER A 1 94  ? -10.275 -7.429  1.973   1.00 10.83 ? 100 SER B C   1 
ATOM   805  O O   . SER A 1 94  ? -9.987  -7.683  0.796   1.00 10.64 ? 100 SER B O   1 
ATOM   806  C CB  . SER A 1 94  ? -12.527 -6.463  2.346   1.00 13.02 ? 100 SER B CB  1 
ATOM   807  O OG  . SER A 1 94  ? -12.935 -7.073  1.137   1.00 16.20 ? 100 SER B OG  1 
ATOM   808  N N   . PRO A 1 95  ? -10.031 -8.284  2.952   1.00 10.96 ? 101 PRO B N   1 
ATOM   809  C CA  . PRO A 1 95  ? -9.447  -9.595  2.653   1.00 11.91 ? 101 PRO B CA  1 
ATOM   810  C C   . PRO A 1 95  ? -10.320 -10.422 1.715   1.00 11.61 ? 101 PRO B C   1 
ATOM   811  O O   . PRO A 1 95  ? -9.761  -11.104 0.819   1.00 12.15 ? 101 PRO B O   1 
ATOM   812  C CB  . PRO A 1 95  ? -9.279  -10.256 4.027   1.00 12.44 ? 101 PRO B CB  1 
ATOM   813  C CG  . PRO A 1 95  ? -9.091  -9.044  4.956   1.00 14.11 ? 101 PRO B CG  1 
ATOM   814  C CD  . PRO A 1 95  ? -10.057 -8.019  4.400   1.00 12.74 ? 101 PRO B CD  1 
ATOM   815  N N   . GLU A 1 96  ? -11.632 -10.302 1.791   1.00 12.38 ? 102 GLU B N   1 
ATOM   816  C CA  . GLU A 1 96  ? -12.520 -11.067 0.882   1.00 14.69 ? 102 GLU B CA  1 
ATOM   817  C C   . GLU A 1 96  ? -12.220 -10.672 -0.561  1.00 13.99 ? 102 GLU B C   1 
ATOM   818  O O   . GLU A 1 96  ? -12.408 -11.474 -1.501  1.00 15.59 ? 102 GLU B O   1 
ATOM   819  C CB  . GLU A 1 96  ? -13.981 -10.804 1.239   1.00 18.96 ? 102 GLU B CB  1 
ATOM   820  C CG  . GLU A 1 96  ? -14.260 -11.067 2.699   1.00 27.55 ? 102 GLU B CG  1 
ATOM   821  C CD  . GLU A 1 96  ? -14.245 -9.836  3.598   1.00 31.89 ? 102 GLU B CD  1 
ATOM   822  O OE1 . GLU A 1 96  ? -13.179 -9.543  4.262   1.00 21.13 ? 102 GLU B OE1 1 
ATOM   823  O OE2 . GLU A 1 96  ? -15.349 -9.221  3.700   1.00 44.16 ? 102 GLU B OE2 1 
ATOM   824  N N   . ASN A 1 97  ? -11.853 -9.416  -0.818  1.00 12.50 ? 103 ASN B N   1 
ATOM   825  C CA  . ASN A 1 97  ? -11.531 -8.938  -2.180  1.00 12.56 ? 103 ASN B CA  1 
ATOM   826  C C   . ASN A 1 97  ? -10.039 -9.053  -2.481  1.00 11.28 ? 103 ASN B C   1 
ATOM   827  O O   . ASN A 1 97  ? -9.606  -8.660  -3.579  1.00 12.04 ? 103 ASN B O   1 
ATOM   828  C CB  . ASN A 1 97  ? -11.984 -7.486  -2.380  1.00 13.35 ? 103 ASN B CB  1 
ATOM   829  C CG  . ASN A 1 97  ? -13.469 -7.332  -2.540  1.00 16.07 ? 103 ASN B CG  1 
ATOM   830  O OD1 . ASN A 1 97  ? -14.184 -8.318  -2.816  1.00 18.96 ? 103 ASN B OD1 1 
ATOM   831  N ND2 . ASN A 1 97  ? -13.971 -6.147  -2.243  1.00 16.34 ? 103 ASN B ND2 1 
ATOM   832  N N   . GLY A 1 98  ? -9.230  -9.641  -1.606  1.00 10.43 ? 104 GLY B N   1 
ATOM   833  C CA  . GLY A 1 98  ? -7.810  -9.851  -1.868  1.00 9.94  ? 104 GLY B CA  1 
ATOM   834  C C   . GLY A 1 98  ? -6.853  -8.743  -1.457  1.00 8.52  ? 104 GLY B C   1 
ATOM   835  O O   . GLY A 1 98  ? -5.776  -8.656  -1.969  1.00 9.45  ? 104 GLY B O   1 
ATOM   836  N N   . PHE A 1 99  ? -7.255  -7.943  -0.437  1.00 9.45  ? 105 PHE B N   1 
ATOM   837  C CA  . PHE A 1 99  ? -6.433  -6.814  0.089   1.00 9.20  ? 105 PHE B CA  1 
ATOM   838  C C   . PHE A 1 99  ? -6.161  -6.930  1.582   1.00 8.22  ? 105 PHE B C   1 
ATOM   839  O O   . PHE A 1 99  ? -7.156  -7.161  2.294   1.00 9.94  ? 105 PHE B O   1 
ATOM   840  C CB  . PHE A 1 99  ? -7.109  -5.467  -0.178  1.00 9.21  ? 105 PHE B CB  1 
ATOM   841  C CG  . PHE A 1 99  ? -7.345  -5.143  -1.642  1.00 9.41  ? 105 PHE B CG  1 
ATOM   842  C CD1 . PHE A 1 99  ? -8.532  -5.514  -2.269  1.00 10.46 ? 105 PHE B CD1 1 
ATOM   843  C CD2 . PHE A 1 99  ? -6.423  -4.426  -2.385  1.00 10.06 ? 105 PHE B CD2 1 
ATOM   844  C CE1 . PHE A 1 99  ? -8.761  -5.221  -3.611  1.00 11.17 ? 105 PHE B CE1 1 
ATOM   845  C CE2 . PHE A 1 99  ? -6.662  -4.140  -3.720  1.00 10.42 ? 105 PHE B CE2 1 
ATOM   846  C CZ  . PHE A 1 99  ? -7.827  -4.511  -4.309  1.00 10.53 ? 105 PHE B CZ  1 
ATOM   847  N N   . TRP A 1 100 ? -4.950  -6.657  1.995   1.00 7.66  ? 106 TRP B N   1 
ATOM   848  C CA  . TRP A 1 100 ? -4.557  -6.555  3.420   1.00 8.69  ? 106 TRP B CA  1 
ATOM   849  C C   . TRP A 1 100 ? -3.874  -5.198  3.571   1.00 7.39  ? 106 TRP B C   1 
ATOM   850  O O   . TRP A 1 100 ? -2.703  -5.038  3.254   1.00 8.47  ? 106 TRP B O   1 
ATOM   851  C CB  . TRP A 1 100 ? -3.683  -7.742  3.825   1.00 8.78  ? 106 TRP B CB  1 
ATOM   852  C CG  . TRP A 1 100 ? -4.407  -9.044  3.715   1.00 9.09  ? 106 TRP B CG  1 
ATOM   853  C CD1 . TRP A 1 100 ? -5.103  -9.708  4.675   1.00 10.01 ? 106 TRP B CD1 1 
ATOM   854  C CD2 . TRP A 1 100 ? -4.543  -9.840  2.509   1.00 9.50  ? 106 TRP B CD2 1 
ATOM   855  N NE1 . TRP A 1 100 ? -5.720  -10.833 4.154   1.00 9.97  ? 106 TRP B NE1 1 
ATOM   856  C CE2 . TRP A 1 100 ? -5.374  -10.933 2.833   1.00 10.24 ? 106 TRP B CE2 1 
ATOM   857  C CE3 . TRP A 1 100 ? -4.077  -9.723  1.205   1.00 9.77  ? 106 TRP B CE3 1 
ATOM   858  C CZ2 . TRP A 1 100 ? -5.745  -11.887 1.858   1.00 11.38 ? 106 TRP B CZ2 1 
ATOM   859  C CZ3 . TRP A 1 100 ? -4.417  -10.697 0.266   1.00 11.72 ? 106 TRP B CZ3 1 
ATOM   860  C CH2 . TRP A 1 100 ? -5.283  -11.705 0.583   1.00 11.69 ? 106 TRP B CH2 1 
ATOM   861  N N   . THR A 1 101 ? -4.650  -4.232  4.080   1.00 8.53  ? 107 THR B N   1 
ATOM   862  C CA  . THR A 1 101 ? -4.293  -2.797  3.986   1.00 8.50  ? 107 THR B CA  1 
ATOM   863  C C   . THR A 1 101 ? -4.674  -2.044  5.269   1.00 8.81  ? 107 THR B C   1 
ATOM   864  O O   . THR A 1 101 ? -5.578  -2.460  5.994   1.00 8.79  ? 107 THR B O   1 
ATOM   865  C CB  . THR A 1 101 ? -4.970  -2.100  2.796   1.00 9.14  ? 107 THR B CB  1 
ATOM   866  O OG1 . THR A 1 101 ? -6.372  -2.106  2.938   1.00 9.69  ? 107 THR B OG1 1 
ATOM   867  C CG2 . THR A 1 101 ? -4.531  -2.696  1.467   1.00 8.88  ? 107 THR B CG2 1 
ATOM   868  N N   . ILE A 1 102 ? -4.026  -0.910  5.458   1.00 8.61  ? 108 ILE B N   1 
ATOM   869  C CA  . ILE A 1 102 ? -4.473  0.155   6.412   1.00 8.49  ? 108 ILE B CA  1 
ATOM   870  C C   . ILE A 1 102 ? -4.593  1.437   5.595   1.00 8.52  ? 108 ILE B C   1 
ATOM   871  O O   . ILE A 1 102 ? -3.983  1.568   4.512   1.00 9.12  ? 108 ILE B O   1 
ATOM   872  C CB  . ILE A 1 102 ? -3.536  0.296   7.617   1.00 9.41  ? 108 ILE B CB  1 
ATOM   873  C CG1 . ILE A 1 102 ? -2.141  0.822   7.256   1.00 10.15 ? 108 ILE B CG1 1 
ATOM   874  C CG2 . ILE A 1 102 ? -3.440  -1.045  8.369   1.00 9.61  ? 108 ILE B CG2 1 
ATOM   875  C CD1 . ILE A 1 102 ? -1.287  1.233   8.471   1.00 11.32 ? 108 ILE B CD1 1 
ATOM   876  N N   . TRP A 1 103 ? -5.212  2.432   6.207   1.00 8.67  ? 109 TRP B N   1 
ATOM   877  C CA  . TRP A 1 103 ? -5.369  3.729   5.543   1.00 9.49  ? 109 TRP B CA  1 
ATOM   878  C C   . TRP A 1 103 ? -5.459  4.863   6.532   1.00 10.00 ? 109 TRP B C   1 
ATOM   879  O O   . TRP A 1 103 ? -5.818  4.684   7.712   1.00 10.35 ? 109 TRP B O   1 
ATOM   880  C CB  . TRP A 1 103 ? -6.489  3.730   4.562   1.00 11.91 ? 109 TRP B CB  1 
ATOM   881  C CG  . TRP A 1 103 ? -7.836  3.523   5.126   1.00 13.68 ? 109 TRP B CG  1 
ATOM   882  C CD1 . TRP A 1 103 ? -8.630  4.428   5.784   1.00 14.25 ? 109 TRP B CD1 1 
ATOM   883  C CD2 . TRP A 1 103 ? -8.648  2.375   4.875   1.00 13.75 ? 109 TRP B CD2 1 
ATOM   884  N NE1 . TRP A 1 103 ? -9.869  3.895   5.974   1.00 16.95 ? 109 TRP B NE1 1 
ATOM   885  C CE2 . TRP A 1 103 ? -9.919  2.646   5.430   1.00 15.12 ? 109 TRP B CE2 1 
ATOM   886  C CE3 . TRP A 1 103 ? -8.435  1.168   4.207   1.00 15.20 ? 109 TRP B CE3 1 
ATOM   887  C CZ2 . TRP A 1 103 ? -10.973 1.733   5.364   1.00 18.46 ? 109 TRP B CZ2 1 
ATOM   888  C CZ3 . TRP A 1 103 ? -9.479  0.284   4.140   1.00 16.96 ? 109 TRP B CZ3 1 
ATOM   889  C CH2 . TRP A 1 103 ? -10.705 0.558   4.710   1.00 16.57 ? 109 TRP B CH2 1 
ATOM   890  N N   . LEU A 1 104 ? -5.220  6.073   5.994   1.00 9.53  ? 110 LEU B N   1 
ATOM   891  C CA  . LEU A 1 104 ? -5.588  7.360   6.636   1.00 9.33  ? 110 LEU B CA  1 
ATOM   892  C C   . LEU A 1 104 ? -6.675  7.992   5.812   1.00 9.29  ? 110 LEU B C   1 
ATOM   893  O O   . LEU A 1 104 ? -6.564  8.084   4.595   1.00 10.03 ? 110 LEU B O   1 
ATOM   894  C CB  . LEU A 1 104 ? -4.379  8.265   6.638   1.00 10.14 ? 110 LEU B CB  1 
ATOM   895  C CG  . LEU A 1 104 ? -4.621  9.702   7.112   1.00 10.68 ? 110 LEU B CG  1 
ATOM   896  C CD1 . LEU A 1 104 ? -5.134  9.783   8.549   1.00 11.14 ? 110 LEU B CD1 1 
ATOM   897  C CD2 . LEU A 1 104 ? -3.367  10.536  6.935   1.00 12.24 ? 110 LEU B CD2 1 
ATOM   898  N N   . TRP A 1 105 ? -7.724  8.483   6.496   1.00 10.71 ? 111 TRP B N   1 
ATOM   899  C CA  . TRP A 1 105 ? -8.845  9.184   5.826   1.00 12.44 ? 111 TRP B CA  1 
ATOM   900  C C   . TRP A 1 105 ? -9.529  10.078  6.846   1.00 14.38 ? 111 TRP B C   1 
ATOM   901  O O   . TRP A 1 105 ? -9.882  9.589   7.941   1.00 14.16 ? 111 TRP B O   1 
ATOM   902  C CB  . TRP A 1 105 ? -9.852  8.169   5.285   1.00 15.62 ? 111 TRP B CB  1 
ATOM   903  C CG  . TRP A 1 105 ? -11.116 8.756   4.783   1.00 18.46 ? 111 TRP B CG  1 
ATOM   904  C CD1 . TRP A 1 105 ? -12.376 8.685   5.314   1.00 20.78 ? 111 TRP B CD1 1 
ATOM   905  C CD2 . TRP A 1 105 ? -11.225 9.455   3.552   1.00 18.33 ? 111 TRP B CD2 1 
ATOM   906  N NE1 . TRP A 1 105 ? -13.238 9.331   4.498   1.00 21.81 ? 111 TRP B NE1 1 
ATOM   907  C CE2 . TRP A 1 105 ? -12.573 9.838   3.422   1.00 19.05 ? 111 TRP B CE2 1 
ATOM   908  C CE3 . TRP A 1 105 ? -10.315 9.841   2.573   1.00 18.17 ? 111 TRP B CE3 1 
ATOM   909  C CZ2 . TRP A 1 105 ? -13.054 10.537  2.326   1.00 23.01 ? 111 TRP B CZ2 1 
ATOM   910  C CZ3 . TRP A 1 105 ? -10.775 10.599  1.517   1.00 22.26 ? 111 TRP B CZ3 1 
ATOM   911  C CH2 . TRP A 1 105 ? -12.122 10.943  1.393   1.00 24.27 ? 111 TRP B CH2 1 
ATOM   912  N N   . GLN A 1 106 ? -9.619  11.397  6.553   1.00 13.39 ? 112 GLN B N   1 
ATOM   913  C CA  . GLN A 1 106 ? -10.383 12.352  7.421   1.00 14.73 ? 112 GLN B CA  1 
ATOM   914  C C   . GLN A 1 106 ? -9.873  12.203  8.817   1.00 15.00 ? 112 GLN B C   1 
ATOM   915  O O   . GLN A 1 106 ? -10.748 12.143  9.782   1.00 16.80 ? 112 GLN B O   1 
ATOM   916  C CB  . GLN A 1 106 ? -11.883 12.126  7.248   1.00 15.56 ? 112 GLN B CB  1 
ATOM   917  C CG  . GLN A 1 106 ? -12.327 12.418  5.825   1.00 17.12 ? 112 GLN B CG  1 
ATOM   918  C CD  . GLN A 1 106 ? -13.822 12.474  5.585   1.00 18.59 ? 112 GLN B CD  1 
ATOM   919  O OE1 . GLN A 1 106 ? -14.293 12.993  4.564   1.00 21.31 ? 112 GLN B OE1 1 
ATOM   920  N NE2 . GLN A 1 106 ? -14.613 11.937  6.498   1.00 17.88 ? 112 GLN B NE2 1 
ATOM   921  N N   . ASP A 1 107 ? -8.587  12.302  9.014   1.00 15.50 ? 113 ASP B N   1 
ATOM   922  C CA  . ASP A 1 107 ? -7.991  12.435  10.320  1.00 18.01 ? 113 ASP B CA  1 
ATOM   923  C C   . ASP A 1 107 ? -8.200  11.189  11.198  1.00 19.78 ? 113 ASP B C   1 
ATOM   924  O O   . ASP A 1 107 ? -8.048  11.297  12.417  1.00 26.56 ? 113 ASP B O   1 
ATOM   925  C CB  . ASP A 1 107 ? -8.673  13.649  10.957  1.00 21.57 ? 113 ASP B CB  1 
ATOM   926  C CG  . ASP A 1 107 ? -7.892  14.178  12.095  1.00 27.18 ? 113 ASP B CG  1 
ATOM   927  O OD1 . ASP A 1 107 ? -6.650  14.224  11.983  1.00 29.46 ? 113 ASP B OD1 1 
ATOM   928  O OD2 . ASP A 1 107 ? -8.567  14.618  13.072  1.00 32.68 ? 113 ASP B OD2 1 
ATOM   929  N N   . SER A 1 108 ? -8.476  10.030  10.628  1.00 15.23 ? 114 SER B N   1 
ATOM   930  C CA  . SER A 1 108 ? -8.533  8.738   11.371  1.00 15.65 ? 114 SER B CA  1 
ATOM   931  C C   . SER A 1 108 ? -7.774  7.683   10.570  1.00 12.81 ? 114 SER B C   1 
ATOM   932  O O   . SER A 1 108 ? -7.796  7.655   9.304   1.00 12.78 ? 114 SER B O   1 
ATOM   933  C CB  . SER A 1 108 ? -9.962  8.396   11.711  1.00 18.89 ? 114 SER B CB  1 
ATOM   934  O OG  . SER A 1 108 ? -10.687 7.905   10.623  1.00 29.99 ? 114 SER B OG  1 
ATOM   935  N N   . TYR A 1 109 ? -7.168  6.780   11.287  1.00 11.86 ? 115 TYR B N   1 
ATOM   936  C CA  . TYR A 1 109 ? -6.466  5.585   10.729  1.00 11.00 ? 115 TYR B CA  1 
ATOM   937  C C   . TYR A 1 109 ? -7.337  4.367   10.930  1.00 11.00 ? 115 TYR B C   1 
ATOM   938  O O   . TYR A 1 109 ? -7.893  4.165   12.041  1.00 11.80 ? 115 TYR B O   1 
ATOM   939  C CB  . TYR A 1 109 ? -5.125  5.438   11.401  1.00 11.04 ? 115 TYR B CB  1 
ATOM   940  C CG  . TYR A 1 109 ? -4.153  6.600   11.183  1.00 11.89 ? 115 TYR B CG  1 
ATOM   941  C CD1 . TYR A 1 109 ? -4.100  7.670   12.075  1.00 12.30 ? 115 TYR B CD1 1 
ATOM   942  C CD2 . TYR A 1 109 ? -3.273  6.605   10.112  1.00 11.07 ? 115 TYR B CD2 1 
ATOM   943  C CE1 . TYR A 1 109 ? -3.201  8.715   11.907  1.00 13.31 ? 115 TYR B CE1 1 
ATOM   944  C CE2 . TYR A 1 109 ? -2.393  7.662   9.911   1.00 11.86 ? 115 TYR B CE2 1 
ATOM   945  C CZ  . TYR A 1 109 ? -2.350  8.704   10.827  1.00 12.16 ? 115 TYR B CZ  1 
ATOM   946  O OH  . TYR A 1 109 ? -1.507  9.805   10.651  1.00 13.56 ? 115 TYR B OH  1 
ATOM   947  N N   . GLU A 1 110 ? -7.491  3.551   9.885   0.50 11.02 ? 116 GLU B N   1 
ATOM   948  C CA  . GLU A 1 110 ? -8.337  2.334   9.898   0.50 11.44 ? 116 GLU B CA  1 
ATOM   949  C C   . GLU A 1 110 ? -7.561  1.158   9.289   0.50 9.77  ? 116 GLU B C   1 
ATOM   950  O O   . GLU A 1 110 ? -6.689  1.365   8.406   0.50 9.47  ? 116 GLU B O   1 
ATOM   951  C CB  . GLU A 1 110 ? -9.628  2.561   9.119   0.50 13.33 ? 116 GLU B CB  1 
ATOM   952  C CG  . GLU A 1 110 ? -10.509 3.679   9.682   0.50 16.53 ? 116 GLU B CG  1 
ATOM   953  C CD  . GLU A 1 110 ? -11.392 3.314   10.872  0.50 17.86 ? 116 GLU B CD  1 
ATOM   954  O OE1 . GLU A 1 110 ? -11.721 2.115   11.046  0.50 22.93 ? 116 GLU B OE1 1 
ATOM   955  O OE2 . GLU A 1 110 ? -11.789 4.237   11.606  0.50 24.71 ? 116 GLU B OE2 1 
ATOM   956  N N   . ALA A 1 111 ? -7.870  -0.063  9.749   1.00 9.51  ? 117 ALA B N   1 
ATOM   957  C CA  . ALA A 1 111 ? -7.495  -1.291  9.021   1.00 9.38  ? 117 ALA B CA  1 
ATOM   958  C C   . ALA A 1 111 ? -8.627  -1.698  8.110   1.00 9.44  ? 117 ALA B C   1 
ATOM   959  O O   . ALA A 1 111 ? -9.814  -1.671  8.482   1.00 10.24 ? 117 ALA B O   1 
ATOM   960  C CB  . ALA A 1 111 ? -7.134  -2.432  9.966   1.00 9.57  ? 117 ALA B CB  1 
ATOM   961  N N   . GLY A 1 112 ? -8.248  -2.175  6.901   1.00 9.91  ? 118 GLY B N   1 
ATOM   962  C CA  . GLY A 1 112 ? -9.173  -2.601  5.853   1.00 11.14 ? 118 GLY B CA  1 
ATOM   963  C C   . GLY A 1 112 ? -9.710  -3.986  6.095   1.00 11.16 ? 118 GLY B C   1 
ATOM   964  O O   . GLY A 1 112 ? -9.681  -4.860  5.241   1.00 13.24 ? 118 GLY B O   1 
ATOM   965  N N   . THR A 1 113 ? -10.276 -4.254  7.263   1.00 12.72 ? 119 THR B N   1 
ATOM   966  C CA  . THR A 1 113 ? -11.176 -5.388  7.523   1.00 13.91 ? 119 THR B CA  1 
ATOM   967  C C   . THR A 1 113 ? -12.570 -5.069  7.000   1.00 14.72 ? 119 THR B C   1 
ATOM   968  O O   . THR A 1 113 ? -12.830 -3.936  6.649   1.00 16.39 ? 119 THR B O   1 
ATOM   969  C CB  . THR A 1 113 ? -11.153 -5.669  9.000   1.00 12.00 ? 119 THR B CB  1 
ATOM   970  O OG1 . THR A 1 113 ? -11.513 -4.466  9.723   1.00 12.19 ? 119 THR B OG1 1 
ATOM   971  C CG2 . THR A 1 113 ? -9.813  -6.083  9.490   1.00 13.58 ? 119 THR B CG2 1 
ATOM   972  N N   . SER A 1 114 ? -13.478 -6.047  7.019   1.00 18.43 ? 120 SER B N   1 
ATOM   973  C CA  . SER A 1 114 ? -14.876 -5.772  6.631   1.00 20.22 ? 120 SER B CA  1 
ATOM   974  C C   . SER A 1 114 ? -15.817 -6.171  7.771   1.00 21.68 ? 120 SER B C   1 
ATOM   975  O O   . SER A 1 114 ? -15.951 -7.343  8.128   1.00 22.75 ? 120 SER B O   1 
ATOM   976  C CB  . SER A 1 114 ? -15.239 -6.415  5.296   1.00 25.61 ? 120 SER B CB  1 
ATOM   977  O OG  . SER A 1 114 ? -16.579 -6.056  4.920   1.00 29.87 ? 120 SER B OG  1 
ATOM   978  N N   . PRO A 1 115 ? -16.398 -5.197  8.491   1.00 19.36 ? 121 PRO B N   1 
ATOM   979  C CA  . PRO A 1 115 ? -16.183 -3.785  8.303   1.00 20.19 ? 121 PRO B CA  1 
ATOM   980  C C   . PRO A 1 115 ? -14.829 -3.318  8.873   1.00 15.22 ? 121 PRO B C   1 
ATOM   981  O O   . PRO A 1 115 ? -14.130 -4.020  9.567   1.00 14.49 ? 121 PRO B O   1 
ATOM   982  C CB  . PRO A 1 115 ? -17.344 -3.141  9.058   1.00 23.40 ? 121 PRO B CB  1 
ATOM   983  C CG  . PRO A 1 115 ? -17.548 -4.065  10.213  1.00 22.73 ? 121 PRO B CG  1 
ATOM   984  C CD  . PRO A 1 115 ? -17.258 -5.453  9.668   1.00 22.19 ? 121 PRO B CD  1 
ATOM   985  N N   . GLN A 1 116 ? -14.459 -2.097  8.545   1.00 14.86 ? 122 GLN B N   1 
ATOM   986  C CA  . GLN A 1 116 ? -13.137 -1.540  8.901   1.00 14.19 ? 122 GLN B CA  1 
ATOM   987  C C   . GLN A 1 116 ? -12.954 -1.444  10.430  1.00 12.18 ? 122 GLN B C   1 
ATOM   988  O O   . GLN A 1 116 ? -13.975 -1.310  11.161  1.00 14.28 ? 122 GLN B O   1 
ATOM   989  C CB  . GLN A 1 116 ? -12.878 -0.194  8.231   1.00 17.98 ? 122 GLN B CB  1 
ATOM   990  C CG  . GLN A 1 116 ? -13.708 0.921   8.810   1.00 24.21 ? 122 GLN B CG  1 
ATOM   991  C CD  . GLN A 1 116 ? -14.686 1.361   7.760   1.00 33.91 ? 122 GLN B CD  1 
ATOM   992  O OE1 . GLN A 1 116 ? -15.654 0.661   7.439   1.00 42.96 ? 122 GLN B OE1 1 
ATOM   993  N NE2 . GLN A 1 116 ? -14.358 2.487   7.164   1.00 39.13 ? 122 GLN B NE2 1 
ATOM   994  N N   . THR A 1 117 ? -11.718 -1.460  10.865  1.00 10.52 ? 123 THR B N   1 
ATOM   995  C CA  . THR A 1 117 ? -11.346 -1.455  12.291  1.00 10.83 ? 123 THR B CA  1 
ATOM   996  C C   . THR A 1 117 ? -10.582 -0.183  12.608  1.00 10.94 ? 123 THR B C   1 
ATOM   997  O O   . THR A 1 117 ? -9.555  0.107   11.985  1.00 11.92 ? 123 THR B O   1 
ATOM   998  C CB  . THR A 1 117 ? -10.497 -2.699  12.624  1.00 10.33 ? 123 THR B CB  1 
ATOM   999  O OG1 . THR A 1 117 ? -11.247 -3.868  12.324  1.00 11.88 ? 123 THR B OG1 1 
ATOM   1000 C CG2 . THR A 1 117 ? -10.108 -2.703  14.089  1.00 11.90 ? 123 THR B CG2 1 
ATOM   1001 N N   . THR A 1 118 ? -11.008 0.524   13.649  1.00 11.99 ? 124 THR B N   1 
ATOM   1002 C CA  . THR A 1 118 ? -10.329 1.718   14.164  1.00 13.15 ? 124 THR B CA  1 
ATOM   1003 C C   . THR A 1 118 ? -8.942  1.412   14.686  1.00 11.78 ? 124 THR B C   1 
ATOM   1004 O O   . THR A 1 118 ? -8.786  0.405   15.442  1.00 14.11 ? 124 THR B O   1 
ATOM   1005 C CB  . THR A 1 118 ? -11.166 2.285   15.332  1.00 16.12 ? 124 THR B CB  1 
ATOM   1006 O OG1 . THR A 1 118 ? -12.439 2.669   14.799  1.00 18.98 ? 124 THR B OG1 1 
ATOM   1007 C CG2 . THR A 1 118 ? -10.416 3.365   16.083  1.00 18.23 ? 124 THR B CG2 1 
ATOM   1008 N N   . LEU A 1 119 ? -7.929  2.163   14.275  1.00 10.76 ? 125 LEU B N   1 
ATOM   1009 C CA  . LEU A 1 119 ? -6.574  2.038   14.757  1.00 10.35 ? 125 LEU B CA  1 
ATOM   1010 C C   . LEU A 1 119 ? -6.354  3.104   15.843  1.00 11.98 ? 125 LEU B C   1 
ATOM   1011 O O   . LEU A 1 119 ? -7.119  4.126   15.872  1.00 16.93 ? 125 LEU B O   1 
ATOM   1012 C CB  . LEU A 1 119 ? -5.529  2.166   13.638  1.00 10.65 ? 125 LEU B CB  1 
ATOM   1013 C CG  . LEU A 1 119 ? -5.707  1.139   12.497  1.00 9.83  ? 125 LEU B CG  1 
ATOM   1014 C CD1 . LEU A 1 119 ? -4.785  1.431   11.325  1.00 11.42 ? 125 LEU B CD1 1 
ATOM   1015 C CD2 . LEU A 1 119 ? -5.504  -0.293  13.015  1.00 10.72 ? 125 LEU B CD2 1 
ATOM   1016 N N   . HIS A 1 120 ? -5.469  2.854   16.762  1.00 11.64 ? 126 HIS B N   1 
ATOM   1017 C CA  . HIS A 1 120 ? -5.167  3.723   17.945  1.00 12.20 ? 126 HIS B CA  1 
ATOM   1018 C C   . HIS A 1 120 ? -3.741  4.195   17.771  1.00 13.68 ? 126 HIS B C   1 
ATOM   1019 O O   . HIS A 1 120 ? -2.775  3.503   18.108  1.00 18.30 ? 126 HIS B O   1 
ATOM   1020 C CB  . HIS A 1 120 ? -5.369  2.938   19.269  1.00 13.58 ? 126 HIS B CB  1 
ATOM   1021 C CG  . HIS A 1 120 ? -6.745  2.407   19.436  1.00 12.90 ? 126 HIS B CG  1 
ATOM   1022 N ND1 . HIS A 1 120 ? -7.065  1.082   19.117  1.00 14.77 ? 126 HIS B ND1 1 
ATOM   1023 C CD2 . HIS A 1 120 ? -7.887  2.964   19.864  1.00 14.61 ? 126 HIS B CD2 1 
ATOM   1024 C CE1 . HIS A 1 120 ? -8.342  0.909   19.349  1.00 15.71 ? 126 HIS B CE1 1 
ATOM   1025 N NE2 . HIS A 1 120 ? -8.888  2.014   19.840  1.00 14.69 ? 126 HIS B NE2 1 
ATOM   1026 N N   . ILE A 1 121 ? -3.588  5.347   17.140  1.00 16.24 ? 127 ILE B N   1 
ATOM   1027 C CA  . ILE A 1 121 ? -2.245  5.908   16.834  1.00 18.09 ? 127 ILE B CA  1 
ATOM   1028 C C   . ILE A 1 121 ? -2.142  7.257   17.595  1.00 18.89 ? 127 ILE B C   1 
ATOM   1029 O O   . ILE A 1 121 ? -2.940  8.195   17.342  1.00 24.90 ? 127 ILE B O   1 
ATOM   1030 C CB  . ILE A 1 121 ? -2.045  6.044   15.310  1.00 18.33 ? 127 ILE B CB  1 
ATOM   1031 C CG1 . ILE A 1 121 ? -2.025  4.648   14.638  1.00 17.92 ? 127 ILE B CG1 1 
ATOM   1032 C CG2 . ILE A 1 121 ? -0.835  6.942   15.043  1.00 21.70 ? 127 ILE B CG2 1 
ATOM   1033 C CD1 . ILE A 1 121 ? -1.719  4.612   13.166  1.00 18.76 ? 127 ILE B CD1 1 
ATOM   1034 N N   . GLN A 1 122 ? -1.200  7.339   18.528  0.50 21.58 ? 128 GLN B N   1 
ATOM   1035 C CA  . GLN A 1 122 ? -0.948  8.574   19.322  0.50 22.29 ? 128 GLN B CA  1 
ATOM   1036 C C   . GLN A 1 122 ? 0.068   9.472   18.604  0.50 21.08 ? 128 GLN B C   1 
ATOM   1037 O O   . GLN A 1 122 ? -0.004  10.708  18.794  0.50 21.27 ? 128 GLN B O   1 
ATOM   1038 C CB  . GLN A 1 122 ? -0.477  8.203   20.727  0.50 25.07 ? 128 GLN B CB  1 
ATOM   1039 C CG  . GLN A 1 122 ? -1.633  8.006   21.693  0.50 27.00 ? 128 GLN B CG  1 
ATOM   1040 C CD  . GLN A 1 122 ? -2.507  9.237   21.732  0.50 30.37 ? 128 GLN B CD  1 
ATOM   1041 O OE1 . GLN A 1 122 ? -3.524  9.329   21.045  0.50 31.26 ? 128 GLN B OE1 1 
ATOM   1042 N NE2 . GLN A 1 122 ? -2.095  10.218  22.520  0.50 32.92 ? 128 GLN B NE2 1 
ATOM   1043 N N   . VAL A 1 123 ? 0.983   8.890   17.826  1.00 19.00 ? 129 VAL B N   1 
ATOM   1044 C CA  . VAL A 1 123 ? 2.031   9.659   17.083  1.00 17.36 ? 129 VAL B CA  1 
ATOM   1045 C C   . VAL A 1 123 ? 1.782   9.517   15.587  1.00 16.69 ? 129 VAL B C   1 
ATOM   1046 O O   . VAL A 1 123 ? 2.026   8.419   15.050  1.00 15.07 ? 129 VAL B O   1 
ATOM   1047 C CB  . VAL A 1 123 ? 3.434   9.174   17.452  1.00 18.64 ? 129 VAL B CB  1 
ATOM   1048 C CG1 . VAL A 1 123 ? 4.506   9.916   16.661  1.00 19.73 ? 129 VAL B CG1 1 
ATOM   1049 C CG2 . VAL A 1 123 ? 3.691   9.332   18.948  1.00 21.11 ? 129 VAL B CG2 1 
ATOM   1050 N N   . PRO A 1 124 ? 1.167   10.489  14.891  1.00 15.23 ? 130 PRO B N   1 
ATOM   1051 C CA  . PRO A 1 124 ? 0.903   10.323  13.458  1.00 15.36 ? 130 PRO B CA  1 
ATOM   1052 C C   . PRO A 1 124 ? 2.155   9.910   12.737  1.00 14.83 ? 130 PRO B C   1 
ATOM   1053 O O   . PRO A 1 124 ? 3.201   10.522  12.815  1.00 15.41 ? 130 PRO B O   1 
ATOM   1054 C CB  . PRO A 1 124 ? 0.474   11.728  13.005  1.00 17.84 ? 130 PRO B CB  1 
ATOM   1055 C CG  . PRO A 1 124 ? -0.206  12.270  14.285  1.00 19.15 ? 130 PRO B CG  1 
ATOM   1056 C CD  . PRO A 1 124 ? 0.652   11.791  15.408  1.00 18.40 ? 130 PRO B CD  1 
ATOM   1057 N N   . PRO A 1 125 ? 2.129   8.777   12.007  1.00 13.17 ? 131 PRO B N   1 
ATOM   1058 C CA  . PRO A 1 125 ? 3.333   8.308   11.344  1.00 12.83 ? 131 PRO B CA  1 
ATOM   1059 C C   . PRO A 1 125 ? 3.724   9.152   10.130  1.00 13.49 ? 131 PRO B C   1 
ATOM   1060 O O   . PRO A 1 125 ? 2.866   9.508   9.350   1.00 13.45 ? 131 PRO B O   1 
ATOM   1061 C CB  . PRO A 1 125 ? 3.003   6.858   10.959  1.00 14.02 ? 131 PRO B CB  1 
ATOM   1062 C CG  . PRO A 1 125 ? 1.517   6.773   10.972  1.00 15.83 ? 131 PRO B CG  1 
ATOM   1063 C CD  . PRO A 1 125 ? 1.024   7.797   11.969  1.00 14.76 ? 131 PRO B CD  1 
ATOM   1064 N N   . CYS A 1 126 ? 5.023   9.329   9.998   1.00 12.67 ? 132 CYS B N   1 
ATOM   1065 C CA  . CYS A 1 126 ? 5.588   9.860   8.743   1.00 13.03 ? 132 CYS B CA  1 
ATOM   1066 C C   . CYS A 1 126 ? 6.166   8.735   7.870   1.00 12.53 ? 132 CYS B C   1 
ATOM   1067 O O   . CYS A 1 126 ? 6.368   8.921   6.675   1.00 11.88 ? 132 CYS B O   1 
ATOM   1068 C CB  . CYS A 1 126 ? 6.679   10.870  9.022   1.00 15.98 ? 132 CYS B CB  1 
ATOM   1069 S SG  . CYS A 1 126 ? 6.138   12.332  9.953   1.00 22.22 ? 132 CYS B SG  1 
ATOM   1070 N N   A GLN A 1 127 ? 6.530   7.593   8.461   0.25 12.58 ? 133 GLN B N   1 
ATOM   1071 N N   B GLN A 1 127 ? 6.374   7.577   8.492   0.25 13.23 ? 133 GLN B N   1 
ATOM   1072 C CA  A GLN A 1 127 ? 6.904   6.378   7.685   0.25 12.80 ? 133 GLN B CA  1 
ATOM   1073 C CA  B GLN A 1 127 ? 6.937   6.375   7.837   0.25 14.07 ? 133 GLN B CA  1 
ATOM   1074 C C   A GLN A 1 127 ? 6.303   5.138   8.354   0.25 12.05 ? 133 GLN B C   1 
ATOM   1075 C C   B GLN A 1 127 ? 6.179   5.159   8.384   0.25 12.80 ? 133 GLN B C   1 
ATOM   1076 O O   A GLN A 1 127 ? 6.316   5.045   9.603   0.25 10.35 ? 133 GLN B O   1 
ATOM   1077 O O   B GLN A 1 127 ? 5.838   5.140   9.578   0.25 11.18 ? 133 GLN B O   1 
ATOM   1078 C CB  A GLN A 1 127 ? 8.416   6.149   7.543   0.25 14.16 ? 133 GLN B CB  1 
ATOM   1079 C CB  B GLN A 1 127 ? 8.448   6.315   8.068   0.25 16.76 ? 133 GLN B CB  1 
ATOM   1080 C CG  A GLN A 1 127 ? 9.201   7.272   6.879   0.25 15.43 ? 133 GLN B CG  1 
ATOM   1081 C CG  B GLN A 1 127 ? 9.218   7.477   7.458   0.25 18.79 ? 133 GLN B CG  1 
ATOM   1082 C CD  A GLN A 1 127 ? 9.665   8.302   7.881   0.25 16.74 ? 133 GLN B CD  1 
ATOM   1083 C CD  B GLN A 1 127 ? 10.636  7.130   7.075   0.25 21.27 ? 133 GLN B CD  1 
ATOM   1084 O OE1 A GLN A 1 127 ? 9.967   7.985   9.031   0.25 16.68 ? 133 GLN B OE1 1 
ATOM   1085 O OE1 B GLN A 1 127 ? 11.207  6.134   7.522   0.25 24.99 ? 133 GLN B OE1 1 
ATOM   1086 N NE2 A GLN A 1 127 ? 9.713   9.559   7.459   0.25 17.30 ? 133 GLN B NE2 1 
ATOM   1087 N NE2 B GLN A 1 127 ? 11.213  7.960   6.232   0.25 24.05 ? 133 GLN B NE2 1 
ATOM   1088 N N   . ILE A 1 128 ? 5.826   4.238   7.487   1.00 11.72 ? 134 ILE B N   1 
ATOM   1089 C CA  . ILE A 1 128 ? 5.086   2.993   7.839   1.00 11.47 ? 134 ILE B CA  1 
ATOM   1090 C C   . ILE A 1 128 ? 5.989   1.835   7.431   1.00 11.29 ? 134 ILE B C   1 
ATOM   1091 O O   . ILE A 1 128 ? 6.491   1.794   6.262   1.00 10.97 ? 134 ILE B O   1 
ATOM   1092 C CB  . ILE A 1 128 ? 3.762   2.953   7.075   1.00 11.87 ? 134 ILE B CB  1 
ATOM   1093 C CG1 . ILE A 1 128 ? 2.807   4.116   7.384   1.00 14.32 ? 134 ILE B CG1 1 
ATOM   1094 C CG2 . ILE A 1 128 ? 3.082   1.583   7.276   1.00 12.41 ? 134 ILE B CG2 1 
ATOM   1095 C CD1 . ILE A 1 128 ? 2.224   4.060   8.756   1.00 14.22 ? 134 ILE B CD1 1 
ATOM   1096 N N   . GLY A 1 129 ? 6.184   0.846   8.307   1.00 10.68 ? 135 GLY B N   1 
ATOM   1097 C CA  . GLY A 1 129 ? 6.824   -0.425  7.967   1.00 10.33 ? 135 GLY B CA  1 
ATOM   1098 C C   . GLY A 1 129 ? 5.771   -1.492  7.752   1.00 9.90  ? 135 GLY B C   1 
ATOM   1099 O O   . GLY A 1 129 ? 4.776   -1.559  8.451   1.00 11.14 ? 135 GLY B O   1 
ATOM   1100 N N   . ILE A 1 130 ? 5.991   -2.309  6.717   1.00 10.72 ? 136 ILE B N   1 
ATOM   1101 C CA  . ILE A 1 130 ? 5.055   -3.400  6.321   1.00 10.42 ? 136 ILE B CA  1 
ATOM   1102 C C   . ILE A 1 130 ? 5.845   -4.701  6.322   1.00 10.54 ? 136 ILE B C   1 
ATOM   1103 O O   . ILE A 1 130 ? 6.886   -4.811  5.652   1.00 10.93 ? 136 ILE B O   1 
ATOM   1104 C CB  . ILE A 1 130 ? 4.429   -3.120  4.946   1.00 11.24 ? 136 ILE B CB  1 
ATOM   1105 C CG1 . ILE A 1 130 ? 3.733   -1.759  4.949   1.00 11.97 ? 136 ILE B CG1 1 
ATOM   1106 C CG2 . ILE A 1 130 ? 3.493   -4.260  4.517   1.00 12.38 ? 136 ILE B CG2 1 
ATOM   1107 C CD1 . ILE A 1 130 ? 3.178   -1.329  3.649   1.00 14.81 ? 136 ILE B CD1 1 
ATOM   1108 N N   . PHE A 1 131 ? 5.357   -5.651  7.096   1.00 9.99  ? 137 PHE B N   1 
ATOM   1109 C CA  . PHE A 1 131 ? 5.960   -7.007  7.214   1.00 10.05 ? 137 PHE B CA  1 
ATOM   1110 C C   . PHE A 1 131 ? 4.948   -8.025  6.740   1.00 9.83  ? 137 PHE B C   1 
ATOM   1111 O O   . PHE A 1 131 ? 3.799   -8.028  7.192   1.00 10.16 ? 137 PHE B O   1 
ATOM   1112 C CB  . PHE A 1 131 ? 6.313   -7.276  8.672   1.00 11.30 ? 137 PHE B CB  1 
ATOM   1113 C CG  . PHE A 1 131 ? 6.868   -8.653  8.920   1.00 12.11 ? 137 PHE B CG  1 
ATOM   1114 C CD1 . PHE A 1 131 ? 8.095   -9.024  8.449   1.00 13.78 ? 137 PHE B CD1 1 
ATOM   1115 C CD2 . PHE A 1 131 ? 6.156   -9.578  9.659   1.00 14.22 ? 137 PHE B CD2 1 
ATOM   1116 C CE1 . PHE A 1 131 ? 8.565   -10.317 8.672   1.00 15.69 ? 137 PHE B CE1 1 
ATOM   1117 C CE2 . PHE A 1 131 ? 6.627   -10.877 9.879   1.00 16.33 ? 137 PHE B CE2 1 
ATOM   1118 C CZ  . PHE A 1 131 ? 7.856   -11.207 9.402   1.00 14.75 ? 137 PHE B CZ  1 
ATOM   1119 N N   . VAL A 1 132 ? 5.389   -8.949  5.869   1.00 10.09 ? 138 VAL B N   1 
ATOM   1120 C CA  . VAL A 1 132 ? 4.594   -10.090 5.381   1.00 10.59 ? 138 VAL B CA  1 
ATOM   1121 C C   . VAL A 1 132 ? 5.346   -11.374 5.683   1.00 9.46  ? 138 VAL B C   1 
ATOM   1122 O O   . VAL A 1 132 ? 6.513   -11.523 5.313   1.00 11.30 ? 138 VAL B O   1 
ATOM   1123 C CB  . VAL A 1 132 ? 4.299   -9.960  3.883   1.00 10.91 ? 138 VAL B CB  1 
ATOM   1124 C CG1 . VAL A 1 132 ? 3.479   -11.147 3.394   1.00 12.87 ? 138 VAL B CG1 1 
ATOM   1125 C CG2 . VAL A 1 132 ? 3.615   -8.643  3.545   1.00 12.64 ? 138 VAL B CG2 1 
ATOM   1126 N N   . ASP A 1 133 ? 4.645   -12.267 6.345   1.00 9.57  ? 139 ASP B N   1 
ATOM   1127 C CA  . ASP A 1 133 ? 5.132   -13.670 6.532   1.00 11.49 ? 139 ASP B CA  1 
ATOM   1128 C C   . ASP A 1 133 ? 4.168   -14.554 5.771   1.00 10.29 ? 139 ASP B C   1 
ATOM   1129 O O   . ASP A 1 133 ? 3.053   -14.810 6.186   1.00 10.72 ? 139 ASP B O   1 
ATOM   1130 C CB  . ASP A 1 133 ? 5.269   -14.034 7.999   1.00 12.38 ? 139 ASP B CB  1 
ATOM   1131 C CG  . ASP A 1 133 ? 5.779   -15.452 8.273   1.00 14.20 ? 139 ASP B CG  1 
ATOM   1132 O OD1 . ASP A 1 133 ? 5.687   -16.302 7.374   1.00 14.56 ? 139 ASP B OD1 1 
ATOM   1133 O OD2 . ASP A 1 133 ? 6.283   -15.621 9.408   1.00 17.69 ? 139 ASP B OD2 1 
ATOM   1134 N N   . TYR A 1 134 ? 4.604   -14.996 4.576   1.00 11.06 ? 140 TYR B N   1 
ATOM   1135 C CA  . TYR A 1 134 ? 3.696   -15.718 3.661   1.00 11.19 ? 140 TYR B CA  1 
ATOM   1136 C C   . TYR A 1 134 ? 3.170   -17.026 4.291   1.00 11.39 ? 140 TYR B C   1 
ATOM   1137 O O   . TYR A 1 134 ? 2.007   -17.276 4.375   1.00 12.38 ? 140 TYR B O   1 
ATOM   1138 C CB  . TYR A 1 134 ? 4.340   -15.967 2.293   1.00 11.78 ? 140 TYR B CB  1 
ATOM   1139 C CG  . TYR A 1 134 ? 3.303   -16.329 1.259   1.00 11.68 ? 140 TYR B CG  1 
ATOM   1140 C CD1 . TYR A 1 134 ? 2.701   -17.582 1.213   1.00 11.66 ? 140 TYR B CD1 1 
ATOM   1141 C CD2 . TYR A 1 134 ? 2.870   -15.384 0.338   1.00 11.77 ? 140 TYR B CD2 1 
ATOM   1142 C CE1 . TYR A 1 134 ? 1.683   -17.882 0.333   1.00 11.28 ? 140 TYR B CE1 1 
ATOM   1143 C CE2 . TYR A 1 134 ? 1.851   -15.671 -0.562  1.00 11.28 ? 140 TYR B CE2 1 
ATOM   1144 C CZ  . TYR A 1 134 ? 1.250   -16.929 -0.586  1.00 10.72 ? 140 TYR B CZ  1 
ATOM   1145 O OH  . TYR A 1 134 ? 0.236   -17.231 -1.439  1.00 11.75 ? 140 TYR B OH  1 
ATOM   1146 N N   . GLU A 1 135 ? 4.103   -17.794 4.802   1.00 13.10 ? 141 GLU B N   1 
ATOM   1147 C CA  . GLU A 1 135 ? 3.795   -19.135 5.364   1.00 13.72 ? 141 GLU B CA  1 
ATOM   1148 C C   . GLU A 1 135 ? 2.897   -19.010 6.582   1.00 13.32 ? 141 GLU B C   1 
ATOM   1149 O O   . GLU A 1 135 ? 1.872   -19.749 6.674   1.00 14.88 ? 141 GLU B O   1 
ATOM   1150 C CB  . GLU A 1 135 ? 5.064   -19.935 5.659   1.00 15.80 ? 141 GLU B CB  1 
ATOM   1151 C CG  . GLU A 1 135 ? 5.558   -20.653 4.379   1.00 20.99 ? 141 GLU B CG  1 
ATOM   1152 C CD  . GLU A 1 135 ? 6.167   -19.730 3.383   1.00 23.24 ? 141 GLU B CD  1 
ATOM   1153 O OE1 . GLU A 1 135 ? 6.215   -20.064 2.253   1.00 23.06 ? 141 GLU B OE1 1 
ATOM   1154 O OE2 . GLU A 1 135 ? 6.660   -18.658 3.805   1.00 24.15 ? 141 GLU B OE2 1 
ATOM   1155 N N   . ALA A 1 136 ? 3.167   -18.053 7.470   1.00 12.07 ? 142 ALA B N   1 
ATOM   1156 C CA  . ALA A 1 136 ? 2.383   -17.876 8.691   1.00 12.96 ? 142 ALA B CA  1 
ATOM   1157 C C   . ALA A 1 136 ? 1.022   -17.246 8.404   1.00 13.31 ? 142 ALA B C   1 
ATOM   1158 O O   . ALA A 1 136 ? 0.129   -17.315 9.246   1.00 14.86 ? 142 ALA B O   1 
ATOM   1159 C CB  . ALA A 1 136 ? 3.161   -17.069 9.688   1.00 14.69 ? 142 ALA B CB  1 
ATOM   1160 N N   . GLY A 1 137 ? 0.816   -16.612 7.257   1.00 11.34 ? 143 GLY B N   1 
ATOM   1161 C CA  . GLY A 1 137 ? -0.425  -15.893 6.982   1.00 10.83 ? 143 GLY B CA  1 
ATOM   1162 C C   . GLY A 1 137 ? -0.574  -14.590 7.801   1.00 9.50  ? 143 GLY B C   1 
ATOM   1163 O O   . GLY A 1 137 ? -1.637  -14.409 8.397   1.00 10.45 ? 143 GLY B O   1 
ATOM   1164 N N   . VAL A 1 138 ? 0.479   -13.800 7.835   1.00 10.40 ? 144 VAL B N   1 
ATOM   1165 C CA  . VAL A 1 138 ? 0.527   -12.553 8.657   1.00 10.55 ? 144 VAL B CA  1 
ATOM   1166 C C   . VAL A 1 138 ? 0.916   -11.390 7.766   1.00 10.30 ? 144 VAL B C   1 
ATOM   1167 O O   . VAL A 1 138 ? 1.924   -11.454 7.010   1.00 10.55 ? 144 VAL B O   1 
ATOM   1168 C CB  . VAL A 1 138 ? 1.565   -12.720 9.775   1.00 10.94 ? 144 VAL B CB  1 
ATOM   1169 C CG1 . VAL A 1 138 ? 1.932   -11.395 10.502  1.00 11.37 ? 144 VAL B CG1 1 
ATOM   1170 C CG2 . VAL A 1 138 ? 1.095   -13.791 10.750  1.00 13.54 ? 144 VAL B CG2 1 
ATOM   1171 N N   . VAL A 1 139 ? 0.219   -10.279 8.011   1.00 9.64  ? 145 VAL B N   1 
ATOM   1172 C CA  . VAL A 1 139 ? 0.626   -8.937  7.492   1.00 9.65  ? 145 VAL B CA  1 
ATOM   1173 C C   . VAL A 1 139 ? 0.581   -7.945  8.674   1.00 8.71  ? 145 VAL B C   1 
ATOM   1174 O O   . VAL A 1 139 ? -0.507  -7.772  9.241   1.00 9.60  ? 145 VAL B O   1 
ATOM   1175 C CB  . VAL A 1 139 ? -0.290  -8.449  6.351   1.00 9.22  ? 145 VAL B CB  1 
ATOM   1176 C CG1 . VAL A 1 139 ? 0.223   -7.141  5.777   1.00 9.70  ? 145 VAL B CG1 1 
ATOM   1177 C CG2 . VAL A 1 139 ? -0.443  -9.478  5.255   1.00 9.52  ? 145 VAL B CG2 1 
ATOM   1178 N N   . SER A 1 140 ? 1.701   -7.357  8.970   1.00 9.03  ? 146 SER B N   1 
ATOM   1179 C CA  . SER A 1 140 ? 1.789   -6.414  10.111  1.00 9.70  ? 146 SER B CA  1 
ATOM   1180 C C   . SER A 1 140 ? 2.288   -5.053  9.627   1.00 9.30  ? 146 SER B C   1 
ATOM   1181 O O   . SER A 1 140 ? 3.102   -4.951  8.706   1.00 10.09 ? 146 SER B O   1 
ATOM   1182 C CB  . SER A 1 140 ? 2.679   -6.964  11.229  1.00 9.78  ? 146 SER B CB  1 
ATOM   1183 O OG  . SER A 1 140 ? 2.146   -8.141  11.821  1.00 10.75 ? 146 SER B OG  1 
ATOM   1184 N N   . PHE A 1 141 ? 1.868   -4.031  10.369  1.00 8.68  ? 147 PHE B N   1 
ATOM   1185 C CA  . PHE A 1 141 ? 2.159   -2.622  10.084  1.00 9.36  ? 147 PHE B CA  1 
ATOM   1186 C C   . PHE A 1 141 ? 2.774   -2.004  11.326  1.00 9.32  ? 147 PHE B C   1 
ATOM   1187 O O   . PHE A 1 141 ? 2.226   -2.172  12.464  1.00 9.99  ? 147 PHE B O   1 
ATOM   1188 C CB  . PHE A 1 141 ? 0.885   -1.844  9.676   1.00 9.19  ? 147 PHE B CB  1 
ATOM   1189 C CG  . PHE A 1 141 ? 0.273   -2.394  8.407   1.00 8.71  ? 147 PHE B CG  1 
ATOM   1190 C CD1 . PHE A 1 141 ? -0.568  -3.503  8.404   1.00 9.39  ? 147 PHE B CD1 1 
ATOM   1191 C CD2 . PHE A 1 141 ? 0.471   -1.746  7.190   1.00 9.20  ? 147 PHE B CD2 1 
ATOM   1192 C CE1 . PHE A 1 141 ? -1.106  -4.004  7.220   1.00 8.92  ? 147 PHE B CE1 1 
ATOM   1193 C CE2 . PHE A 1 141 ? -0.055  -2.271  6.009   1.00 9.24  ? 147 PHE B CE2 1 
ATOM   1194 C CZ  . PHE A 1 141 ? -0.883  -3.375  6.033   1.00 9.01  ? 147 PHE B CZ  1 
ATOM   1195 N N   . TYR A 1 142 ? 3.797   -1.193  11.129  1.00 9.44  ? 148 TYR B N   1 
ATOM   1196 C CA  . TYR A 1 142 ? 4.616   -0.596  12.219  1.00 10.65 ? 148 TYR B CA  1 
ATOM   1197 C C   . TYR A 1 142 ? 4.758   0.896   11.984  1.00 11.10 ? 148 TYR B C   1 
ATOM   1198 O O   . TYR A 1 142 ? 4.921   1.415   10.845  1.00 11.42 ? 148 TYR B O   1 
ATOM   1199 C CB  . TYR A 1 142 ? 5.978   -1.258  12.321  1.00 10.78 ? 148 TYR B CB  1 
ATOM   1200 C CG  . TYR A 1 142 ? 5.897   -2.721  12.669  1.00 11.91 ? 148 TYR B CG  1 
ATOM   1201 C CD1 . TYR A 1 142 ? 5.753   -3.167  13.968  1.00 12.44 ? 148 TYR B CD1 1 
ATOM   1202 C CD2 . TYR A 1 142 ? 5.840   -3.680  11.652  1.00 12.21 ? 148 TYR B CD2 1 
ATOM   1203 C CE1 . TYR A 1 142 ? 5.555   -4.511  14.260  1.00 12.69 ? 148 TYR B CE1 1 
ATOM   1204 C CE2 . TYR A 1 142 ? 5.691   -5.029  11.924  1.00 12.68 ? 148 TYR B CE2 1 
ATOM   1205 C CZ  . TYR A 1 142 ? 5.565   -5.446  13.235  1.00 12.85 ? 148 TYR B CZ  1 
ATOM   1206 O OH  . TYR A 1 142 ? 5.368   -6.784  13.553  1.00 15.19 ? 148 TYR B OH  1 
ATOM   1207 N N   . ASN A 1 143 ? 4.764   1.635   13.091  1.00 12.44 ? 149 ASN B N   1 
ATOM   1208 C CA  . ASN A 1 143 ? 4.883   3.128   13.126  1.00 12.35 ? 149 ASN B CA  1 
ATOM   1209 C C   . ASN A 1 143 ? 6.366   3.450   13.264  1.00 12.32 ? 149 ASN B C   1 
ATOM   1210 O O   . ASN A 1 143 ? 6.920   3.455   14.415  1.00 14.20 ? 149 ASN B O   1 
ATOM   1211 C CB  . ASN A 1 143 ? 4.050   3.688   14.257  1.00 12.15 ? 149 ASN B CB  1 
ATOM   1212 C CG  . ASN A 1 143 ? 4.042   5.215   14.274  1.00 12.44 ? 149 ASN B CG  1 
ATOM   1213 O OD1 . ASN A 1 143 ? 4.926   5.831   13.678  1.00 14.33 ? 149 ASN B OD1 1 
ATOM   1214 N ND2 . ASN A 1 143 ? 3.055   5.743   14.916  1.00 14.00 ? 149 ASN B ND2 1 
ATOM   1215 N N   . ILE A 1 144 ? 7.084   3.760   12.179  1.00 13.32 ? 150 ILE B N   1 
ATOM   1216 C CA  . ILE A 1 144 ? 8.544   3.981   12.268  1.00 13.68 ? 150 ILE B CA  1 
ATOM   1217 C C   . ILE A 1 144 ? 8.819   5.280   13.042  1.00 15.62 ? 150 ILE B C   1 
ATOM   1218 O O   . ILE A 1 144 ? 9.855   5.331   13.740  1.00 17.35 ? 150 ILE B O   1 
ATOM   1219 C CB  . ILE A 1 144 ? 9.146   4.000   10.848  1.00 14.51 ? 150 ILE B CB  1 
ATOM   1220 C CG1 . ILE A 1 144 ? 8.810   2.721   10.063  1.00 16.20 ? 150 ILE B CG1 1 
ATOM   1221 C CG2 . ILE A 1 144 ? 10.650  4.286   10.837  1.00 16.54 ? 150 ILE B CG2 1 
ATOM   1222 C CD1 . ILE A 1 144 ? 8.945   1.448   10.833  1.00 19.59 ? 150 ILE B CD1 1 
ATOM   1223 N N   . THR A 1 145 ? 7.950   6.262   12.959  1.00 14.84 ? 151 THR B N   1 
ATOM   1224 C CA  . THR A 1 145 ? 8.112   7.579   13.663  1.00 15.57 ? 151 THR B CA  1 
ATOM   1225 C C   . THR A 1 145 ? 8.057   7.329   15.161  1.00 18.60 ? 151 THR B C   1 
ATOM   1226 O O   . THR A 1 145 ? 8.794   8.026   15.891  1.00 21.94 ? 151 THR B O   1 
ATOM   1227 C CB  . THR A 1 145 ? 6.997   8.532   13.219  1.00 15.36 ? 151 THR B CB  1 
ATOM   1228 O OG1 . THR A 1 145 ? 7.028   8.584   11.800  1.00 15.47 ? 151 THR B OG1 1 
ATOM   1229 C CG2 . THR A 1 145 ? 7.195   9.902   13.824  1.00 16.91 ? 151 THR B CG2 1 
ATOM   1230 N N   . ASP A 1 146 ? 7.287   6.364   15.643  1.00 16.95 ? 152 ASP B N   1 
ATOM   1231 C CA  . ASP A 1 146 ? 7.172   5.996   17.085  1.00 18.03 ? 152 ASP B CA  1 
ATOM   1232 C C   . ASP A 1 146 ? 7.982   4.737   17.406  1.00 17.79 ? 152 ASP B C   1 
ATOM   1233 O O   . ASP A 1 146 ? 7.406   3.824   17.996  1.00 20.00 ? 152 ASP B O   1 
ATOM   1234 C CB  . ASP A 1 146 ? 5.710   5.954   17.441  1.00 18.48 ? 152 ASP B CB  1 
ATOM   1235 C CG  . ASP A 1 146 ? 5.454   5.675   18.898  1.00 22.31 ? 152 ASP B CG  1 
ATOM   1236 O OD1 . ASP A 1 146 ? 6.136   6.318   19.711  1.00 24.03 ? 152 ASP B OD1 1 
ATOM   1237 O OD2 . ASP A 1 146 ? 4.575   4.842   19.187  1.00 21.93 ? 152 ASP B OD2 1 
ATOM   1238 N N   . HIS A 1 147 ? 9.249   4.701   17.057  1.00 20.21 ? 153 HIS B N   1 
ATOM   1239 C CA  . HIS A 1 147 ? 10.195  3.644   17.488  1.00 23.46 ? 153 HIS B CA  1 
ATOM   1240 C C   . HIS A 1 147 ? 9.653   2.271   17.063  1.00 22.07 ? 153 HIS B C   1 
ATOM   1241 O O   . HIS A 1 147 ? 9.885   1.284   17.761  1.00 24.66 ? 153 HIS B O   1 
ATOM   1242 C CB  . HIS A 1 147 ? 10.403  3.629   19.007  1.00 28.55 ? 153 HIS B CB  1 
ATOM   1243 C CG  . HIS A 1 147 ? 10.718  4.932   19.665  1.00 37.09 ? 153 HIS B CG  1 
ATOM   1244 N ND1 . HIS A 1 147 ? 11.906  5.607   19.445  1.00 44.87 ? 153 HIS B ND1 1 
ATOM   1245 C CD2 . HIS A 1 147 ? 10.035  5.644   20.592  1.00 42.27 ? 153 HIS B CD2 1 
ATOM   1246 C CE1 . HIS A 1 147 ? 11.928  6.704   20.181  1.00 47.72 ? 153 HIS B CE1 1 
ATOM   1247 N NE2 . HIS A 1 147 ? 10.789  6.744   20.907  1.00 44.98 ? 153 HIS B NE2 1 
ATOM   1248 N N   . GLY A 1 148 ? 8.958   2.194   15.924  1.00 17.59 ? 154 GLY B N   1 
ATOM   1249 C CA  . GLY A 1 148 ? 8.533   0.886   15.384  1.00 16.15 ? 154 GLY B CA  1 
ATOM   1250 C C   . GLY A 1 148 ? 7.345   0.297   16.096  1.00 14.41 ? 154 GLY B C   1 
ATOM   1251 O O   . GLY A 1 148 ? 7.203   -0.922  15.991  1.00 15.27 ? 154 GLY B O   1 
ATOM   1252 N N   . SER A 1 149 ? 6.546   1.035   16.798  1.00 13.75 ? 155 SER B N   1 
ATOM   1253 C CA  . SER A 1 149 ? 5.412   0.466   17.544  1.00 12.57 ? 155 SER B CA  1 
ATOM   1254 C C   . SER A 1 149 ? 4.444   -0.237  16.584  1.00 12.14 ? 155 SER B C   1 
ATOM   1255 O O   . SER A 1 149 ? 4.176   0.258   15.457  1.00 12.69 ? 155 SER B O   1 
ATOM   1256 C CB  . SER A 1 149 ? 4.716   1.509   18.383  1.00 14.12 ? 155 SER B CB  1 
ATOM   1257 O OG  . SER A 1 149 ? 4.263   2.640   17.636  1.00 14.51 ? 155 SER B OG  1 
ATOM   1258 N N   . LEU A 1 150 ? 3.786   -1.261  17.051  1.00 11.31 ? 156 LEU B N   1 
ATOM   1259 C CA  . LEU A 1 150 ? 2.804   -2.005  16.218  1.00 10.68 ? 156 LEU B CA  1 
ATOM   1260 C C   . LEU A 1 150 ? 1.575   -1.156  16.019  1.00 10.63 ? 156 LEU B C   1 
ATOM   1261 O O   . LEU A 1 150 ? 0.969   -0.583  16.961  1.00 10.95 ? 156 LEU B O   1 
ATOM   1262 C CB  . LEU A 1 150 ? 2.437   -3.290  16.966  1.00 11.16 ? 156 LEU B CB  1 
ATOM   1263 C CG  . LEU A 1 150 ? 1.403   -4.159  16.230  1.00 11.29 ? 156 LEU B CG  1 
ATOM   1264 C CD1 . LEU A 1 150 ? 1.938   -4.743  14.927  1.00 11.42 ? 156 LEU B CD1 1 
ATOM   1265 C CD2 . LEU A 1 150 ? 0.974   -5.330  17.154  1.00 11.95 ? 156 LEU B CD2 1 
ATOM   1266 N N   . ILE A 1 151 ? 1.146   -1.053  14.746  1.00 10.48 ? 157 ILE B N   1 
ATOM   1267 C CA  . ILE A 1 151 ? -0.131  -0.446  14.352  1.00 10.40 ? 157 ILE B CA  1 
ATOM   1268 C C   . ILE A 1 151 ? -1.253  -1.483  14.250  1.00 9.36  ? 157 ILE B C   1 
ATOM   1269 O O   . ILE A 1 151 ? -2.354  -1.334  14.764  1.00 9.61  ? 157 ILE B O   1 
ATOM   1270 C CB  . ILE A 1 151 ? 0.022   0.343   13.030  1.00 10.95 ? 157 ILE B CB  1 
ATOM   1271 C CG1 . ILE A 1 151 ? 0.970   1.520   13.213  1.00 10.90 ? 157 ILE B CG1 1 
ATOM   1272 C CG2 . ILE A 1 151 ? -1.343  0.779   12.519  1.00 10.80 ? 157 ILE B CG2 1 
ATOM   1273 C CD1 . ILE A 1 151 ? 1.396   2.160   11.906  1.00 11.59 ? 157 ILE B CD1 1 
ATOM   1274 N N   . TYR A 1 152 ? -0.987  -2.591  13.513  1.00 9.35  ? 158 TYR B N   1 
ATOM   1275 C CA  . TYR A 1 152 ? -2.058  -3.580  13.231  1.00 9.47  ? 158 TYR B CA  1 
ATOM   1276 C C   . TYR A 1 152 ? -1.425  -4.871  12.703  1.00 9.18  ? 158 TYR B C   1 
ATOM   1277 O O   . TYR A 1 152 ? -0.465  -4.801  11.925  1.00 9.24  ? 158 TYR B O   1 
ATOM   1278 C CB  . TYR A 1 152 ? -3.079  -3.078  12.170  1.00 8.95  ? 158 TYR B CB  1 
ATOM   1279 C CG  . TYR A 1 152 ? -4.304  -3.936  12.103  1.00 8.77  ? 158 TYR B CG  1 
ATOM   1280 C CD1 . TYR A 1 152 ? -5.349  -3.786  13.012  1.00 9.39  ? 158 TYR B CD1 1 
ATOM   1281 C CD2 . TYR A 1 152 ? -4.439  -4.935  11.127  1.00 9.06  ? 158 TYR B CD2 1 
ATOM   1282 C CE1 . TYR A 1 152 ? -6.429  -4.616  13.009  1.00 9.82  ? 158 TYR B CE1 1 
ATOM   1283 C CE2 . TYR A 1 152 ? -5.555  -5.733  11.099  1.00 9.98  ? 158 TYR B CE2 1 
ATOM   1284 C CZ  . TYR A 1 152 ? -6.539  -5.596  12.040  1.00 9.54  ? 158 TYR B CZ  1 
ATOM   1285 O OH  . TYR A 1 152 ? -7.609  -6.465  12.033  1.00 11.61 ? 158 TYR B OH  1 
ATOM   1286 N N   . THR A 1 153 ? -1.990  -6.020  13.102  1.00 9.15  ? 159 THR B N   1 
ATOM   1287 C CA  . THR A 1 153 ? -1.639  -7.357  12.541  1.00 9.09  ? 159 THR B CA  1 
ATOM   1288 C C   . THR A 1 153 ? -2.892  -8.020  12.022  1.00 9.26  ? 159 THR B C   1 
ATOM   1289 O O   . THR A 1 153 ? -3.838  -8.286  12.751  1.00 10.17 ? 159 THR B O   1 
ATOM   1290 C CB  . THR A 1 153 ? -0.931  -8.250  13.581  1.00 9.74  ? 159 THR B CB  1 
ATOM   1291 O OG1 . THR A 1 153 ? 0.327   -7.654  13.865  1.00 10.27 ? 159 THR B OG1 1 
ATOM   1292 C CG2 . THR A 1 153 ? -0.783  -9.688  13.105  1.00 10.81 ? 159 THR B CG2 1 
ATOM   1293 N N   . PHE A 1 154 ? -2.881  -8.306  10.699  1.00 9.34  ? 160 PHE B N   1 
ATOM   1294 C CA  . PHE A 1 154 ? -3.802  -9.289  10.089  1.00 8.95  ? 160 PHE B CA  1 
ATOM   1295 C C   . PHE A 1 154 ? -3.158  -10.679 10.276  1.00 9.47  ? 160 PHE B C   1 
ATOM   1296 O O   . PHE A 1 154 ? -2.048  -10.910 9.819   1.00 9.86  ? 160 PHE B O   1 
ATOM   1297 C CB  . PHE A 1 154 ? -3.959  -9.107  8.577   1.00 9.39  ? 160 PHE B CB  1 
ATOM   1298 C CG  . PHE A 1 154 ? -4.671  -7.836  8.145   1.00 8.10  ? 160 PHE B CG  1 
ATOM   1299 C CD1 . PHE A 1 154 ? -4.009  -6.634  7.923   1.00 8.10  ? 160 PHE B CD1 1 
ATOM   1300 C CD2 . PHE A 1 154 ? -6.007  -7.868  7.848   1.00 8.83  ? 160 PHE B CD2 1 
ATOM   1301 C CE1 . PHE A 1 154 ? -4.683  -5.505  7.476   1.00 8.76  ? 160 PHE B CE1 1 
ATOM   1302 C CE2 . PHE A 1 154 ? -6.685  -6.737  7.381   1.00 9.63  ? 160 PHE B CE2 1 
ATOM   1303 C CZ  . PHE A 1 154 ? -5.996  -5.564  7.183   1.00 8.89  ? 160 PHE B CZ  1 
ATOM   1304 N N   . SER A 1 155 ? -3.876  -11.562 10.966  1.00 10.36 ? 161 SER B N   1 
ATOM   1305 C CA  . SER A 1 155 ? -3.430  -12.961 11.107  1.00 11.55 ? 161 SER B CA  1 
ATOM   1306 C C   . SER A 1 155 ? -4.499  -13.853 10.525  1.00 10.66 ? 161 SER B C   1 
ATOM   1307 O O   . SER A 1 155 ? -5.578  -13.461 10.174  1.00 12.45 ? 161 SER B O   1 
ATOM   1308 C CB  . SER A 1 155 ? -3.119  -13.263 12.527  1.00 12.61 ? 161 SER B CB  1 
ATOM   1309 O OG  . SER A 1 155 ? -4.258  -13.238 13.296  1.00 15.56 ? 161 SER B OG  1 
ATOM   1310 N N   . GLU A 1 156 ? -4.118  -15.138 10.363  1.00 12.77 ? 162 GLU B N   1 
ATOM   1311 C CA  . GLU A 1 156 ? -4.985  -16.146 9.695   1.00 14.22 ? 162 GLU B CA  1 
ATOM   1312 C C   . GLU A 1 156 ? -5.346  -15.689 8.273   1.00 12.00 ? 162 GLU B C   1 
ATOM   1313 O O   . GLU A 1 156 ? -6.488  -15.873 7.786   1.00 13.89 ? 162 GLU B O   1 
ATOM   1314 C CB  . GLU A 1 156 ? -6.263  -16.405 10.490  1.00 17.42 ? 162 GLU B CB  1 
ATOM   1315 C CG  . GLU A 1 156 ? -6.095  -16.671 11.968  1.00 21.78 ? 162 GLU B CG  1 
ATOM   1316 C CD  . GLU A 1 156 ? -7.460  -17.075 12.481  1.00 31.20 ? 162 GLU B CD  1 
ATOM   1317 O OE1 . GLU A 1 156 ? -8.300  -16.181 12.786  1.00 31.90 ? 162 GLU B OE1 1 
ATOM   1318 O OE2 . GLU A 1 156 ? -7.746  -18.272 12.371  1.00 35.13 ? 162 GLU B OE2 1 
ATOM   1319 N N   . CYS A 1 157 ? -4.384  -15.021 7.635   1.00 11.50 ? 163 CYS B N   1 
ATOM   1320 C CA  . CYS A 1 157 ? -4.627  -14.530 6.251   1.00 11.18 ? 163 CYS B CA  1 
ATOM   1321 C C   . CYS A 1 157 ? -4.736  -15.726 5.286   1.00 11.59 ? 163 CYS B C   1 
ATOM   1322 O O   . CYS A 1 157 ? -3.892  -16.644 5.373   1.00 13.35 ? 163 CYS B O   1 
ATOM   1323 C CB  . CYS A 1 157 ? -3.538  -13.578 5.752   1.00 10.23 ? 163 CYS B CB  1 
ATOM   1324 S SG  . CYS A 1 157 ? -3.401  -12.046 6.697   1.00 10.93 ? 163 CYS B SG  1 
ATOM   1325 N N   . VAL A 1 158 ? -5.653  -15.629 4.358   1.00 10.98 ? 164 VAL B N   1 
ATOM   1326 C CA  . VAL A 1 158 ? -5.770  -16.667 3.292   1.00 11.61 ? 164 VAL B CA  1 
ATOM   1327 C C   . VAL A 1 158 ? -5.396  -15.940 1.998   1.00 10.83 ? 164 VAL B C   1 
ATOM   1328 O O   . VAL A 1 158 ? -6.268  -15.418 1.298   1.00 11.82 ? 164 VAL B O   1 
ATOM   1329 C CB  . VAL A 1 158 ? -7.161  -17.336 3.364   1.00 12.98 ? 164 VAL B CB  1 
ATOM   1330 C CG1 . VAL A 1 158 ? -7.287  -18.353 2.201   1.00 13.49 ? 164 VAL B CG1 1 
ATOM   1331 C CG2 . VAL A 1 158 ? -7.407  -17.987 4.735   1.00 14.55 ? 164 VAL B CG2 1 
ATOM   1332 N N   . PHE A 1 159 ? -4.119  -15.874 1.684   1.00 10.40 ? 165 PHE B N   1 
ATOM   1333 C CA  . PHE A 1 159 ? -3.606  -15.070 0.557   1.00 11.17 ? 165 PHE B CA  1 
ATOM   1334 C C   . PHE A 1 159 ? -4.202  -15.584 -0.750  1.00 10.75 ? 165 PHE B C   1 
ATOM   1335 O O   . PHE A 1 159 ? -4.606  -14.781 -1.627  1.00 12.32 ? 165 PHE B O   1 
ATOM   1336 C CB  . PHE A 1 159 ? -2.100  -15.007 0.582   1.00 10.77 ? 165 PHE B CB  1 
ATOM   1337 C CG  . PHE A 1 159 ? -1.538  -14.309 1.805   1.00 10.26 ? 165 PHE B CG  1 
ATOM   1338 C CD1 . PHE A 1 159 ? -2.011  -13.049 2.190   1.00 9.80  ? 165 PHE B CD1 1 
ATOM   1339 C CD2 . PHE A 1 159 ? -0.512  -14.864 2.537   1.00 11.15 ? 165 PHE B CD2 1 
ATOM   1340 C CE1 . PHE A 1 159 ? -1.487  -12.409 3.327   1.00 10.16 ? 165 PHE B CE1 1 
ATOM   1341 C CE2 . PHE A 1 159 ? 0.030   -14.228 3.644   1.00 11.23 ? 165 PHE B CE2 1 
ATOM   1342 C CZ  . PHE A 1 159 ? -0.445  -12.981 4.016   1.00 10.69 ? 165 PHE B CZ  1 
ATOM   1343 N N   . ALA A 1 160 ? -4.126  -16.912 -1.003  1.00 11.18 ? 166 ALA B N   1 
ATOM   1344 C CA  . ALA A 1 160 ? -4.787  -17.613 -2.129  1.00 11.35 ? 166 ALA B CA  1 
ATOM   1345 C C   . ALA A 1 160 ? -4.175  -17.175 -3.453  1.00 10.96 ? 166 ALA B C   1 
ATOM   1346 O O   . ALA A 1 160 ? -4.877  -17.285 -4.509  1.00 12.76 ? 166 ALA B O   1 
ATOM   1347 C CB  . ALA A 1 160 ? -6.244  -17.477 -2.074  1.00 12.04 ? 166 ALA B CB  1 
ATOM   1348 N N   . GLY A 1 161 ? -2.956  -16.759 -3.467  1.00 11.34 ? 167 GLY B N   1 
ATOM   1349 C CA  . GLY A 1 161 ? -2.250  -16.362 -4.697  1.00 11.86 ? 167 GLY B CA  1 
ATOM   1350 C C   . GLY A 1 161 ? -0.960  -15.652 -4.379  1.00 11.26 ? 167 GLY B C   1 
ATOM   1351 O O   . GLY A 1 161 ? -0.683  -15.368 -3.188  1.00 11.55 ? 167 GLY B O   1 
ATOM   1352 N N   . PRO A 1 162 ? -0.174  -15.307 -5.384  1.00 10.56 ? 168 PRO B N   1 
ATOM   1353 C CA  . PRO A 1 162 ? 0.968   -14.431 -5.200  1.00 11.01 ? 168 PRO B CA  1 
ATOM   1354 C C   . PRO A 1 162 ? 0.499   -13.056 -4.664  1.00 10.59 ? 168 PRO B C   1 
ATOM   1355 O O   . PRO A 1 162 ? -0.577  -12.611 -5.039  1.00 10.87 ? 168 PRO B O   1 
ATOM   1356 C CB  . PRO A 1 162 ? 1.611   -14.282 -6.594  1.00 11.45 ? 168 PRO B CB  1 
ATOM   1357 C CG  . PRO A 1 162 ? 0.960   -15.430 -7.411  1.00 11.48 ? 168 PRO B CG  1 
ATOM   1358 C CD  . PRO A 1 162 ? -0.386  -15.607 -6.829  1.00 10.38 ? 168 PRO B CD  1 
ATOM   1359 N N   . LEU A 1 163 ? 1.362   -12.436 -3.886  1.00 10.23 ? 169 LEU B N   1 
ATOM   1360 C CA  . LEU A 1 163 ? 1.114   -11.081 -3.331  1.00 9.40  ? 169 LEU B CA  1 
ATOM   1361 C C   . LEU A 1 163 ? 1.969   -10.040 -4.013  1.00 9.99  ? 169 LEU B C   1 
ATOM   1362 O O   . LEU A 1 163 ? 3.125   -10.287 -4.336  1.00 11.42 ? 169 LEU B O   1 
ATOM   1363 C CB  . LEU A 1 163 ? 1.426   -11.095 -1.826  1.00 10.23 ? 169 LEU B CB  1 
ATOM   1364 C CG  . LEU A 1 163 ? 0.481   -11.872 -0.913  1.00 11.39 ? 169 LEU B CG  1 
ATOM   1365 C CD1 . LEU A 1 163 ? 1.038   -11.857 0.511   1.00 11.27 ? 169 LEU B CD1 1 
ATOM   1366 C CD2 . LEU A 1 163 ? -0.950  -11.362 -0.969  1.00 11.58 ? 169 LEU B CD2 1 
ATOM   1367 N N   . ARG A 1 164 ? 1.403   -8.856  -4.146  1.00 9.56  ? 170 ARG B N   1 
ATOM   1368 C CA  . ARG A 1 164 ? 2.114   -7.672  -4.628  1.00 9.64  ? 170 ARG B CA  1 
ATOM   1369 C C   . ARG A 1 164 ? 1.996   -6.504  -3.633  1.00 8.48  ? 170 ARG B C   1 
ATOM   1370 O O   . ARG A 1 164 ? 0.923   -6.316  -3.041  1.00 9.26  ? 170 ARG B O   1 
ATOM   1371 C CB  . ARG A 1 164 ? 1.554   -7.247  -5.984  1.00 10.42 ? 170 ARG B CB  1 
ATOM   1372 C CG  . ARG A 1 164 ? 1.802   -8.330  -7.055  1.00 11.92 ? 170 ARG B CG  1 
ATOM   1373 C CD  . ARG A 1 164 ? 1.365   -7.999  -8.470  1.00 12.66 ? 170 ARG B CD  1 
ATOM   1374 N NE  . ARG A 1 164 ? 2.200   -6.965  -9.000  1.00 13.29 ? 170 ARG B NE  1 
ATOM   1375 C CZ  . ARG A 1 164 ? 2.089   -6.499  -10.246 1.00 13.39 ? 170 ARG B CZ  1 
ATOM   1376 N NH1 . ARG A 1 164 ? 1.230   -7.048  -11.066 1.00 14.13 ? 170 ARG B NH1 1 
ATOM   1377 N NH2 . ARG A 1 164 ? 2.860   -5.524  -10.619 1.00 12.99 ? 170 ARG B NH2 1 
ATOM   1378 N N   . PRO A 1 165 ? 3.050   -5.712  -3.463  1.00 8.13  ? 171 PRO B N   1 
ATOM   1379 C CA  . PRO A 1 165 ? 2.898   -4.466  -2.685  1.00 8.64  ? 171 PRO B CA  1 
ATOM   1380 C C   . PRO A 1 165 ? 1.805   -3.584  -3.325  1.00 8.49  ? 171 PRO B C   1 
ATOM   1381 O O   . PRO A 1 165 ? 1.679   -3.501  -4.537  1.00 9.35  ? 171 PRO B O   1 
ATOM   1382 C CB  . PRO A 1 165 ? 4.269   -3.808  -2.766  1.00 9.21  ? 171 PRO B CB  1 
ATOM   1383 C CG  . PRO A 1 165 ? 5.242   -4.973  -3.074  1.00 10.56 ? 171 PRO B CG  1 
ATOM   1384 C CD  . PRO A 1 165 ? 4.417   -5.876  -3.957  1.00 10.32 ? 171 PRO B CD  1 
ATOM   1385 N N   . PHE A 1 166 ? 1.003   -2.950  -2.461  1.00 8.28  ? 172 PHE B N   1 
ATOM   1386 C CA  . PHE A 1 166 ? -0.160  -2.168  -2.871  1.00 8.50  ? 172 PHE B CA  1 
ATOM   1387 C C   . PHE A 1 166 ? -0.059  -0.740  -2.307  1.00 7.82  ? 172 PHE B C   1 
ATOM   1388 O O   . PHE A 1 166 ? 0.276   -0.541  -1.143  1.00 8.34  ? 172 PHE B O   1 
ATOM   1389 C CB  . PHE A 1 166 ? -1.428  -2.838  -2.370  1.00 8.88  ? 172 PHE B CB  1 
ATOM   1390 C CG  . PHE A 1 166 ? -2.685  -2.030  -2.616  1.00 8.91  ? 172 PHE B CG  1 
ATOM   1391 C CD1 . PHE A 1 166 ? -3.307  -2.017  -3.853  1.00 9.86  ? 172 PHE B CD1 1 
ATOM   1392 C CD2 . PHE A 1 166 ? -3.238  -1.232  -1.619  1.00 10.62 ? 172 PHE B CD2 1 
ATOM   1393 C CE1 . PHE A 1 166 ? -4.414  -1.227  -4.089  1.00 10.51 ? 172 PHE B CE1 1 
ATOM   1394 C CE2 . PHE A 1 166 ? -4.348  -0.433  -1.890  1.00 10.74 ? 172 PHE B CE2 1 
ATOM   1395 C CZ  . PHE A 1 166 ? -4.926  -0.449  -3.118  1.00 10.88 ? 172 PHE B CZ  1 
ATOM   1396 N N   . PHE A 1 167 ? -0.420  0.244   -3.147  1.00 8.16  ? 173 PHE B N   1 
ATOM   1397 C CA  . PHE A 1 167 ? -0.334  1.676   -2.830  1.00 8.43  ? 173 PHE B CA  1 
ATOM   1398 C C   . PHE A 1 167 ? -1.558  2.404   -3.373  1.00 8.76  ? 173 PHE B C   1 
ATOM   1399 O O   . PHE A 1 167 ? -1.948  2.199   -4.517  1.00 9.49  ? 173 PHE B O   1 
ATOM   1400 C CB  . PHE A 1 167 ? 0.930   2.326   -3.444  1.00 9.21  ? 173 PHE B CB  1 
ATOM   1401 C CG  . PHE A 1 167 ? 2.209   1.571   -3.144  1.00 8.62  ? 173 PHE B CG  1 
ATOM   1402 C CD1 . PHE A 1 167 ? 2.581   0.493   -3.939  1.00 8.65  ? 173 PHE B CD1 1 
ATOM   1403 C CD2 . PHE A 1 167 ? 3.043   1.947   -2.109  1.00 9.94  ? 173 PHE B CD2 1 
ATOM   1404 C CE1 . PHE A 1 167 ? 3.723   -0.243  -3.656  1.00 9.09  ? 173 PHE B CE1 1 
ATOM   1405 C CE2 . PHE A 1 167 ? 4.188   1.207   -1.833  1.00 10.51 ? 173 PHE B CE2 1 
ATOM   1406 C CZ  . PHE A 1 167 ? 4.545   0.158   -2.634  1.00 10.04 ? 173 PHE B CZ  1 
ATOM   1407 N N   . ASN A 1 168 ? -2.038  3.380   -2.598  1.00 9.22  ? 174 ASN B N   1 
ATOM   1408 C CA  . ASN A 1 168 ? -3.032  4.380   -3.070  1.00 9.04  ? 174 ASN B CA  1 
ATOM   1409 C C   . ASN A 1 168 ? -2.554  5.721   -2.556  1.00 9.16  ? 174 ASN B C   1 
ATOM   1410 O O   . ASN A 1 168 ? -2.478  5.929   -1.343  1.00 9.52  ? 174 ASN B O   1 
ATOM   1411 C CB  . ASN A 1 168 ? -4.423  4.065   -2.548  1.00 9.78  ? 174 ASN B CB  1 
ATOM   1412 C CG  . ASN A 1 168 ? -5.490  4.954   -3.144  1.00 11.28 ? 174 ASN B CG  1 
ATOM   1413 O OD1 . ASN A 1 168 ? -5.238  5.898   -3.889  1.00 11.86 ? 174 ASN B OD1 1 
ATOM   1414 N ND2 . ASN A 1 168 ? -6.738  4.664   -2.817  1.00 13.51 ? 174 ASN B ND2 1 
ATOM   1415 N N   . VAL A 1 169 ? -2.238  6.624   -3.496  1.00 9.47  ? 175 VAL B N   1 
ATOM   1416 C CA  . VAL A 1 169 ? -1.799  7.981   -3.083  1.00 10.10 ? 175 VAL B CA  1 
ATOM   1417 C C   . VAL A 1 169 ? -2.972  8.832   -2.599  1.00 10.45 ? 175 VAL B C   1 
ATOM   1418 O O   . VAL A 1 169 ? -2.712  9.951   -2.060  1.00 11.88 ? 175 VAL B O   1 
ATOM   1419 C CB  . VAL A 1 169 ? -1.019  8.717   -4.190  1.00 10.92 ? 175 VAL B CB  1 
ATOM   1420 C CG1 . VAL A 1 169 ? 0.252   8.004   -4.545  1.00 11.76 ? 175 VAL B CG1 1 
ATOM   1421 C CG2 . VAL A 1 169 ? -1.846  8.978   -5.438  1.00 10.87 ? 175 VAL B CG2 1 
ATOM   1422 N N   . GLY A 1 170 ? -4.203  8.406   -2.861  1.00 10.78 ? 176 GLY B N   1 
ATOM   1423 C CA  . GLY A 1 170 ? -5.419  9.219   -2.580  1.00 11.08 ? 176 GLY B CA  1 
ATOM   1424 C C   . GLY A 1 170 ? -5.641  10.369  -3.550  1.00 11.60 ? 176 GLY B C   1 
ATOM   1425 O O   . GLY A 1 170 ? -4.817  10.748  -4.349  1.00 11.70 ? 176 GLY B O   1 
ATOM   1426 N N   . PHE A 1 171 ? -6.916  10.770  -3.624  1.00 12.17 ? 177 PHE B N   1 
ATOM   1427 C CA  . PHE A 1 171 ? -7.347  11.981  -4.353  1.00 11.62 ? 177 PHE B CA  1 
ATOM   1428 C C   . PHE A 1 171 ? -6.797  13.231  -3.675  1.00 11.42 ? 177 PHE B C   1 
ATOM   1429 O O   . PHE A 1 171 ? -6.342  13.177  -2.523  1.00 11.38 ? 177 PHE B O   1 
ATOM   1430 C CB  . PHE A 1 171 ? -8.879  12.017  -4.531  1.00 12.39 ? 177 PHE B CB  1 
ATOM   1431 C CG  . PHE A 1 171 ? -9.449  10.942  -5.420  1.00 13.88 ? 177 PHE B CG  1 
ATOM   1432 C CD1 . PHE A 1 171 ? -9.378  11.071  -6.791  1.00 16.49 ? 177 PHE B CD1 1 
ATOM   1433 C CD2 . PHE A 1 171 ? -10.027 9.818   -4.884  1.00 14.45 ? 177 PHE B CD2 1 
ATOM   1434 C CE1 . PHE A 1 171 ? -9.890  10.068  -7.621  1.00 18.54 ? 177 PHE B CE1 1 
ATOM   1435 C CE2 . PHE A 1 171 ? -10.561 8.842   -5.727  1.00 15.64 ? 177 PHE B CE2 1 
ATOM   1436 C CZ  . PHE A 1 171 ? -10.493 8.977   -7.066  1.00 17.63 ? 177 PHE B CZ  1 
ATOM   1437 N N   . ASN A 1 172 ? -6.874  14.314  -4.404  1.00 11.90 ? 178 ASN B N   1 
ATOM   1438 C CA  . ASN A 1 172 ? -6.405  15.608  -3.866  1.00 10.87 ? 178 ASN B CA  1 
ATOM   1439 C C   . ASN A 1 172 ? -7.536  16.622  -4.118  1.00 11.25 ? 178 ASN B C   1 
ATOM   1440 O O   . ASN A 1 172 ? -7.251  17.711  -4.652  1.00 12.58 ? 178 ASN B O   1 
ATOM   1441 C CB  . ASN A 1 172 ? -5.087  15.997  -4.485  1.00 11.74 ? 178 ASN B CB  1 
ATOM   1442 C CG  . ASN A 1 172 ? -4.499  17.229  -3.844  1.00 11.50 ? 178 ASN B CG  1 
ATOM   1443 O OD1 . ASN A 1 172 ? -4.738  17.538  -2.701  1.00 11.32 ? 178 ASN B OD1 1 
ATOM   1444 N ND2 . ASN A 1 172 ? -3.749  17.955  -4.643  1.00 13.79 ? 178 ASN B ND2 1 
ATOM   1445 N N   . TYR A 1 173 ? -8.759  16.337  -3.707  1.00 12.06 ? 179 TYR B N   1 
ATOM   1446 C CA  . TYR A 1 173 ? -9.845  17.355  -3.790  1.00 11.22 ? 179 TYR B CA  1 
ATOM   1447 C C   . TYR A 1 173 ? -9.532  18.543  -2.886  1.00 11.88 ? 179 TYR B C   1 
ATOM   1448 O O   . TYR A 1 173 ? -9.971  19.701  -3.217  1.00 11.97 ? 179 TYR B O   1 
ATOM   1449 C CB  . TYR A 1 173 ? -11.199 16.730  -3.377  1.00 12.35 ? 179 TYR B CB  1 
ATOM   1450 C CG  . TYR A 1 173 ? -11.723 15.626  -4.273  1.00 14.19 ? 179 TYR B CG  1 
ATOM   1451 C CD1 . TYR A 1 173 ? -12.297 15.914  -5.501  1.00 15.63 ? 179 TYR B CD1 1 
ATOM   1452 C CD2 . TYR A 1 173 ? -11.684 14.298  -3.852  1.00 15.64 ? 179 TYR B CD2 1 
ATOM   1453 C CE1 . TYR A 1 173 ? -12.699 14.889  -6.357  1.00 16.49 ? 179 TYR B CE1 1 
ATOM   1454 C CE2 . TYR A 1 173 ? -12.119 13.273  -4.710  1.00 15.35 ? 179 TYR B CE2 1 
ATOM   1455 C CZ  . TYR A 1 173 ? -12.614 13.579  -5.945  1.00 16.38 ? 179 TYR B CZ  1 
ATOM   1456 O OH  . TYR A 1 173 ? -13.108 12.607  -6.820  1.00 21.40 ? 179 TYR B OH  1 
ATOM   1457 N N   . SER A 1 174 ? -8.845  18.386  -1.768  1.00 10.40 ? 180 SER B N   1 
ATOM   1458 C CA  . SER A 1 174 ? -8.641  19.424  -0.743  1.00 11.71 ? 180 SER B CA  1 
ATOM   1459 C C   . SER A 1 174 ? -7.493  20.350  -1.143  1.00 11.39 ? 180 SER B C   1 
ATOM   1460 O O   . SER A 1 174 ? -7.339  21.428  -0.526  1.00 13.92 ? 180 SER B O   1 
ATOM   1461 C CB  . SER A 1 174 ? -8.298  18.837  0.584   1.00 12.19 ? 180 SER B CB  1 
ATOM   1462 O OG  . SER A 1 174 ? -7.044  18.135  0.457   1.00 12.24 ? 180 SER B OG  1 
ATOM   1463 N N   . GLY A 1 175 ? -6.612  19.965  -2.050  1.00 10.22 ? 181 GLY B N   1 
ATOM   1464 C CA  . GLY A 1 175 ? -5.360  20.701  -2.257  1.00 10.93 ? 181 GLY B CA  1 
ATOM   1465 C C   . GLY A 1 175 ? -4.324  20.469  -1.192  1.00 11.49 ? 181 GLY B C   1 
ATOM   1466 O O   . GLY A 1 175 ? -3.227  21.058  -1.285  1.00 14.18 ? 181 GLY B O   1 
ATOM   1467 N N   . GLY A 1 176 ? -4.576  19.602  -0.215  1.00 10.74 ? 182 GLY B N   1 
ATOM   1468 C CA  . GLY A 1 176 ? -3.616  19.322  0.867   1.00 11.44 ? 182 GLY B CA  1 
ATOM   1469 C C   . GLY A 1 176 ? -3.030  17.902  0.764   1.00 11.29 ? 182 GLY B C   1 
ATOM   1470 O O   . GLY A 1 176 ? -2.302  17.533  1.705   1.00 13.08 ? 182 GLY B O   1 
ATOM   1471 N N   . ASN A 1 177 ? -3.297  17.154  -0.273  1.00 10.02 ? 183 ASN B N   1 
ATOM   1472 C CA  . ASN A 1 177 ? -2.865  15.749  -0.385  1.00 9.78  ? 183 ASN B CA  1 
ATOM   1473 C C   . ASN A 1 177 ? -2.004  15.499  -1.629  1.00 10.00 ? 183 ASN B C   1 
ATOM   1474 O O   . ASN A 1 177 ? -1.935  14.362  -2.078  1.00 11.72 ? 183 ASN B O   1 
ATOM   1475 C CB  . ASN A 1 177 ? -4.051  14.787  -0.348  1.00 10.02 ? 183 ASN B CB  1 
ATOM   1476 C CG  . ASN A 1 177 ? -3.603  13.348  -0.027  1.00 10.16 ? 183 ASN B CG  1 
ATOM   1477 O OD1 . ASN A 1 177 ? -2.694  13.195  0.771   1.00 11.09 ? 183 ASN B OD1 1 
ATOM   1478 N ND2 . ASN A 1 177 ? -4.245  12.389  -0.683  1.00 9.57  ? 183 ASN B ND2 1 
ATOM   1479 N N   . ALA A 1 178 ? -1.265  16.487  -2.120  1.00 11.30 ? 184 ALA B N   1 
ATOM   1480 C CA  . ALA A 1 178 ? -0.456  16.315  -3.343  1.00 11.61 ? 184 ALA B CA  1 
ATOM   1481 C C   . ALA A 1 178 ? 0.842   15.557  -3.077  1.00 12.60 ? 184 ALA B C   1 
ATOM   1482 O O   . ALA A 1 178 ? 1.407   15.049  -4.057  1.00 13.59 ? 184 ALA B O   1 
ATOM   1483 C CB  . ALA A 1 178 ? -0.128  17.716  -3.953  1.00 12.29 ? 184 ALA B CB  1 
ATOM   1484 N N   . ALA A 1 179 ? 1.289   15.472  -1.840  1.00 11.35 ? 185 ALA B N   1 
ATOM   1485 C CA  . ALA A 1 179 ? 2.632   14.889  -1.575  1.00 11.92 ? 185 ALA B CA  1 
ATOM   1486 C C   . ALA A 1 179 ? 2.692   13.426  -2.040  1.00 11.90 ? 185 ALA B C   1 
ATOM   1487 O O   . ALA A 1 179 ? 1.696   12.674  -2.038  1.00 11.06 ? 185 ALA B O   1 
ATOM   1488 C CB  . ALA A 1 179 ? 2.994   14.997  -0.145  1.00 11.77 ? 185 ALA B CB  1 
ATOM   1489 N N   . PRO A 1 180 ? 3.879   12.955  -2.448  1.00 12.17 ? 186 PRO B N   1 
ATOM   1490 C CA  . PRO A 1 180 ? 4.056   11.556  -2.875  1.00 11.52 ? 186 PRO B CA  1 
ATOM   1491 C C   . PRO A 1 180 ? 4.063   10.503  -1.738  1.00 10.75 ? 186 PRO B C   1 
ATOM   1492 O O   . PRO A 1 180 ? 4.327   10.837  -0.622  1.00 12.07 ? 186 PRO B O   1 
ATOM   1493 C CB  . PRO A 1 180 ? 5.445   11.595  -3.545  1.00 13.44 ? 186 PRO B CB  1 
ATOM   1494 C CG  . PRO A 1 180 ? 6.170   12.636  -2.770  1.00 15.54 ? 186 PRO B CG  1 
ATOM   1495 C CD  . PRO A 1 180 ? 5.128   13.729  -2.582  1.00 14.07 ? 186 PRO B CD  1 
ATOM   1496 N N   . LEU A 1 181 ? 3.838   9.257   -2.157  1.00 10.88 ? 187 LEU B N   1 
ATOM   1497 C CA  . LEU A 1 181 ? 4.331   8.086   -1.394  1.00 10.63 ? 187 LEU B CA  1 
ATOM   1498 C C   . LEU A 1 181 ? 5.741   7.786   -1.877  1.00 10.89 ? 187 LEU B C   1 
ATOM   1499 O O   . LEU A 1 181 ? 5.964   7.788   -3.118  1.00 13.52 ? 187 LEU B O   1 
ATOM   1500 C CB  . LEU A 1 181 ? 3.413   6.909   -1.641  1.00 10.68 ? 187 LEU B CB  1 
ATOM   1501 C CG  . LEU A 1 181 ? 2.001   7.031   -1.085  1.00 11.13 ? 187 LEU B CG  1 
ATOM   1502 C CD1 . LEU A 1 181 ? 1.130   5.853   -1.513  1.00 12.19 ? 187 LEU B CD1 1 
ATOM   1503 C CD2 . LEU A 1 181 ? 1.961   7.157   0.442   1.00 12.09 ? 187 LEU B CD2 1 
ATOM   1504 N N   . LYS A 1 182 ? 6.656   7.546   -0.952  1.00 10.77 ? 188 LYS B N   1 
ATOM   1505 C CA  . LYS A 1 182 ? 8.053   7.249   -1.328  1.00 11.92 ? 188 LYS B CA  1 
ATOM   1506 C C   . LYS A 1 182 ? 8.485   5.935   -0.675  1.00 11.59 ? 188 LYS B C   1 
ATOM   1507 O O   . LYS A 1 182 ? 8.384   5.791   0.574   1.00 12.45 ? 188 LYS B O   1 
ATOM   1508 C CB  . LYS A 1 182 ? 9.021   8.359   -0.924  1.00 14.31 ? 188 LYS B CB  1 
ATOM   1509 C CG  . LYS A 1 182 ? 8.669   9.738   -1.411  1.00 17.21 ? 188 LYS B CG  1 
ATOM   1510 C CD  . LYS A 1 182 ? 9.787   10.742  -1.105  1.00 21.84 ? 188 LYS B CD  1 
ATOM   1511 C CE  . LYS A 1 182 ? 9.382   12.191  -1.245  1.00 25.54 ? 188 LYS B CE  1 
ATOM   1512 N NZ  . LYS A 1 182 ? 10.440  13.070  -0.685  1.00 30.82 ? 188 LYS B NZ  1 
ATOM   1513 N N   . LEU A 1 183 ? 9.087   5.031   -1.410  1.00 11.34 ? 189 LEU B N   1 
ATOM   1514 C CA  . LEU A 1 183 ? 9.750   3.833   -0.825  1.00 11.37 ? 189 LEU B CA  1 
ATOM   1515 C C   . LEU A 1 183 ? 11.079  4.270   -0.226  1.00 13.62 ? 189 LEU B C   1 
ATOM   1516 O O   . LEU A 1 183 ? 11.920  4.845   -0.974  1.00 16.48 ? 189 LEU B O   1 
ATOM   1517 C CB  . LEU A 1 183 ? 9.886   2.766   -1.906  1.00 12.67 ? 189 LEU B CB  1 
ATOM   1518 C CG  . LEU A 1 183 ? 8.559   2.061   -2.201  1.00 13.50 ? 189 LEU B CG  1 
ATOM   1519 C CD1 . LEU A 1 183 ? 8.456   1.490   -3.622  1.00 16.78 ? 189 LEU B CD1 1 
ATOM   1520 C CD2 . LEU A 1 183 ? 8.253   0.997   -1.122  1.00 11.99 ? 189 LEU B CD2 1 
ATOM   1521 N N   . CYS A 1 184 ? 11.240  4.045   1.054   1.00 14.82 ? 190 CYS B N   1 
ATOM   1522 C CA  . CYS A 1 184 ? 12.426  4.514   1.834   1.00 17.40 ? 190 CYS B CA  1 
ATOM   1523 C C   . CYS A 1 184 ? 13.588  3.559   1.670   1.00 19.14 ? 190 CYS B C   1 
ATOM   1524 O O   . CYS A 1 184 ? 13.415  2.350   1.615   1.00 20.86 ? 190 CYS B O   1 
ATOM   1525 C CB  . CYS A 1 184 ? 12.211  4.424   3.336   1.00 19.88 ? 190 CYS B CB  1 
ATOM   1526 S SG  . CYS A 1 184 ? 10.697  5.168   3.921   1.00 20.30 ? 190 CYS B SG  1 
ATOM   1527 N N   . PRO A 1 185 ? 14.828  4.086   1.631   1.00 25.45 ? 191 PRO B N   1 
ATOM   1528 C CA  . PRO A 1 185 ? 16.006  3.256   1.464   1.00 30.43 ? 191 PRO B CA  1 
ATOM   1529 C C   . PRO A 1 185 ? 16.134  2.348   2.688   1.00 28.70 ? 191 PRO B C   1 
ATOM   1530 O O   . PRO A 1 185 ? 15.741  2.758   3.790   1.00 31.89 ? 191 PRO B O   1 
ATOM   1531 C CB  . PRO A 1 185 ? 17.150  4.286   1.307   1.00 28.62 ? 191 PRO B CB  1 
ATOM   1532 C CG  . PRO A 1 185 ? 16.639  5.522   1.976   1.00 30.13 ? 191 PRO B CG  1 
ATOM   1533 C CD  . PRO A 1 185 ? 15.154  5.523   1.676   1.00 26.98 ? 191 PRO B CD  1 
ATOM   1534 N N   . LEU A 1 186 ? 16.658  1.148   2.420   1.00 35.51 ? 192 LEU B N   1 
ATOM   1535 C CA  . LEU A 1 186 ? 17.223  0.129   3.347   1.00 37.40 ? 192 LEU B CA  1 
ATOM   1536 C C   . LEU A 1 186 ? 18.308  0.752   4.229   1.00 43.70 ? 192 LEU B C   1 
ATOM   1537 O O   . LEU A 1 186 ? 18.638  0.155   5.272   1.00 48.64 ? 192 LEU B O   1 
ATOM   1538 C CB  . LEU A 1 186 ? 17.821  -0.989  2.486   1.00 37.54 ? 192 LEU B CB  1 
HETATM 1539 N N1  . TV9 B 2 .   ? -7.891  14.890  -7.092  0.38 12.23 ? 201 TV9 B N1  1 
HETATM 1540 C C4  . TV9 B 2 .   ? -1.642  17.407  -7.881  0.38 13.52 ? 201 TV9 B C4  1 
HETATM 1541 C C5  . TV9 B 2 .   ? -2.071  16.280  -7.037  0.38 13.43 ? 201 TV9 B C5  1 
HETATM 1542 C C6  . TV9 B 2 .   ? -7.204  16.422  -8.803  0.38 13.33 ? 201 TV9 B C6  1 
HETATM 1543 C C7  . TV9 B 2 .   ? -8.482  16.969  -8.798  0.38 13.46 ? 201 TV9 B C7  1 
HETATM 1544 C C8  . TV9 B 2 .   ? -9.435  16.493  -7.953  0.38 12.68 ? 201 TV9 B C8  1 
HETATM 1545 C C10 . TV9 B 2 .   ? -6.954  15.391  -7.919  0.38 12.96 ? 201 TV9 B C10 1 
HETATM 1546 N N   . TV9 B 2 .   ? -4.787  16.508  -9.521  0.38 13.49 ? 201 TV9 B N   1 
HETATM 1547 C C   . TV9 B 2 .   ? -6.514  17.050  -11.201 0.38 14.67 ? 201 TV9 B C   1 
HETATM 1548 O O   . TV9 B 2 .   ? -4.558  17.662  -7.613  0.38 13.43 ? 201 TV9 B O   1 
HETATM 1549 C C1  . TV9 B 2 .   ? -6.156  16.942  -9.744  0.38 13.76 ? 201 TV9 B C1  1 
HETATM 1550 C C2  . TV9 B 2 .   ? -4.083  16.914  -8.463  0.38 13.25 ? 201 TV9 B C2  1 
HETATM 1551 C C3  . TV9 B 2 .   ? -2.683  16.450  -8.401  0.38 13.57 ? 201 TV9 B C3  1 
HETATM 1552 C C9  . TV9 B 2 .   ? -9.101  15.460  -7.118  0.38 12.69 ? 201 TV9 B C9  1 
HETATM 1553 C C1  . EDO C 3 .   ? -20.107 3.520   -14.150 1.00 35.30 ? 202 EDO B C1  1 
HETATM 1554 O O1  . EDO C 3 .   ? -18.716 3.365   -13.919 1.00 27.97 ? 202 EDO B O1  1 
HETATM 1555 C C2  . EDO C 3 .   ? -20.748 4.325   -13.103 1.00 35.00 ? 202 EDO B C2  1 
HETATM 1556 O O2  . EDO C 3 .   ? -20.172 5.610   -13.046 1.00 44.08 ? 202 EDO B O2  1 
HETATM 1557 S S   . SO4 D 4 .   ? -17.464 -4.571  -2.605  1.00 34.74 ? 203 SO4 B S   1 
HETATM 1558 O O1  . SO4 D 4 .   ? -16.257 -4.571  -3.382  1.00 22.72 ? 203 SO4 B O1  1 
HETATM 1559 O O2  . SO4 D 4 .   ? -18.556 -4.989  -3.439  1.00 42.70 ? 203 SO4 B O2  1 
HETATM 1560 O O3  . SO4 D 4 .   ? -17.313 -5.520  -1.511  1.00 42.02 ? 203 SO4 B O3  1 
HETATM 1561 O O4  . SO4 D 4 .   ? -17.737 -3.256  -2.054  1.00 39.19 ? 203 SO4 B O4  1 
HETATM 1562 O O   . HOH E 5 .   ? -3.740  15.828  -19.481 1.00 22.98 ? 301 HOH B O   1 
HETATM 1563 O O   . HOH E 5 .   ? 5.424   17.412  -0.489  1.00 47.08 ? 302 HOH B O   1 
HETATM 1564 O O   . HOH E 5 .   ? -11.342 7.251   8.467   1.00 29.58 ? 303 HOH B O   1 
HETATM 1565 O O   . HOH E 5 .   ? -9.056  -15.455 1.066   1.00 18.21 ? 304 HOH B O   1 
HETATM 1566 O O   . HOH E 5 .   ? 9.566   9.274   11.070  1.00 24.71 ? 305 HOH B O   1 
HETATM 1567 O O   . HOH E 5 .   ? -3.663  19.160  5.704   1.00 33.93 ? 306 HOH B O   1 
HETATM 1568 O O   . HOH E 5 .   ? 1.842   -18.293 -5.594  1.00 14.95 ? 307 HOH B O   1 
HETATM 1569 O O   . HOH E 5 .   ? -1.086  18.520  3.766   1.00 30.29 ? 308 HOH B O   1 
HETATM 1570 O O   . HOH E 5 .   ? 11.429  4.536   -14.795 1.00 30.54 ? 309 HOH B O   1 
HETATM 1571 O O   . HOH E 5 .   ? 4.733   -20.635 0.188   1.00 14.10 ? 310 HOH B O   1 
HETATM 1572 O O   . HOH E 5 .   ? -9.091  -16.171 7.852   1.00 30.17 ? 311 HOH B O   1 
HETATM 1573 O O   . HOH E 5 .   ? -4.694  -15.226 14.949  1.00 25.29 ? 312 HOH B O   1 
HETATM 1574 O O   . HOH E 5 .   ? 13.042  1.220   10.759  1.00 27.44 ? 313 HOH B O   1 
HETATM 1575 O O   . HOH E 5 .   ? 6.004   -14.101 11.559  1.00 23.79 ? 314 HOH B O   1 
HETATM 1576 O O   . HOH E 5 .   ? -12.973 -2.795  4.261   1.00 22.66 ? 315 HOH B O   1 
HETATM 1577 O O   . HOH E 5 .   ? -7.142  22.201  2.005   1.00 25.06 ? 316 HOH B O   1 
HETATM 1578 O O   . HOH E 5 .   ? -10.035 0.864   -18.392 1.00 22.63 ? 317 HOH B O   1 
HETATM 1579 O O   . HOH E 5 .   ? 7.506   8.597   19.731  1.00 41.57 ? 318 HOH B O   1 
HETATM 1580 O O   . HOH E 5 .   ? -9.120  17.220  13.170  1.00 49.89 ? 319 HOH B O   1 
HETATM 1581 O O   . HOH E 5 .   ? 0.211   9.476   8.628   1.00 13.52 ? 320 HOH B O   1 
HETATM 1582 O O   . HOH E 5 .   ? 1.112   15.597  -6.663  1.00 20.11 ? 321 HOH B O   1 
HETATM 1583 O O   . HOH E 5 .   ? -8.893  -5.855  -15.827 1.00 23.81 ? 322 HOH B O   1 
HETATM 1584 O O   . HOH E 5 .   ? -4.310  -14.927 -7.666  1.00 23.20 ? 323 HOH B O   1 
HETATM 1585 O O   . HOH E 5 .   ? 4.089   -9.748  12.763  1.00 23.83 ? 324 HOH B O   1 
HETATM 1586 O O   . HOH E 5 .   ? -15.585 -6.599  1.263   1.00 33.07 ? 325 HOH B O   1 
HETATM 1587 O O   . HOH E 5 .   ? -7.774  -8.906  10.891  1.00 15.18 ? 326 HOH B O   1 
HETATM 1588 O O   . HOH E 5 .   ? -10.300 -5.009  -6.580  1.00 25.97 ? 327 HOH B O   1 
HETATM 1589 O O   . HOH E 5 .   ? -13.574 6.966   -7.733  1.00 31.55 ? 328 HOH B O   1 
HETATM 1590 O O   . HOH E 5 .   ? -17.758 2.394   -11.578 1.00 19.21 ? 329 HOH B O   1 
HETATM 1591 O O   . HOH E 5 .   ? -6.529  13.164  7.127   1.00 14.87 ? 330 HOH B O   1 
HETATM 1592 O O   . HOH E 5 .   ? 1.762   -8.882  15.819  1.00 15.83 ? 331 HOH B O   1 
HETATM 1593 O O   . HOH E 5 .   ? 11.950  -1.196  -0.510  1.00 15.80 ? 332 HOH B O   1 
HETATM 1594 O O   . HOH E 5 .   ? -9.968  -10.375 -10.816 1.00 33.08 ? 333 HOH B O   1 
HETATM 1595 O O   . HOH E 5 .   ? -7.590  -4.655  3.507   1.00 10.37 ? 334 HOH B O   1 
HETATM 1596 O O   . HOH E 5 .   ? 2.488   8.598   -24.922 1.00 28.67 ? 335 HOH B O   1 
HETATM 1597 O O   . HOH E 5 .   ? -16.447 -0.826  12.212  1.00 39.10 ? 336 HOH B O   1 
HETATM 1598 O O   . HOH E 5 .   ? 11.320  0.589   1.570   1.00 13.88 ? 337 HOH B O   1 
HETATM 1599 O O   . HOH E 5 .   ? 10.465  11.787  8.863   1.00 33.59 ? 338 HOH B O   1 
HETATM 1600 O O   . HOH E 5 .   ? 10.775  -18.569 1.309   1.00 45.12 ? 339 HOH B O   1 
HETATM 1601 O O   . HOH E 5 .   ? -2.853  12.758  -4.101  1.00 15.32 ? 340 HOH B O   1 
HETATM 1602 O O   . HOH E 5 .   ? 11.852  3.538   14.295  1.00 28.81 ? 341 HOH B O   1 
HETATM 1603 O O   . HOH E 5 .   ? -1.726  -16.463 11.078  1.00 16.69 ? 342 HOH B O   1 
HETATM 1604 O O   . HOH E 5 .   ? -8.452  16.028  3.906   1.00 19.35 ? 343 HOH B O   1 
HETATM 1605 O O   . HOH E 5 .   ? -13.214 -7.453  -5.934  1.00 32.04 ? 344 HOH B O   1 
HETATM 1606 O O   . HOH E 5 .   ? -10.591 -8.265  -6.113  1.00 17.17 ? 345 HOH B O   1 
HETATM 1607 O O   . HOH E 5 .   ? -17.317 12.348  6.760   1.00 18.47 ? 346 HOH B O   1 
HETATM 1608 O O   . HOH E 5 .   ? -14.810 10.120  8.556   1.00 19.33 ? 347 HOH B O   1 
HETATM 1609 O O   . HOH E 5 .   ? -6.855  -8.438  -12.231 1.00 28.50 ? 348 HOH B O   1 
HETATM 1610 O O   . HOH E 5 .   ? -8.504  -12.850 -6.928  1.00 18.21 ? 349 HOH B O   1 
HETATM 1611 O O   . HOH E 5 .   ? -10.773 0.742   -10.153 1.00 13.11 ? 350 HOH B O   1 
HETATM 1612 O O   . HOH E 5 .   ? -5.511  -0.687  17.665  1.00 15.64 ? 351 HOH B O   1 
HETATM 1613 O O   . HOH E 5 .   ? 7.801   -17.677 6.129   1.00 27.85 ? 352 HOH B O   1 
HETATM 1614 O O   . HOH E 5 .   ? 14.030  -13.056 4.321   1.00 29.66 ? 353 HOH B O   1 
HETATM 1615 O O   . HOH E 5 .   ? 13.659  8.066   -4.549  1.00 24.21 ? 354 HOH B O   1 
HETATM 1616 O O   . HOH E 5 .   ? -9.623  3.503   -0.335  1.00 31.61 ? 355 HOH B O   1 
HETATM 1617 O O   . HOH E 5 .   ? -3.716  -18.358 7.554   1.00 20.48 ? 356 HOH B O   1 
HETATM 1618 O O   . HOH E 5 .   ? -15.528 5.143   -8.146  1.00 33.51 ? 357 HOH B O   1 
HETATM 1619 O O   . HOH E 5 .   ? -7.632  14.739  -17.804 0.50 27.83 ? 358 HOH B O   1 
HETATM 1620 O O   . HOH E 5 .   ? -7.138  -1.806  15.871  1.00 15.53 ? 359 HOH B O   1 
HETATM 1621 O O   . HOH E 5 .   ? 8.874   13.656  7.650   1.00 24.62 ? 360 HOH B O   1 
HETATM 1622 O O   . HOH E 5 .   ? 15.219  1.810   -8.072  1.00 31.04 ? 361 HOH B O   1 
HETATM 1623 O O   . HOH E 5 .   ? 12.333  7.187   -2.445  1.00 27.24 ? 362 HOH B O   1 
HETATM 1624 O O   . HOH E 5 .   ? 0.204   6.683   -14.864 1.00 17.72 ? 363 HOH B O   1 
HETATM 1625 O O   . HOH E 5 .   ? 6.743   -18.290 10.114  1.00 25.96 ? 364 HOH B O   1 
HETATM 1626 O O   . HOH E 5 .   ? 11.417  6.415   16.617  1.00 39.55 ? 365 HOH B O   1 
HETATM 1627 O O   . HOH E 5 .   ? 1.642   -0.652  19.682  1.00 14.49 ? 366 HOH B O   1 
HETATM 1628 O O   . HOH E 5 .   ? -8.868  10.014  -17.066 1.00 23.02 ? 367 HOH B O   1 
HETATM 1629 O O   . HOH E 5 .   ? -7.994  2.449   -16.659 1.00 25.32 ? 368 HOH B O   1 
HETATM 1630 O O   . HOH E 5 .   ? -3.510  0.713   16.309  1.00 15.14 ? 369 HOH B O   1 
HETATM 1631 O O   . HOH E 5 .   ? 3.886   -17.931 -7.588  1.00 24.16 ? 370 HOH B O   1 
HETATM 1632 O O   . HOH E 5 .   ? 8.607   -18.460 -4.007  1.00 32.18 ? 371 HOH B O   1 
HETATM 1633 O O   . HOH E 5 .   ? 5.413   12.805  1.084   1.00 21.88 ? 372 HOH B O   1 
HETATM 1634 O O   . HOH E 5 .   ? 0.196   10.859  6.227   1.00 11.46 ? 373 HOH B O   1 
HETATM 1635 O O   . HOH E 5 .   ? -0.984  4.735   19.906  1.00 27.71 ? 374 HOH B O   1 
HETATM 1636 O O   . HOH E 5 .   ? -12.669 10.165  10.395  1.00 26.36 ? 375 HOH B O   1 
HETATM 1637 O O   . HOH E 5 .   ? 9.495   -19.744 3.034   1.00 34.53 ? 376 HOH B O   1 
HETATM 1638 O O   . HOH E 5 .   ? -11.844 19.351  -5.323  1.00 27.11 ? 377 HOH B O   1 
HETATM 1639 O O   . HOH E 5 .   ? -0.457  0.778   -21.416 1.00 21.97 ? 378 HOH B O   1 
HETATM 1640 O O   . HOH E 5 .   ? -2.196  14.859  7.443   1.00 40.79 ? 379 HOH B O   1 
HETATM 1641 O O   . HOH E 5 .   ? 6.185   -19.395 -6.719  1.00 22.32 ? 380 HOH B O   1 
HETATM 1642 O O   . HOH E 5 .   ? -18.247 -0.295  -10.495 1.00 20.30 ? 381 HOH B O   1 
HETATM 1643 O O   . HOH E 5 .   ? -6.045  4.588   -18.790 1.00 30.12 ? 382 HOH B O   1 
HETATM 1644 O O   . HOH E 5 .   ? 1.638   6.116   18.107  1.00 22.07 ? 383 HOH B O   1 
HETATM 1645 O O   . HOH E 5 .   ? 0.242   16.586  0.767   1.00 16.67 ? 384 HOH B O   1 
HETATM 1646 O O   . HOH E 5 .   ? 1.753   3.636   16.650  1.00 16.24 ? 385 HOH B O   1 
HETATM 1647 O O   . HOH E 5 .   ? -9.922  4.987   -20.491 1.00 15.65 ? 386 HOH B O   1 
HETATM 1648 O O   . HOH E 5 .   ? 8.339   -0.024  19.808  1.00 42.66 ? 387 HOH B O   1 
HETATM 1649 O O   . HOH E 5 .   ? -1.492  -16.139 -10.051 1.00 20.31 ? 388 HOH B O   1 
HETATM 1650 O O   . HOH E 5 .   ? -9.400  -13.447 2.464   1.00 30.44 ? 389 HOH B O   1 
HETATM 1651 O O   . HOH E 5 .   ? 6.797   10.721  -8.724  1.00 21.11 ? 390 HOH B O   1 
HETATM 1652 O O   . HOH E 5 .   ? -5.400  6.051   -20.993 1.00 18.69 ? 391 HOH B O   1 
HETATM 1653 O O   . HOH E 5 .   ? 2.936   -1.333  0.215   1.00 11.44 ? 392 HOH B O   1 
HETATM 1654 O O   . HOH E 5 .   ? 7.462   12.052  -6.422  1.00 20.29 ? 393 HOH B O   1 
HETATM 1655 O O   . HOH E 5 .   ? 1.493   4.383   -22.960 1.00 34.05 ? 394 HOH B O   1 
HETATM 1656 O O   . HOH E 5 .   ? 6.630   -20.211 -3.674  1.00 27.12 ? 395 HOH B O   1 
HETATM 1657 O O   . HOH E 5 .   ? 8.348   -15.475 -3.425  1.00 26.88 ? 396 HOH B O   1 
HETATM 1658 O O   . HOH E 5 .   ? -7.477  -13.388 4.744   1.00 15.81 ? 397 HOH B O   1 
HETATM 1659 O O   . HOH E 5 .   ? 2.702   3.297   -18.215 1.00 22.76 ? 398 HOH B O   1 
HETATM 1660 O O   . HOH E 5 .   ? 4.971   -15.409 -7.464  1.00 24.29 ? 399 HOH B O   1 
HETATM 1661 O O   . HOH E 5 .   ? -9.154  12.993  4.153   1.00 21.24 ? 400 HOH B O   1 
HETATM 1662 O O   . HOH E 5 .   ? -7.184  6.571   14.206  1.00 18.67 ? 401 HOH B O   1 
HETATM 1663 O O   . HOH E 5 .   ? 11.630  11.230  -12.203 1.00 29.42 ? 402 HOH B O   1 
HETATM 1664 O O   . HOH E 5 .   ? 4.070   -2.110  19.854  1.00 19.30 ? 403 HOH B O   1 
HETATM 1665 O O   . HOH E 5 .   ? 1.754   15.333  -18.009 1.00 26.83 ? 404 HOH B O   1 
HETATM 1666 O O   . HOH E 5 .   ? -6.011  3.616   -24.684 1.00 19.05 ? 405 HOH B O   1 
HETATM 1667 O O   . HOH E 5 .   ? -0.489  1.990   16.884  1.00 13.62 ? 406 HOH B O   1 
HETATM 1668 O O   . HOH E 5 .   ? 12.357  -15.164 3.813   1.00 24.08 ? 407 HOH B O   1 
HETATM 1669 O O   . HOH E 5 .   ? 15.406  -7.032  -2.515  1.00 27.54 ? 408 HOH B O   1 
HETATM 1670 O O   . HOH E 5 .   ? -3.004  12.380  10.804  1.00 26.50 ? 409 HOH B O   1 
HETATM 1671 O O   . HOH E 5 .   ? -9.256  6.245   -3.093  1.00 30.32 ? 410 HOH B O   1 
HETATM 1672 O O   . HOH E 5 .   ? 9.058   -10.768 -8.355  1.00 24.36 ? 411 HOH B O   1 
HETATM 1673 O O   . HOH E 5 .   ? -0.854  -6.317  -13.359 1.00 21.14 ? 412 HOH B O   1 
HETATM 1674 O O   . HOH E 5 .   ? -20.138 8.395   -11.867 1.00 42.88 ? 413 HOH B O   1 
HETATM 1675 O O   . HOH E 5 .   ? 6.651   -3.286  17.801  1.00 27.39 ? 414 HOH B O   1 
HETATM 1676 O O   . HOH E 5 .   ? -6.417  4.427   -15.400 1.00 21.99 ? 415 HOH B O   1 
HETATM 1677 O O   . HOH E 5 .   ? -2.601  20.780  -4.631  1.00 16.95 ? 416 HOH B O   1 
HETATM 1678 O O   . HOH E 5 .   ? -0.136  12.317  -4.528  1.00 15.20 ? 417 HOH B O   1 
HETATM 1679 O O   . HOH E 5 .   ? -8.706  10.191  -1.136  1.00 14.46 ? 418 HOH B O   1 
HETATM 1680 O O   . HOH E 5 .   ? 13.962  9.234   -9.738  1.00 27.91 ? 419 HOH B O   1 
HETATM 1681 O O   . HOH E 5 .   ? -4.568  12.028  12.941  1.00 42.63 ? 420 HOH B O   1 
HETATM 1682 O O   . HOH E 5 .   ? 15.029  5.042   -2.303  1.00 36.83 ? 421 HOH B O   1 
HETATM 1683 O O   . HOH E 5 .   ? -14.928 14.138  -9.081  1.00 40.80 ? 422 HOH B O   1 
HETATM 1684 O O   . HOH E 5 .   ? -4.447  -11.231 -16.926 1.00 32.79 ? 423 HOH B O   1 
HETATM 1685 O O   . HOH E 5 .   ? 11.314  0.920   13.264  1.00 26.00 ? 424 HOH B O   1 
HETATM 1686 O O   . HOH E 5 .   ? -10.179 4.304   -17.536 1.00 33.84 ? 425 HOH B O   1 
HETATM 1687 O O   . HOH E 5 .   ? -10.441 -10.944 -7.223  1.00 30.92 ? 426 HOH B O   1 
HETATM 1688 O O   . HOH E 5 .   ? 8.907   -22.477 2.878   1.00 29.41 ? 427 HOH B O   1 
HETATM 1689 O O   . HOH E 5 .   ? -4.551  13.687  9.021   1.00 30.30 ? 428 HOH B O   1 
HETATM 1690 O O   . HOH E 5 .   ? 16.946  6.042   -11.684 1.00 27.22 ? 429 HOH B O   1 
HETATM 1691 O O   . HOH E 5 .   ? -8.945  -13.010 7.005   1.00 32.55 ? 430 HOH B O   1 
HETATM 1692 O O   . HOH E 5 .   ? 2.926   6.104   -24.419 1.00 43.38 ? 431 HOH B O   1 
HETATM 1693 O O   . HOH E 5 .   ? -8.168  -0.268  -23.163 1.00 33.40 ? 432 HOH B O   1 
HETATM 1694 O O   . HOH E 5 .   ? 8.104   -2.840  -13.410 1.00 34.02 ? 433 HOH B O   1 
HETATM 1695 O O   . HOH E 5 .   ? 1.156   18.712  -7.072  1.00 25.95 ? 434 HOH B O   1 
HETATM 1696 O O   . HOH E 5 .   ? 13.209  8.795   -0.464  1.00 34.41 ? 435 HOH B O   1 
HETATM 1697 O O   . HOH E 5 .   ? 2.571   -11.279 14.686  1.00 26.23 ? 436 HOH B O   1 
HETATM 1698 O O   . HOH E 5 .   ? -10.383 -9.548  10.463  1.00 20.56 ? 437 HOH B O   1 
HETATM 1699 O O   . HOH E 5 .   ? -10.599 -5.669  -17.714 1.00 33.19 ? 438 HOH B O   1 
HETATM 1700 O O   . HOH E 5 .   ? -10.457 -16.076 5.565   1.00 25.20 ? 439 HOH B O   1 
HETATM 1701 O O   . HOH E 5 .   ? -0.181  -15.735 13.517  1.00 27.90 ? 440 HOH B O   1 
HETATM 1702 O O   . HOH E 5 .   ? -11.942 6.515   -2.965  1.00 30.18 ? 441 HOH B O   1 
# 
